data_2RCI
# 
_entry.id   2RCI 
# 
_audit_conform.dict_name       mmcif_pdbx.dic 
_audit_conform.dict_version    5.377 
_audit_conform.dict_location   http://mmcif.pdb.org/dictionaries/ascii/mmcif_pdbx.dic 
# 
loop_
_database_2.database_id 
_database_2.database_code 
_database_2.pdbx_database_accession 
_database_2.pdbx_DOI 
PDB   2RCI         pdb_00002rci 10.2210/pdb2rci/pdb 
RCSB  RCSB044695   ?            ?                   
WWPDB D_1000044695 ?            ?                   
# 
_pdbx_database_related.db_name        TargetDB 
_pdbx_database_related.db_id          W00628 
_pdbx_database_related.details        . 
_pdbx_database_related.content_type   unspecified 
# 
_pdbx_database_status.status_code                     REL 
_pdbx_database_status.entry_id                        2RCI 
_pdbx_database_status.recvd_initial_deposition_date   2007-09-20 
_pdbx_database_status.deposit_site                    RCSB 
_pdbx_database_status.process_site                    RCSB 
_pdbx_database_status.status_code_sf                  REL 
_pdbx_database_status.status_code_mr                  ? 
_pdbx_database_status.SG_entry                        Y 
_pdbx_database_status.pdb_format_compatible           Y 
_pdbx_database_status.status_code_cs                  ? 
_pdbx_database_status.status_code_nmr_data            ? 
_pdbx_database_status.methods_development_category    ? 
# 
loop_
_audit_author.name 
_audit_author.pdbx_ordinal 
'Dym, O.'                                    1 
'Israel Structural Proteomics Center (ISPC)' 2 
# 
_citation.id                        primary 
_citation.title                     
'High-resolution crystal structure of activated Cyt2Ba monomer from Bacillus thuringiensis subsp. israelensis.' 
_citation.journal_abbrev            J.Mol.Biol. 
_citation.journal_volume            380 
_citation.page_first                820 
_citation.page_last                 827 
_citation.year                      2008 
_citation.journal_id_ASTM           JMOBAK 
_citation.country                   UK 
_citation.journal_id_ISSN           0022-2836 
_citation.journal_id_CSD            0070 
_citation.book_publisher            ? 
_citation.pdbx_database_id_PubMed   18571667 
_citation.pdbx_database_id_DOI      10.1016/j.jmb.2008.05.010 
# 
loop_
_citation_author.citation_id 
_citation_author.name 
_citation_author.ordinal 
_citation_author.identifier_ORCID 
primary 'Cohen, S.'    1 ? 
primary 'Dym, O.'      2 ? 
primary 'Albeck, S.'   3 ? 
primary 'Ben-Dov, E.'  4 ? 
primary 'Cahan, R.'    5 ? 
primary 'Firer, M.'    6 ? 
primary 'Zaritsky, A.' 7 ? 
# 
_cell.entry_id           2RCI 
_cell.length_a           83.481 
_cell.length_b           43.259 
_cell.length_c           55.650 
_cell.angle_alpha        90.00 
_cell.angle_beta         112.44 
_cell.angle_gamma        90.00 
_cell.Z_PDB              4 
_cell.pdbx_unique_axis   ? 
_cell.length_a_esd       ? 
_cell.length_b_esd       ? 
_cell.length_c_esd       ? 
_cell.angle_alpha_esd    ? 
_cell.angle_beta_esd     ? 
_cell.angle_gamma_esd    ? 
# 
_symmetry.entry_id                         2RCI 
_symmetry.space_group_name_H-M             'C 1 2 1' 
_symmetry.pdbx_full_space_group_name_H-M   ? 
_symmetry.cell_setting                     ? 
_symmetry.Int_Tables_number                5 
_symmetry.space_group_name_Hall            ? 
# 
loop_
_entity.id 
_entity.type 
_entity.src_method 
_entity.pdbx_description 
_entity.formula_weight 
_entity.pdbx_number_of_molecules 
_entity.pdbx_ec 
_entity.pdbx_mutation 
_entity.pdbx_fragment 
_entity.details 
1 polymer man 'Type-2Ba cytolytic delta-endotoxin' 22973.137 1   ? ? 'Residues 35-238' ? 
2 water   nat water                                18.015    112 ? ? ?                 ? 
# 
_entity_name_com.entity_id   1 
_entity_name_com.name        '29 kDa cytolytic toxin' 
# 
_entity_poly.entity_id                      1 
_entity_poly.type                           'polypeptide(L)' 
_entity_poly.nstd_linkage                   no 
_entity_poly.nstd_monomer                   no 
_entity_poly.pdbx_seq_one_letter_code       
;TVPSSDITNFNEIFYVEPQYIAQAIRLTNTFQGAIDPLTLNFNFEKALQIANGLPNAGVTGTINQSVIHQTIEVSVMISQ
IKEIIRSVLGLVINSANFWNSVVSAITNTFTNLEPQVDENWIVWRNLSATQTSYFYKILFSIQNEDTGRFMAILPIAFEI
TVDVQKQQLLFITIKDSARYEVKMKALTVVQALDSYNAPIIDVF
;
_entity_poly.pdbx_seq_one_letter_code_can   
;TVPSSDITNFNEIFYVEPQYIAQAIRLTNTFQGAIDPLTLNFNFEKALQIANGLPNAGVTGTINQSVIHQTIEVSVMISQ
IKEIIRSVLGLVINSANFWNSVVSAITNTFTNLEPQVDENWIVWRNLSATQTSYFYKILFSIQNEDTGRFMAILPIAFEI
TVDVQKQQLLFITIKDSARYEVKMKALTVVQALDSYNAPIIDVF
;
_entity_poly.pdbx_strand_id                 A 
_entity_poly.pdbx_target_identifier         W00628 
# 
loop_
_entity_poly_seq.entity_id 
_entity_poly_seq.num 
_entity_poly_seq.mon_id 
_entity_poly_seq.hetero 
1 1   THR n 
1 2   VAL n 
1 3   PRO n 
1 4   SER n 
1 5   SER n 
1 6   ASP n 
1 7   ILE n 
1 8   THR n 
1 9   ASN n 
1 10  PHE n 
1 11  ASN n 
1 12  GLU n 
1 13  ILE n 
1 14  PHE n 
1 15  TYR n 
1 16  VAL n 
1 17  GLU n 
1 18  PRO n 
1 19  GLN n 
1 20  TYR n 
1 21  ILE n 
1 22  ALA n 
1 23  GLN n 
1 24  ALA n 
1 25  ILE n 
1 26  ARG n 
1 27  LEU n 
1 28  THR n 
1 29  ASN n 
1 30  THR n 
1 31  PHE n 
1 32  GLN n 
1 33  GLY n 
1 34  ALA n 
1 35  ILE n 
1 36  ASP n 
1 37  PRO n 
1 38  LEU n 
1 39  THR n 
1 40  LEU n 
1 41  ASN n 
1 42  PHE n 
1 43  ASN n 
1 44  PHE n 
1 45  GLU n 
1 46  LYS n 
1 47  ALA n 
1 48  LEU n 
1 49  GLN n 
1 50  ILE n 
1 51  ALA n 
1 52  ASN n 
1 53  GLY n 
1 54  LEU n 
1 55  PRO n 
1 56  ASN n 
1 57  ALA n 
1 58  GLY n 
1 59  VAL n 
1 60  THR n 
1 61  GLY n 
1 62  THR n 
1 63  ILE n 
1 64  ASN n 
1 65  GLN n 
1 66  SER n 
1 67  VAL n 
1 68  ILE n 
1 69  HIS n 
1 70  GLN n 
1 71  THR n 
1 72  ILE n 
1 73  GLU n 
1 74  VAL n 
1 75  SER n 
1 76  VAL n 
1 77  MET n 
1 78  ILE n 
1 79  SER n 
1 80  GLN n 
1 81  ILE n 
1 82  LYS n 
1 83  GLU n 
1 84  ILE n 
1 85  ILE n 
1 86  ARG n 
1 87  SER n 
1 88  VAL n 
1 89  LEU n 
1 90  GLY n 
1 91  LEU n 
1 92  VAL n 
1 93  ILE n 
1 94  ASN n 
1 95  SER n 
1 96  ALA n 
1 97  ASN n 
1 98  PHE n 
1 99  TRP n 
1 100 ASN n 
1 101 SER n 
1 102 VAL n 
1 103 VAL n 
1 104 SER n 
1 105 ALA n 
1 106 ILE n 
1 107 THR n 
1 108 ASN n 
1 109 THR n 
1 110 PHE n 
1 111 THR n 
1 112 ASN n 
1 113 LEU n 
1 114 GLU n 
1 115 PRO n 
1 116 GLN n 
1 117 VAL n 
1 118 ASP n 
1 119 GLU n 
1 120 ASN n 
1 121 TRP n 
1 122 ILE n 
1 123 VAL n 
1 124 TRP n 
1 125 ARG n 
1 126 ASN n 
1 127 LEU n 
1 128 SER n 
1 129 ALA n 
1 130 THR n 
1 131 GLN n 
1 132 THR n 
1 133 SER n 
1 134 TYR n 
1 135 PHE n 
1 136 TYR n 
1 137 LYS n 
1 138 ILE n 
1 139 LEU n 
1 140 PHE n 
1 141 SER n 
1 142 ILE n 
1 143 GLN n 
1 144 ASN n 
1 145 GLU n 
1 146 ASP n 
1 147 THR n 
1 148 GLY n 
1 149 ARG n 
1 150 PHE n 
1 151 MET n 
1 152 ALA n 
1 153 ILE n 
1 154 LEU n 
1 155 PRO n 
1 156 ILE n 
1 157 ALA n 
1 158 PHE n 
1 159 GLU n 
1 160 ILE n 
1 161 THR n 
1 162 VAL n 
1 163 ASP n 
1 164 VAL n 
1 165 GLN n 
1 166 LYS n 
1 167 GLN n 
1 168 GLN n 
1 169 LEU n 
1 170 LEU n 
1 171 PHE n 
1 172 ILE n 
1 173 THR n 
1 174 ILE n 
1 175 LYS n 
1 176 ASP n 
1 177 SER n 
1 178 ALA n 
1 179 ARG n 
1 180 TYR n 
1 181 GLU n 
1 182 VAL n 
1 183 LYS n 
1 184 MET n 
1 185 LYS n 
1 186 ALA n 
1 187 LEU n 
1 188 THR n 
1 189 VAL n 
1 190 VAL n 
1 191 GLN n 
1 192 ALA n 
1 193 LEU n 
1 194 ASP n 
1 195 SER n 
1 196 TYR n 
1 197 ASN n 
1 198 ALA n 
1 199 PRO n 
1 200 ILE n 
1 201 ILE n 
1 202 ASP n 
1 203 VAL n 
1 204 PHE n 
# 
_entity_src_gen.entity_id                          1 
_entity_src_gen.pdbx_src_id                        1 
_entity_src_gen.pdbx_alt_source_flag               sample 
_entity_src_gen.pdbx_seq_type                      ? 
_entity_src_gen.pdbx_beg_seq_num                   ? 
_entity_src_gen.pdbx_end_seq_num                   ? 
_entity_src_gen.gene_src_common_name               ? 
_entity_src_gen.gene_src_genus                     ? 
_entity_src_gen.pdbx_gene_src_gene                 'cyt2Ba1, cyt2Ba7, cytB' 
_entity_src_gen.gene_src_species                   ? 
_entity_src_gen.gene_src_strain                    '4Q2, T301' 
_entity_src_gen.gene_src_tissue                    ? 
_entity_src_gen.gene_src_tissue_fraction           ? 
_entity_src_gen.gene_src_details                   ? 
_entity_src_gen.pdbx_gene_src_fragment             ? 
_entity_src_gen.pdbx_gene_src_scientific_name      'Bacillus thuringiensis serovar israelensis' 
_entity_src_gen.pdbx_gene_src_ncbi_taxonomy_id     ? 
_entity_src_gen.pdbx_gene_src_variant              ? 
_entity_src_gen.pdbx_gene_src_cell_line            ? 
_entity_src_gen.pdbx_gene_src_atcc                 ? 
_entity_src_gen.pdbx_gene_src_organ                ? 
_entity_src_gen.pdbx_gene_src_organelle            ? 
_entity_src_gen.pdbx_gene_src_cell                 ? 
_entity_src_gen.pdbx_gene_src_cellular_location    ? 
_entity_src_gen.host_org_common_name               ? 
_entity_src_gen.pdbx_host_org_scientific_name      'Escherichia coli' 
_entity_src_gen.pdbx_host_org_ncbi_taxonomy_id     ? 
_entity_src_gen.host_org_genus                     ? 
_entity_src_gen.pdbx_host_org_gene                 ? 
_entity_src_gen.pdbx_host_org_organ                ? 
_entity_src_gen.host_org_species                   ? 
_entity_src_gen.pdbx_host_org_tissue               ? 
_entity_src_gen.pdbx_host_org_tissue_fraction      ? 
_entity_src_gen.pdbx_host_org_strain               ? 
_entity_src_gen.pdbx_host_org_variant              ? 
_entity_src_gen.pdbx_host_org_cell_line            ? 
_entity_src_gen.pdbx_host_org_atcc                 ? 
_entity_src_gen.pdbx_host_org_culture_collection   ? 
_entity_src_gen.pdbx_host_org_cell                 ? 
_entity_src_gen.pdbx_host_org_organelle            ? 
_entity_src_gen.pdbx_host_org_cellular_location    ? 
_entity_src_gen.pdbx_host_org_vector_type          ? 
_entity_src_gen.pdbx_host_org_vector               ? 
_entity_src_gen.host_org_details                   ? 
_entity_src_gen.expression_system_id               ? 
_entity_src_gen.plasmid_name                       ? 
_entity_src_gen.plasmid_details                    ? 
_entity_src_gen.pdbx_description                   ? 
# 
_struct_ref.id                         1 
_struct_ref.db_name                    UNP 
_struct_ref.db_code                    CT2BA_BACTI 
_struct_ref.pdbx_db_accession          Q45723 
_struct_ref.entity_id                  1 
_struct_ref.pdbx_seq_one_letter_code   
;TVPSSDITNFNEIFYVEPQYIAQAIRLTNTFQGAIDPLTLNFNFEKALQIANGLPNAGVTGTINQSVIHQTIEVSVMISQ
IKEIIRSVLGLVINSANFWNSVVSAITNTFTNLEPQVDENWIVWRNLSATQTSYFYKILFSIQNEDTGRFMAILPIAFEI
TVDVQKQQLLFITIKDSARYEVKMKALTVVQALDSYNAPIIDVF
;
_struct_ref.pdbx_align_begin           35 
_struct_ref.pdbx_db_isoform            ? 
# 
_struct_ref_seq.align_id                      1 
_struct_ref_seq.ref_id                        1 
_struct_ref_seq.pdbx_PDB_id_code              2RCI 
_struct_ref_seq.pdbx_strand_id                A 
_struct_ref_seq.seq_align_beg                 1 
_struct_ref_seq.pdbx_seq_align_beg_ins_code   ? 
_struct_ref_seq.seq_align_end                 204 
_struct_ref_seq.pdbx_seq_align_end_ins_code   ? 
_struct_ref_seq.pdbx_db_accession             Q45723 
_struct_ref_seq.db_align_beg                  35 
_struct_ref_seq.pdbx_db_align_beg_ins_code    ? 
_struct_ref_seq.db_align_end                  238 
_struct_ref_seq.pdbx_db_align_end_ins_code    ? 
_struct_ref_seq.pdbx_auth_seq_align_beg       34 
_struct_ref_seq.pdbx_auth_seq_align_end       237 
# 
loop_
_chem_comp.id 
_chem_comp.type 
_chem_comp.mon_nstd_flag 
_chem_comp.name 
_chem_comp.pdbx_synonyms 
_chem_comp.formula 
_chem_comp.formula_weight 
ALA 'L-peptide linking' y ALANINE         ? 'C3 H7 N O2'     89.093  
ARG 'L-peptide linking' y ARGININE        ? 'C6 H15 N4 O2 1' 175.209 
ASN 'L-peptide linking' y ASPARAGINE      ? 'C4 H8 N2 O3'    132.118 
ASP 'L-peptide linking' y 'ASPARTIC ACID' ? 'C4 H7 N O4'     133.103 
GLN 'L-peptide linking' y GLUTAMINE       ? 'C5 H10 N2 O3'   146.144 
GLU 'L-peptide linking' y 'GLUTAMIC ACID' ? 'C5 H9 N O4'     147.129 
GLY 'peptide linking'   y GLYCINE         ? 'C2 H5 N O2'     75.067  
HIS 'L-peptide linking' y HISTIDINE       ? 'C6 H10 N3 O2 1' 156.162 
HOH non-polymer         . WATER           ? 'H2 O'           18.015  
ILE 'L-peptide linking' y ISOLEUCINE      ? 'C6 H13 N O2'    131.173 
LEU 'L-peptide linking' y LEUCINE         ? 'C6 H13 N O2'    131.173 
LYS 'L-peptide linking' y LYSINE          ? 'C6 H15 N2 O2 1' 147.195 
MET 'L-peptide linking' y METHIONINE      ? 'C5 H11 N O2 S'  149.211 
PHE 'L-peptide linking' y PHENYLALANINE   ? 'C9 H11 N O2'    165.189 
PRO 'L-peptide linking' y PROLINE         ? 'C5 H9 N O2'     115.130 
SER 'L-peptide linking' y SERINE          ? 'C3 H7 N O3'     105.093 
THR 'L-peptide linking' y THREONINE       ? 'C4 H9 N O3'     119.119 
TRP 'L-peptide linking' y TRYPTOPHAN      ? 'C11 H12 N2 O2'  204.225 
TYR 'L-peptide linking' y TYROSINE        ? 'C9 H11 N O3'    181.189 
VAL 'L-peptide linking' y VALINE          ? 'C5 H11 N O2'    117.146 
# 
_exptl.entry_id          2RCI 
_exptl.method            'X-RAY DIFFRACTION' 
_exptl.crystals_number   1 
# 
_exptl_crystal.id                    1 
_exptl_crystal.density_meas          ? 
_exptl_crystal.density_Matthews      2.02 
_exptl_crystal.density_percent_sol   39.15 
_exptl_crystal.description           ? 
_exptl_crystal.F_000                 ? 
_exptl_crystal.preparation           ? 
# 
_exptl_crystal_grow.crystal_id      1 
_exptl_crystal_grow.method          MICROBATCH 
_exptl_crystal_grow.temp            293 
_exptl_crystal_grow.temp_details    ? 
_exptl_crystal_grow.pH              7.0 
_exptl_crystal_grow.pdbx_details    '1M Na/K Tartrate, 0.1M Tris-HCl pH 7.0, 0.2M Li2SO4, MICROBATCH, temperature 293K' 
_exptl_crystal_grow.pdbx_pH_range   . 
# 
_diffrn.id                     1 
_diffrn.ambient_temp           100 
_diffrn.ambient_temp_details   ? 
_diffrn.crystal_id             1 
# 
_diffrn_detector.diffrn_id              1 
_diffrn_detector.detector               'IMAGE PLATE' 
_diffrn_detector.type                   RIGAKU 
_diffrn_detector.pdbx_collection_date   2006-09-15 
_diffrn_detector.details                ? 
# 
_diffrn_radiation.diffrn_id                        1 
_diffrn_radiation.wavelength_id                    1 
_diffrn_radiation.pdbx_monochromatic_or_laue_m_l   M 
_diffrn_radiation.monochromator                    ? 
_diffrn_radiation.pdbx_diffrn_protocol             'SINGLE WAVELENGTH' 
_diffrn_radiation.pdbx_scattering_type             x-ray 
# 
_diffrn_radiation_wavelength.id           1 
_diffrn_radiation_wavelength.wavelength   1.5418 
_diffrn_radiation_wavelength.wt           1.0 
# 
_diffrn_source.diffrn_id                   1 
_diffrn_source.source                      'ROTATING ANODE' 
_diffrn_source.type                        'RIGAKU RU300' 
_diffrn_source.pdbx_synchrotron_site       ? 
_diffrn_source.pdbx_synchrotron_beamline   ? 
_diffrn_source.pdbx_wavelength             ? 
_diffrn_source.pdbx_wavelength_list        1.5418 
# 
_reflns.entry_id                     2RCI 
_reflns.observed_criterion_sigma_I   0 
_reflns.observed_criterion_sigma_F   0 
_reflns.d_resolution_low             50 
_reflns.d_resolution_high            1.8 
_reflns.number_obs                   16805 
_reflns.number_all                   16805 
_reflns.percent_possible_obs         97.4 
_reflns.pdbx_Rmerge_I_obs            0.075 
_reflns.pdbx_Rsym_value              0.103 
_reflns.pdbx_netI_over_sigmaI        16.5 
_reflns.B_iso_Wilson_estimate        ? 
_reflns.pdbx_redundancy              ? 
_reflns.R_free_details               ? 
_reflns.limit_h_max                  ? 
_reflns.limit_h_min                  ? 
_reflns.limit_k_max                  ? 
_reflns.limit_k_min                  ? 
_reflns.limit_l_max                  ? 
_reflns.limit_l_min                  ? 
_reflns.observed_criterion_F_max     ? 
_reflns.observed_criterion_F_min     ? 
_reflns.pdbx_chi_squared             ? 
_reflns.pdbx_scaling_rejects         ? 
_reflns.pdbx_diffrn_id               1 
_reflns.pdbx_ordinal                 1 
# 
_refine.entry_id                                 2RCI 
_refine.ls_number_reflns_obs                     15956 
_refine.ls_number_reflns_all                     ? 
_refine.pdbx_ls_sigma_I                          ? 
_refine.pdbx_ls_sigma_F                          ? 
_refine.pdbx_data_cutoff_high_absF               ? 
_refine.pdbx_data_cutoff_low_absF                ? 
_refine.pdbx_data_cutoff_high_rms_absF           ? 
_refine.ls_d_res_low                             50.00 
_refine.ls_d_res_high                            1.80 
_refine.ls_percent_reflns_obs                    96.98 
_refine.ls_R_factor_obs                          0.18840 
_refine.ls_R_factor_all                          ? 
_refine.ls_R_factor_R_work                       0.18696 
_refine.ls_R_factor_R_free                       0.21613 
_refine.ls_R_factor_R_free_error                 ? 
_refine.ls_R_factor_R_free_error_details         ? 
_refine.ls_percent_reflns_R_free                 5.1 
_refine.ls_number_reflns_R_free                  849 
_refine.ls_number_parameters                     ? 
_refine.ls_number_restraints                     ? 
_refine.occupancy_min                            ? 
_refine.occupancy_max                            ? 
_refine.correlation_coeff_Fo_to_Fc               0.956 
_refine.correlation_coeff_Fo_to_Fc_free          0.940 
_refine.B_iso_mean                               21.831 
_refine.aniso_B[1][1]                            1.01 
_refine.aniso_B[2][2]                            0.05 
_refine.aniso_B[3][3]                            0.03 
_refine.aniso_B[1][2]                            0.00 
_refine.aniso_B[1][3]                            1.42 
_refine.aniso_B[2][3]                            0.00 
_refine.solvent_model_details                    MASK 
_refine.solvent_model_param_ksol                 ? 
_refine.solvent_model_param_bsol                 ? 
_refine.pdbx_solvent_vdw_probe_radii             1.20 
_refine.pdbx_solvent_ion_probe_radii             0.80 
_refine.pdbx_solvent_shrinkage_radii             0.80 
_refine.pdbx_ls_cross_valid_method               THROUGHOUT 
_refine.details                                  'HYDROGENS HAVE BEEN ADDED IN THE RIDING POSITIONS' 
_refine.pdbx_starting_model                      'PDB entry 1CBY' 
_refine.pdbx_method_to_determine_struct          'MOLECULAR REPLACEMENT' 
_refine.pdbx_isotropic_thermal_model             ? 
_refine.pdbx_stereochemistry_target_values       'MAXIMUM LIKELIHOOD' 
_refine.pdbx_stereochem_target_val_spec_case     ? 
_refine.pdbx_R_Free_selection_details            RANDOM 
_refine.pdbx_overall_ESU_R                       0.142 
_refine.pdbx_overall_ESU_R_Free                  0.127 
_refine.overall_SU_ML                            0.078 
_refine.overall_SU_B                             2.409 
_refine.ls_redundancy_reflns_obs                 ? 
_refine.B_iso_min                                ? 
_refine.B_iso_max                                ? 
_refine.overall_SU_R_Cruickshank_DPI             ? 
_refine.overall_SU_R_free                        ? 
_refine.ls_wR_factor_R_free                      ? 
_refine.ls_wR_factor_R_work                      ? 
_refine.overall_FOM_free_R_set                   ? 
_refine.overall_FOM_work_R_set                   ? 
_refine.pdbx_overall_phase_error                 ? 
_refine.pdbx_refine_id                           'X-RAY DIFFRACTION' 
_refine.pdbx_diffrn_id                           1 
_refine.pdbx_TLS_residual_ADP_flag               ? 
_refine.pdbx_overall_SU_R_free_Cruickshank_DPI   ? 
_refine.pdbx_overall_SU_R_Blow_DPI               ? 
_refine.pdbx_overall_SU_R_free_Blow_DPI          ? 
# 
_refine_hist.pdbx_refine_id                   'X-RAY DIFFRACTION' 
_refine_hist.cycle_id                         LAST 
_refine_hist.pdbx_number_atoms_protein        1497 
_refine_hist.pdbx_number_atoms_nucleic_acid   0 
_refine_hist.pdbx_number_atoms_ligand         0 
_refine_hist.number_atoms_solvent             112 
_refine_hist.number_atoms_total               1609 
_refine_hist.d_res_high                       1.80 
_refine_hist.d_res_low                        50.00 
# 
loop_
_refine_ls_restr.type 
_refine_ls_restr.dev_ideal 
_refine_ls_restr.dev_ideal_target 
_refine_ls_restr.weight 
_refine_ls_restr.number 
_refine_ls_restr.pdbx_refine_id 
_refine_ls_restr.pdbx_restraint_function 
r_bond_refined_d             0.015  0.022  ? 1530 'X-RAY DIFFRACTION' ? 
r_bond_other_d               ?      ?      ? ?    'X-RAY DIFFRACTION' ? 
r_angle_refined_deg          1.426  1.929  ? 2089 'X-RAY DIFFRACTION' ? 
r_angle_other_deg            ?      ?      ? ?    'X-RAY DIFFRACTION' ? 
r_dihedral_angle_1_deg       6.358  5.000  ? 191  'X-RAY DIFFRACTION' ? 
r_dihedral_angle_2_deg       40.825 26.000 ? 70   'X-RAY DIFFRACTION' ? 
r_dihedral_angle_3_deg       12.805 15.000 ? 261  'X-RAY DIFFRACTION' ? 
r_dihedral_angle_4_deg       9.812  15.000 ? 3    'X-RAY DIFFRACTION' ? 
r_chiral_restr               0.109  0.200  ? 253  'X-RAY DIFFRACTION' ? 
r_gen_planes_refined         0.006  0.020  ? 1137 'X-RAY DIFFRACTION' ? 
r_gen_planes_other           ?      ?      ? ?    'X-RAY DIFFRACTION' ? 
r_nbd_refined                0.214  0.200  ? 741  'X-RAY DIFFRACTION' ? 
r_nbd_other                  ?      ?      ? ?    'X-RAY DIFFRACTION' ? 
r_nbtor_refined              0.307  0.200  ? 1092 'X-RAY DIFFRACTION' ? 
r_nbtor_other                ?      ?      ? ?    'X-RAY DIFFRACTION' ? 
r_xyhbond_nbd_refined        0.189  0.200  ? 88   'X-RAY DIFFRACTION' ? 
r_xyhbond_nbd_other          ?      ?      ? ?    'X-RAY DIFFRACTION' ? 
r_metal_ion_refined          ?      ?      ? ?    'X-RAY DIFFRACTION' ? 
r_metal_ion_other            ?      ?      ? ?    'X-RAY DIFFRACTION' ? 
r_symmetry_vdw_refined       0.187  0.200  ? 34   'X-RAY DIFFRACTION' ? 
r_symmetry_vdw_other         ?      ?      ? ?    'X-RAY DIFFRACTION' ? 
r_symmetry_hbond_refined     0.169  0.200  ? 10   'X-RAY DIFFRACTION' ? 
r_symmetry_hbond_other       ?      ?      ? ?    'X-RAY DIFFRACTION' ? 
r_symmetry_metal_ion_refined ?      ?      ? ?    'X-RAY DIFFRACTION' ? 
r_symmetry_metal_ion_other   ?      ?      ? ?    'X-RAY DIFFRACTION' ? 
r_mcbond_it                  0.865  1.500  ? 977  'X-RAY DIFFRACTION' ? 
r_mcbond_other               ?      ?      ? ?    'X-RAY DIFFRACTION' ? 
r_mcangle_it                 1.408  2.000  ? 1550 'X-RAY DIFFRACTION' ? 
r_scbond_it                  2.336  3.000  ? 636  'X-RAY DIFFRACTION' ? 
r_scangle_it                 3.605  4.500  ? 537  'X-RAY DIFFRACTION' ? 
r_rigid_bond_restr           ?      ?      ? ?    'X-RAY DIFFRACTION' ? 
r_sphericity_free            ?      ?      ? ?    'X-RAY DIFFRACTION' ? 
r_sphericity_bonded          ?      ?      ? ?    'X-RAY DIFFRACTION' ? 
# 
_refine_ls_shell.pdbx_total_number_of_bins_used   20 
_refine_ls_shell.d_res_high                       1.80 
_refine_ls_shell.d_res_low                        1.84 
_refine_ls_shell.number_reflns_R_work             1080 
_refine_ls_shell.R_factor_R_work                  0.250 
_refine_ls_shell.percent_reflns_obs               90.38 
_refine_ls_shell.R_factor_R_free                  0.340 
_refine_ls_shell.R_factor_R_free_error            ? 
_refine_ls_shell.percent_reflns_R_free            ? 
_refine_ls_shell.number_reflns_R_free             47 
_refine_ls_shell.number_reflns_all                ? 
_refine_ls_shell.R_factor_all                     ? 
_refine_ls_shell.redundancy_reflns_obs            ? 
_refine_ls_shell.number_reflns_obs                ? 
_refine_ls_shell.pdbx_refine_id                   'X-RAY DIFFRACTION' 
# 
_struct.entry_id                  2RCI 
_struct.title                     
'High-resolution crystal structure of activated Cyt2Ba monomer from Bacillus thuringiensis subsp. israelensis' 
_struct.pdbx_model_details        ? 
_struct.pdbx_CASP_flag            ? 
_struct.pdbx_model_type_details   ? 
# 
_struct_keywords.entry_id        2RCI 
_struct_keywords.pdbx_keywords   TOXIN 
_struct_keywords.text            
;alpha/beta architecture with beta-sheet surrounded by two alpha-helix layers, Structural Genomics, Israel Structural Proteomics Center, ISPC, Plasmid, Sporulation, Toxin
;
# 
loop_
_struct_asym.id 
_struct_asym.pdbx_blank_PDB_chainid_flag 
_struct_asym.pdbx_modified 
_struct_asym.entity_id 
_struct_asym.details 
A N N 1 ? 
B N N 2 ? 
# 
loop_
_struct_conf.conf_type_id 
_struct_conf.id 
_struct_conf.pdbx_PDB_helix_id 
_struct_conf.beg_label_comp_id 
_struct_conf.beg_label_asym_id 
_struct_conf.beg_label_seq_id 
_struct_conf.pdbx_beg_PDB_ins_code 
_struct_conf.end_label_comp_id 
_struct_conf.end_label_asym_id 
_struct_conf.end_label_seq_id 
_struct_conf.pdbx_end_PDB_ins_code 
_struct_conf.beg_auth_comp_id 
_struct_conf.beg_auth_asym_id 
_struct_conf.beg_auth_seq_id 
_struct_conf.end_auth_comp_id 
_struct_conf.end_auth_asym_id 
_struct_conf.end_auth_seq_id 
_struct_conf.pdbx_PDB_helix_class 
_struct_conf.details 
_struct_conf.pdbx_PDB_helix_length 
HELX_P HELX_P1 1 GLU A 17  ? GLN A 19  ? GLU A 50  GLN A 52  5 ? 3  
HELX_P HELX_P2 2 TYR A 20  ? GLN A 32  ? TYR A 53  GLN A 65  1 ? 13 
HELX_P HELX_P3 3 GLY A 33  ? ILE A 35  ? GLY A 66  ILE A 68  5 ? 3  
HELX_P HELX_P4 4 ASN A 43  ? LEU A 54  ? ASN A 76  LEU A 87  1 ? 12 
HELX_P HELX_P5 5 VAL A 74  ? GLY A 90  ? VAL A 107 GLY A 123 1 ? 17 
HELX_P HELX_P6 6 SER A 95  ? THR A 111 ? SER A 128 THR A 144 1 ? 17 
HELX_P HELX_P7 7 LEU A 113 ? VAL A 117 ? LEU A 146 VAL A 150 5 ? 5  
HELX_P HELX_P8 8 ASN A 144 ? GLY A 148 ? ASN A 177 GLY A 181 5 ? 5  
HELX_P HELX_P9 9 GLN A 165 ? LEU A 170 ? GLN A 198 LEU A 203 1 ? 6  
# 
_struct_conf_type.id          HELX_P 
_struct_conf_type.criteria    ? 
_struct_conf_type.reference   ? 
# 
loop_
_struct_sheet.id 
_struct_sheet.type 
_struct_sheet.number_strands 
_struct_sheet.details 
A ? 5 ? 
B ? 3 ? 
# 
loop_
_struct_sheet_order.sheet_id 
_struct_sheet_order.range_id_1 
_struct_sheet_order.range_id_2 
_struct_sheet_order.offset 
_struct_sheet_order.sense 
A 1 2 ? parallel      
A 2 3 ? anti-parallel 
A 3 4 ? anti-parallel 
A 4 5 ? anti-parallel 
B 1 2 ? parallel      
B 2 3 ? anti-parallel 
# 
loop_
_struct_sheet_range.sheet_id 
_struct_sheet_range.id 
_struct_sheet_range.beg_label_comp_id 
_struct_sheet_range.beg_label_asym_id 
_struct_sheet_range.beg_label_seq_id 
_struct_sheet_range.pdbx_beg_PDB_ins_code 
_struct_sheet_range.end_label_comp_id 
_struct_sheet_range.end_label_asym_id 
_struct_sheet_range.end_label_seq_id 
_struct_sheet_range.pdbx_end_PDB_ins_code 
_struct_sheet_range.beg_auth_comp_id 
_struct_sheet_range.beg_auth_asym_id 
_struct_sheet_range.beg_auth_seq_id 
_struct_sheet_range.end_auth_comp_id 
_struct_sheet_range.end_auth_asym_id 
_struct_sheet_range.end_auth_seq_id 
A 1 ASN A 11  ? TYR A 15  ? ASN A 44  TYR A 48  
A 2 THR A 132 ? ILE A 142 ? THR A 165 ILE A 175 
A 3 PHE A 150 ? VAL A 162 ? PHE A 183 VAL A 195 
A 4 SER A 177 ? ALA A 192 ? SER A 210 ALA A 225 
A 5 ALA A 57  ? GLU A 73  ? ALA A 90  GLU A 106 
B 1 ASN A 11  ? TYR A 15  ? ASN A 44  TYR A 48  
B 2 THR A 132 ? ILE A 142 ? THR A 165 ILE A 175 
B 3 ILE A 122 ? LEU A 127 ? ILE A 155 LEU A 160 
# 
loop_
_pdbx_struct_sheet_hbond.sheet_id 
_pdbx_struct_sheet_hbond.range_id_1 
_pdbx_struct_sheet_hbond.range_id_2 
_pdbx_struct_sheet_hbond.range_1_label_atom_id 
_pdbx_struct_sheet_hbond.range_1_label_comp_id 
_pdbx_struct_sheet_hbond.range_1_label_asym_id 
_pdbx_struct_sheet_hbond.range_1_label_seq_id 
_pdbx_struct_sheet_hbond.range_1_PDB_ins_code 
_pdbx_struct_sheet_hbond.range_1_auth_atom_id 
_pdbx_struct_sheet_hbond.range_1_auth_comp_id 
_pdbx_struct_sheet_hbond.range_1_auth_asym_id 
_pdbx_struct_sheet_hbond.range_1_auth_seq_id 
_pdbx_struct_sheet_hbond.range_2_label_atom_id 
_pdbx_struct_sheet_hbond.range_2_label_comp_id 
_pdbx_struct_sheet_hbond.range_2_label_asym_id 
_pdbx_struct_sheet_hbond.range_2_label_seq_id 
_pdbx_struct_sheet_hbond.range_2_PDB_ins_code 
_pdbx_struct_sheet_hbond.range_2_auth_atom_id 
_pdbx_struct_sheet_hbond.range_2_auth_comp_id 
_pdbx_struct_sheet_hbond.range_2_auth_asym_id 
_pdbx_struct_sheet_hbond.range_2_auth_seq_id 
A 1 2 N ILE A 13  ? N ILE A 46  O LEU A 139 ? O LEU A 172 
A 2 3 N ILE A 138 ? N ILE A 171 O ILE A 156 ? O ILE A 189 
A 3 4 N ALA A 157 ? N ALA A 190 O LYS A 185 ? O LYS A 218 
A 4 5 O VAL A 182 ? O VAL A 215 N VAL A 67  ? N VAL A 100 
B 1 2 N ILE A 13  ? N ILE A 46  O LEU A 139 ? O LEU A 172 
B 2 3 O SER A 133 ? O SER A 166 N ARG A 125 ? N ARG A 158 
# 
_atom_sites.entry_id                    2RCI 
_atom_sites.fract_transf_matrix[1][1]   -0.00231111 
_atom_sites.fract_transf_matrix[1][2]   0.01022543 
_atom_sites.fract_transf_matrix[1][3]   0.00762027 
_atom_sites.fract_transf_matrix[2][1]   -0.01468634 
_atom_sites.fract_transf_matrix[2][2]   -0.01268255 
_atom_sites.fract_transf_matrix[2][3]   0.01256423 
_atom_sites.fract_transf_matrix[3][1]   0.01217911 
_atom_sites.fract_transf_matrix[3][2]   0.00088423 
_atom_sites.fract_transf_matrix[3][3]   0.01512874 
_atom_sites.fract_transf_vector[1]      0.323387 
_atom_sites.fract_transf_vector[2]      0.816890 
_atom_sites.fract_transf_vector[3]      0.266481 
# 
loop_
_atom_type.symbol 
C 
N 
O 
S 
# 
loop_
_atom_site.group_PDB 
_atom_site.id 
_atom_site.type_symbol 
_atom_site.label_atom_id 
_atom_site.label_alt_id 
_atom_site.label_comp_id 
_atom_site.label_asym_id 
_atom_site.label_entity_id 
_atom_site.label_seq_id 
_atom_site.pdbx_PDB_ins_code 
_atom_site.Cartn_x 
_atom_site.Cartn_y 
_atom_site.Cartn_z 
_atom_site.occupancy 
_atom_site.B_iso_or_equiv 
_atom_site.pdbx_formal_charge 
_atom_site.auth_seq_id 
_atom_site.auth_comp_id 
_atom_site.auth_asym_id 
_atom_site.auth_atom_id 
_atom_site.pdbx_PDB_model_num 
ATOM   1    N N   . THR A 1 8   ? 10.773  -0.758  -10.381 1.00 35.82 ? 41  THR A N   1 
ATOM   2    C CA  . THR A 1 8   ? 10.078  -0.669  -9.056  1.00 35.30 ? 41  THR A CA  1 
ATOM   3    C C   . THR A 1 8   ? 8.725   0.072   -9.176  1.00 33.35 ? 41  THR A C   1 
ATOM   4    O O   . THR A 1 8   ? 8.690   1.299   -9.319  1.00 33.93 ? 41  THR A O   1 
ATOM   5    C CB  . THR A 1 8   ? 10.966  0.073   -8.026  1.00 36.05 ? 41  THR A CB  1 
ATOM   6    O OG1 . THR A 1 8   ? 10.871  1.490   -8.252  1.00 38.75 ? 41  THR A OG1 1 
ATOM   7    C CG2 . THR A 1 8   ? 12.437  -0.350  -8.162  1.00 38.22 ? 41  THR A CG2 1 
ATOM   8    N N   . ASN A 1 9   ? 7.609   -0.649  -9.115  1.00 30.05 ? 42  ASN A N   1 
ATOM   9    C CA  . ASN A 1 9   ? 6.333   0.045   -9.247  1.00 27.59 ? 42  ASN A CA  1 
ATOM   10   C C   . ASN A 1 9   ? 5.616   0.299   -7.906  1.00 25.31 ? 42  ASN A C   1 
ATOM   11   O O   . ASN A 1 9   ? 4.459   0.714   -7.883  1.00 24.94 ? 42  ASN A O   1 
ATOM   12   C CB  . ASN A 1 9   ? 5.453   -0.664  -10.271 1.00 28.93 ? 42  ASN A CB  1 
ATOM   13   C CG  . ASN A 1 9   ? 5.967   -0.486  -11.709 1.00 28.56 ? 42  ASN A CG  1 
ATOM   14   O OD1 . ASN A 1 9   ? 6.130   -1.459  -12.429 1.00 34.71 ? 42  ASN A OD1 1 
ATOM   15   N ND2 . ASN A 1 9   ? 6.230   0.760   -12.115 1.00 30.79 ? 42  ASN A ND2 1 
ATOM   16   N N   . PHE A 1 10  ? 6.318   0.044   -6.805  1.00 22.79 ? 43  PHE A N   1 
ATOM   17   C CA  . PHE A 1 10  ? 5.765   0.211   -5.457  1.00 21.47 ? 43  PHE A CA  1 
ATOM   18   C C   . PHE A 1 10  ? 6.533   1.326   -4.754  1.00 20.55 ? 43  PHE A C   1 
ATOM   19   O O   . PHE A 1 10  ? 7.724   1.500   -5.005  1.00 20.55 ? 43  PHE A O   1 
ATOM   20   C CB  . PHE A 1 10  ? 5.955   -1.057  -4.590  1.00 21.22 ? 43  PHE A CB  1 
ATOM   21   C CG  . PHE A 1 10  ? 5.180   -2.259  -5.058  1.00 21.52 ? 43  PHE A CG  1 
ATOM   22   C CD1 . PHE A 1 10  ? 3.875   -2.502  -4.598  1.00 19.49 ? 43  PHE A CD1 1 
ATOM   23   C CD2 . PHE A 1 10  ? 5.769   -3.174  -5.917  1.00 22.53 ? 43  PHE A CD2 1 
ATOM   24   C CE1 . PHE A 1 10  ? 3.159   -3.619  -5.021  1.00 21.37 ? 43  PHE A CE1 1 
ATOM   25   C CE2 . PHE A 1 10  ? 5.058   -4.306  -6.356  1.00 24.22 ? 43  PHE A CE2 1 
ATOM   26   C CZ  . PHE A 1 10  ? 3.756   -4.532  -5.902  1.00 23.03 ? 43  PHE A CZ  1 
ATOM   27   N N   . ASN A 1 11  ? 5.855   2.059   -3.868  1.00 19.29 ? 44  ASN A N   1 
ATOM   28   C CA  . ASN A 1 11  ? 6.545   2.904   -2.894  1.00 19.31 ? 44  ASN A CA  1 
ATOM   29   C C   . ASN A 1 11  ? 6.984   1.950   -1.777  1.00 19.23 ? 44  ASN A C   1 
ATOM   30   O O   . ASN A 1 11  ? 6.161   1.447   -1.020  1.00 19.38 ? 44  ASN A O   1 
ATOM   31   C CB  . ASN A 1 11  ? 5.634   4.009   -2.338  1.00 19.38 ? 44  ASN A CB  1 
ATOM   32   C CG  . ASN A 1 11  ? 6.424   5.135   -1.649  1.00 22.47 ? 44  ASN A CG  1 
ATOM   33   O OD1 . ASN A 1 11  ? 7.587   4.956   -1.341  1.00 22.18 ? 44  ASN A OD1 1 
ATOM   34   N ND2 . ASN A 1 11  ? 5.812   6.328   -1.503  1.00 23.62 ? 44  ASN A ND2 1 
ATOM   35   N N   . GLU A 1 12  ? 8.279   1.676   -1.716  1.00 20.25 ? 45  GLU A N   1 
ATOM   36   C CA  . GLU A 1 12  ? 8.770   0.632   -0.813  1.00 21.70 ? 45  GLU A CA  1 
ATOM   37   C C   . GLU A 1 12  ? 9.107   1.205   0.548   1.00 22.49 ? 45  GLU A C   1 
ATOM   38   O O   . GLU A 1 12  ? 9.817   2.215   0.664   1.00 22.23 ? 45  GLU A O   1 
ATOM   39   C CB  . GLU A 1 12  ? 9.983   -0.053  -1.416  1.00 22.01 ? 45  GLU A CB  1 
ATOM   40   C CG  . GLU A 1 12  ? 9.703   -0.801  -2.753  1.00 23.62 ? 45  GLU A CG  1 
ATOM   41   C CD  . GLU A 1 12  ? 10.990  -1.252  -3.429  1.00 24.55 ? 45  GLU A CD  1 
ATOM   42   O OE1 . GLU A 1 12  ? 12.046  -1.170  -2.780  1.00 29.32 ? 45  GLU A OE1 1 
ATOM   43   O OE2 . GLU A 1 12  ? 10.943  -1.718  -4.586  1.00 30.13 ? 45  GLU A OE2 1 
ATOM   44   N N   . ILE A 1 13  ? 8.615   0.548   1.594   1.00 22.49 ? 46  ILE A N   1 
ATOM   45   C CA  . ILE A 1 13  ? 8.852   1.010   2.958   1.00 23.50 ? 46  ILE A CA  1 
ATOM   46   C C   . ILE A 1 13  ? 9.365   -0.185  3.774   1.00 23.13 ? 46  ILE A C   1 
ATOM   47   O O   . ILE A 1 13  ? 8.631   -1.156  4.031   1.00 22.37 ? 46  ILE A O   1 
ATOM   48   C CB  . ILE A 1 13  ? 7.578   1.636   3.564   1.00 23.66 ? 46  ILE A CB  1 
ATOM   49   C CG1 . ILE A 1 13  ? 7.187   2.892   2.782   1.00 26.64 ? 46  ILE A CG1 1 
ATOM   50   C CG2 . ILE A 1 13  ? 7.754   1.986   5.058   1.00 25.08 ? 46  ILE A CG2 1 
ATOM   51   C CD1 . ILE A 1 13  ? 5.739   3.003   2.619   1.00 29.29 ? 46  ILE A CD1 1 
ATOM   52   N N   . PHE A 1 14  ? 10.637  -0.106  4.151   1.00 22.21 ? 47  PHE A N   1 
ATOM   53   C CA  . PHE A 1 14  ? 11.302  -1.200  4.823   1.00 22.35 ? 47  PHE A CA  1 
ATOM   54   C C   . PHE A 1 14  ? 11.260  -0.848  6.300   1.00 22.41 ? 47  PHE A C   1 
ATOM   55   O O   . PHE A 1 14  ? 11.682  0.255   6.703   1.00 23.75 ? 47  PHE A O   1 
ATOM   56   C CB  . PHE A 1 14  ? 12.761  -1.355  4.334   1.00 23.83 ? 47  PHE A CB  1 
ATOM   57   C CG  . PHE A 1 14  ? 12.912  -1.816  2.887   1.00 25.13 ? 47  PHE A CG  1 
ATOM   58   C CD1 . PHE A 1 14  ? 13.354  -3.092  2.598   1.00 28.23 ? 47  PHE A CD1 1 
ATOM   59   C CD2 . PHE A 1 14  ? 12.705  -0.928  1.826   1.00 29.15 ? 47  PHE A CD2 1 
ATOM   60   C CE1 . PHE A 1 14  ? 13.530  -3.526  1.264   1.00 28.75 ? 47  PHE A CE1 1 
ATOM   61   C CE2 . PHE A 1 14  ? 12.860  -1.343  0.486   1.00 28.66 ? 47  PHE A CE2 1 
ATOM   62   C CZ  . PHE A 1 14  ? 13.273  -2.645  0.216   1.00 29.19 ? 47  PHE A CZ  1 
ATOM   63   N N   . TYR A 1 15  ? 10.662  -1.722  7.092   1.00 19.93 ? 48  TYR A N   1 
ATOM   64   C CA  . TYR A 1 15  ? 10.772  -1.624  8.532   1.00 19.29 ? 48  TYR A CA  1 
ATOM   65   C C   . TYR A 1 15  ? 11.356  -2.958  9.008   1.00 18.89 ? 48  TYR A C   1 
ATOM   66   O O   . TYR A 1 15  ? 10.649  -3.826  9.508   1.00 19.00 ? 48  TYR A O   1 
ATOM   67   C CB  . TYR A 1 15  ? 9.412   -1.306  9.156   1.00 18.39 ? 48  TYR A CB  1 
ATOM   68   C CG  . TYR A 1 15  ? 9.507   -0.829  10.583  1.00 17.67 ? 48  TYR A CG  1 
ATOM   69   C CD1 . TYR A 1 15  ? 9.607   0.533   10.873  1.00 16.53 ? 48  TYR A CD1 1 
ATOM   70   C CD2 . TYR A 1 15  ? 9.461   -1.738  11.653  1.00 16.34 ? 48  TYR A CD2 1 
ATOM   71   C CE1 . TYR A 1 15  ? 9.691   0.981   12.198  1.00 16.33 ? 48  TYR A CE1 1 
ATOM   72   C CE2 . TYR A 1 15  ? 9.555   -1.291  12.979  1.00 17.75 ? 48  TYR A CE2 1 
ATOM   73   C CZ  . TYR A 1 15  ? 9.674   0.053   13.248  1.00 19.17 ? 48  TYR A CZ  1 
ATOM   74   O OH  . TYR A 1 15  ? 9.765   0.511   14.577  1.00 19.27 ? 48  TYR A OH  1 
ATOM   75   N N   . VAL A 1 16  ? 12.668  -3.119  8.804   1.00 18.91 ? 49  VAL A N   1 
ATOM   76   C CA  . VAL A 1 16  ? 13.366  -4.379  9.125   1.00 18.79 ? 49  VAL A CA  1 
ATOM   77   C C   . VAL A 1 16  ? 14.754  -4.063  9.713   1.00 19.99 ? 49  VAL A C   1 
ATOM   78   O O   . VAL A 1 16  ? 15.302  -2.972  9.475   1.00 20.53 ? 49  VAL A O   1 
ATOM   79   C CB  . VAL A 1 16  ? 13.541  -5.312  7.851   1.00 18.52 ? 49  VAL A CB  1 
ATOM   80   C CG1 . VAL A 1 16  ? 12.184  -5.595  7.156   1.00 17.36 ? 49  VAL A CG1 1 
ATOM   81   C CG2 . VAL A 1 16  ? 14.517  -4.681  6.838   1.00 18.54 ? 49  VAL A CG2 1 
ATOM   82   N N   . GLU A 1 17  ? 15.315  -5.009  10.464  1.00 21.08 ? 50  GLU A N   1 
ATOM   83   C CA  . GLU A 1 17  ? 16.719  -4.929  10.886  1.00 22.95 ? 50  GLU A CA  1 
ATOM   84   C C   . GLU A 1 17  ? 17.640  -5.076  9.669   1.00 23.01 ? 50  GLU A C   1 
ATOM   85   O O   . GLU A 1 17  ? 17.319  -5.794  8.738   1.00 22.36 ? 50  GLU A O   1 
ATOM   86   C CB  . GLU A 1 17  ? 17.029  -6.037  11.905  1.00 22.91 ? 50  GLU A CB  1 
ATOM   87   C CG  . GLU A 1 17  ? 16.258  -5.943  13.223  1.00 25.52 ? 50  GLU A CG  1 
ATOM   88   C CD  . GLU A 1 17  ? 16.653  -7.070  14.189  1.00 25.94 ? 50  GLU A CD  1 
ATOM   89   O OE1 . GLU A 1 17  ? 17.838  -7.127  14.593  1.00 31.83 ? 50  GLU A OE1 1 
ATOM   90   O OE2 . GLU A 1 17  ? 15.792  -7.894  14.533  1.00 28.86 ? 50  GLU A OE2 1 
ATOM   91   N N   . PRO A 1 18  ? 18.810  -4.399  9.681   1.00 24.03 ? 51  PRO A N   1 
ATOM   92   C CA  . PRO A 1 18  ? 19.710  -4.420  8.518   1.00 24.21 ? 51  PRO A CA  1 
ATOM   93   C C   . PRO A 1 18  ? 20.107  -5.837  8.089   1.00 24.14 ? 51  PRO A C   1 
ATOM   94   O O   . PRO A 1 18  ? 20.256  -6.090  6.901   1.00 24.22 ? 51  PRO A O   1 
ATOM   95   C CB  . PRO A 1 18  ? 20.938  -3.632  8.998   1.00 24.29 ? 51  PRO A CB  1 
ATOM   96   C CG  . PRO A 1 18  ? 20.446  -2.780  10.099  1.00 25.74 ? 51  PRO A CG  1 
ATOM   97   C CD  . PRO A 1 18  ? 19.337  -3.567  10.781  1.00 24.36 ? 51  PRO A CD  1 
ATOM   98   N N   . GLN A 1 19  ? 20.251  -6.745  9.055   1.00 24.23 ? 52  GLN A N   1 
ATOM   99   C CA  . GLN A 1 19  ? 20.678  -8.129  8.778   1.00 25.24 ? 52  GLN A CA  1 
ATOM   100  C C   . GLN A 1 19  ? 19.650  -8.902  7.956   1.00 25.18 ? 52  GLN A C   1 
ATOM   101  O O   . GLN A 1 19  ? 19.962  -9.961  7.380   1.00 24.58 ? 52  GLN A O   1 
ATOM   102  C CB  . GLN A 1 19  ? 20.967  -8.850  10.088  1.00 26.02 ? 52  GLN A CB  1 
ATOM   103  C CG  . GLN A 1 19  ? 19.715  -9.119  10.896  1.00 30.24 ? 52  GLN A CG  1 
ATOM   104  C CD  . GLN A 1 19  ? 19.980  -9.426  12.344  1.00 36.23 ? 52  GLN A CD  1 
ATOM   105  O OE1 . GLN A 1 19  ? 20.800  -10.284 12.662  1.00 40.28 ? 52  GLN A OE1 1 
ATOM   106  N NE2 . GLN A 1 19  ? 19.272  -8.736  13.237  1.00 37.63 ? 52  GLN A NE2 1 
ATOM   107  N N   . TYR A 1 20  ? 18.429  -8.361  7.896   1.00 23.61 ? 53  TYR A N   1 
ATOM   108  C CA  . TYR A 1 20  ? 17.349  -8.985  7.169   1.00 24.14 ? 53  TYR A CA  1 
ATOM   109  C C   . TYR A 1 20  ? 16.962  -8.223  5.909   1.00 23.90 ? 53  TYR A C   1 
ATOM   110  O O   . TYR A 1 20  ? 16.003  -8.610  5.253   1.00 23.96 ? 53  TYR A O   1 
ATOM   111  C CB  . TYR A 1 20  ? 16.132  -9.193  8.082   1.00 24.68 ? 53  TYR A CB  1 
ATOM   112  C CG  . TYR A 1 20  ? 16.407  -10.207 9.167   1.00 25.57 ? 53  TYR A CG  1 
ATOM   113  C CD1 . TYR A 1 20  ? 16.734  -11.516 8.830   1.00 26.71 ? 53  TYR A CD1 1 
ATOM   114  C CD2 . TYR A 1 20  ? 16.361  -9.857  10.513  1.00 25.27 ? 53  TYR A CD2 1 
ATOM   115  C CE1 . TYR A 1 20  ? 16.990  -12.466 9.805   1.00 29.63 ? 53  TYR A CE1 1 
ATOM   116  C CE2 . TYR A 1 20  ? 16.632  -10.792 11.515  1.00 27.53 ? 53  TYR A CE2 1 
ATOM   117  C CZ  . TYR A 1 20  ? 16.939  -12.098 11.147  1.00 28.86 ? 53  TYR A CZ  1 
ATOM   118  O OH  . TYR A 1 20  ? 17.196  -13.064 12.094  1.00 31.09 ? 53  TYR A OH  1 
ATOM   119  N N   . ILE A 1 21  ? 17.708  -7.163  5.574   1.00 24.07 ? 54  ILE A N   1 
ATOM   120  C CA  . ILE A 1 21  ? 17.457  -6.392  4.342   1.00 24.23 ? 54  ILE A CA  1 
ATOM   121  C C   . ILE A 1 21  ? 17.481  -7.278  3.075   1.00 23.63 ? 54  ILE A C   1 
ATOM   122  O O   . ILE A 1 21  ? 16.666  -7.080  2.167   1.00 22.93 ? 54  ILE A O   1 
ATOM   123  C CB  . ILE A 1 21  ? 18.395  -5.136  4.205   1.00 24.56 ? 54  ILE A CB  1 
ATOM   124  C CG1 . ILE A 1 21  ? 17.991  -4.037  5.214   1.00 24.78 ? 54  ILE A CG1 1 
ATOM   125  C CG2 . ILE A 1 21  ? 18.343  -4.572  2.787   1.00 27.34 ? 54  ILE A CG2 1 
ATOM   126  C CD1 . ILE A 1 21  ? 18.899  -2.738  5.200   1.00 26.30 ? 54  ILE A CD1 1 
ATOM   127  N N   . ALA A 1 22  ? 18.406  -8.244  3.019   1.00 22.93 ? 55  ALA A N   1 
ATOM   128  C CA  . ALA A 1 22  ? 18.501  -9.170  1.869   1.00 22.86 ? 55  ALA A CA  1 
ATOM   129  C C   . ALA A 1 22  ? 17.140  -9.818  1.578   1.00 21.53 ? 55  ALA A C   1 
ATOM   130  O O   . ALA A 1 22  ? 16.670  -9.820  0.444   1.00 22.49 ? 55  ALA A O   1 
ATOM   131  C CB  . ALA A 1 22  ? 19.546  -10.254 2.148   1.00 23.79 ? 55  ALA A CB  1 
ATOM   132  N N   . GLN A 1 23  ? 16.531  -10.389 2.614   1.00 20.64 ? 56  GLN A N   1 
ATOM   133  C CA  . GLN A 1 23  ? 15.246  -11.089 2.488   1.00 19.80 ? 56  GLN A CA  1 
ATOM   134  C C   . GLN A 1 23  ? 14.130  -10.142 2.032   1.00 19.51 ? 56  GLN A C   1 
ATOM   135  O O   . GLN A 1 23  ? 13.308  -10.473 1.166   1.00 18.30 ? 56  GLN A O   1 
ATOM   136  C CB  . GLN A 1 23  ? 14.877  -11.748 3.821   1.00 19.71 ? 56  GLN A CB  1 
ATOM   137  C CG  . GLN A 1 23  ? 13.509  -12.473 3.804   1.00 21.81 ? 56  GLN A CG  1 
ATOM   138  C CD  . GLN A 1 23  ? 13.414  -13.535 4.889   1.00 24.38 ? 56  GLN A CD  1 
ATOM   139  O OE1 . GLN A 1 23  ? 14.153  -13.499 5.880   1.00 22.12 ? 56  GLN A OE1 1 
ATOM   140  N NE2 . GLN A 1 23  ? 12.503  -14.493 4.697   1.00 22.81 ? 56  GLN A NE2 1 
ATOM   141  N N   . ALA A 1 24  ? 14.100  -8.959  2.631   1.00 20.16 ? 57  ALA A N   1 
ATOM   142  C CA  . ALA A 1 24  ? 13.163  -7.904  2.203   1.00 20.88 ? 57  ALA A CA  1 
ATOM   143  C C   . ALA A 1 24  ? 13.303  -7.533  0.718   1.00 20.98 ? 57  ALA A C   1 
ATOM   144  O O   . ALA A 1 24  ? 12.308  -7.383  0.012   1.00 21.29 ? 57  ALA A O   1 
ATOM   145  C CB  . ALA A 1 24  ? 13.318  -6.681  3.086   1.00 21.40 ? 57  ALA A CB  1 
ATOM   146  N N   . ILE A 1 25  ? 14.543  -7.409  0.243   1.00 19.56 ? 58  ILE A N   1 
ATOM   147  C CA  . ILE A 1 25  ? 14.796  -7.078  -1.149  1.00 19.87 ? 58  ILE A CA  1 
ATOM   148  C C   . ILE A 1 25  ? 14.284  -8.200  -2.049  1.00 19.15 ? 58  ILE A C   1 
ATOM   149  O O   . ILE A 1 25  ? 13.632  -7.931  -3.065  1.00 18.49 ? 58  ILE A O   1 
ATOM   150  C CB  . ILE A 1 25  ? 16.327  -6.817  -1.414  1.00 19.29 ? 58  ILE A CB  1 
ATOM   151  C CG1 . ILE A 1 25  ? 16.774  -5.518  -0.742  1.00 19.71 ? 58  ILE A CG1 1 
ATOM   152  C CG2 . ILE A 1 25  ? 16.638  -6.785  -2.941  1.00 20.74 ? 58  ILE A CG2 1 
ATOM   153  C CD1 . ILE A 1 25  ? 18.304  -5.399  -0.550  1.00 20.24 ? 58  ILE A CD1 1 
ATOM   154  N N   . ARG A 1 26  ? 14.577  -9.446  -1.666  1.00 19.83 ? 59  ARG A N   1 
ATOM   155  C CA  . ARG A 1 26  ? 14.192  -10.615 -2.464  1.00 20.20 ? 59  ARG A CA  1 
ATOM   156  C C   . ARG A 1 26  ? 12.662  -10.635 -2.636  1.00 20.28 ? 59  ARG A C   1 
ATOM   157  O O   . ARG A 1 26  ? 12.141  -10.735 -3.767  1.00 19.86 ? 59  ARG A O   1 
ATOM   158  C CB  . ARG A 1 26  ? 14.659  -11.922 -1.796  1.00 20.02 ? 59  ARG A CB  1 
ATOM   159  C CG  . ARG A 1 26  ? 14.281  -13.160 -2.642  1.00 19.85 ? 59  ARG A CG  1 
ATOM   160  C CD  . ARG A 1 26  ? 14.752  -14.451 -2.062  1.00 23.95 ? 59  ARG A CD  1 
ATOM   161  N NE  . ARG A 1 26  ? 14.036  -14.851 -0.853  1.00 24.71 ? 59  ARG A NE  1 
ATOM   162  C CZ  . ARG A 1 26  ? 14.548  -14.785 0.368   1.00 24.72 ? 59  ARG A CZ  1 
ATOM   163  N NH1 . ARG A 1 26  ? 15.786  -14.316 0.566   1.00 25.59 ? 59  ARG A NH1 1 
ATOM   164  N NH2 . ARG A 1 26  ? 13.829  -15.195 1.397   1.00 25.52 ? 59  ARG A NH2 1 
ATOM   165  N N   . LEU A 1 27  ? 11.963  -10.507 -1.502  1.00 19.96 ? 60  LEU A N   1 
ATOM   166  C CA  . LEU A 1 27  ? 10.492  -10.603 -1.475  1.00 20.73 ? 60  LEU A CA  1 
ATOM   167  C C   . LEU A 1 27  ? 9.809   -9.430  -2.181  1.00 20.87 ? 60  LEU A C   1 
ATOM   168  O O   . LEU A 1 27  ? 8.833   -9.614  -2.879  1.00 21.42 ? 60  LEU A O   1 
ATOM   169  C CB  . LEU A 1 27  ? 9.975   -10.814 -0.054  1.00 20.39 ? 60  LEU A CB  1 
ATOM   170  C CG  . LEU A 1 27  ? 10.440  -12.104 0.665   1.00 21.03 ? 60  LEU A CG  1 
ATOM   171  C CD1 . LEU A 1 27  ? 10.051  -12.119 2.152   1.00 23.15 ? 60  LEU A CD1 1 
ATOM   172  C CD2 . LEU A 1 27  ? 9.937   -13.398 -0.032  1.00 23.64 ? 60  LEU A CD2 1 
ATOM   173  N N   . THR A 1 28  ? 10.346  -8.228  -2.008  1.00 21.32 ? 61  THR A N   1 
ATOM   174  C CA  . THR A 1 28  ? 9.882   -7.049  -2.738  1.00 22.06 ? 61  THR A CA  1 
ATOM   175  C C   . THR A 1 28  ? 10.068  -7.269  -4.248  1.00 22.54 ? 61  THR A C   1 
ATOM   176  O O   . THR A 1 28  ? 9.146   -7.042  -5.030  1.00 22.80 ? 61  THR A O   1 
ATOM   177  C CB  . THR A 1 28  ? 10.626  -5.798  -2.220  1.00 21.43 ? 61  THR A CB  1 
ATOM   178  O OG1 . THR A 1 28  ? 10.288  -5.612  -0.837  1.00 22.32 ? 61  THR A OG1 1 
ATOM   179  C CG2 . THR A 1 28  ? 10.256  -4.532  -3.028  1.00 24.90 ? 61  THR A CG2 1 
ATOM   180  N N   . ASN A 1 29  ? 11.251  -7.747  -4.656  1.00 23.04 ? 62  ASN A N   1 
ATOM   181  C CA  . ASN A 1 29  ? 11.489  -8.091  -6.068  1.00 23.58 ? 62  ASN A CA  1 
ATOM   182  C C   . ASN A 1 29  ? 10.468  -9.089  -6.618  1.00 23.41 ? 62  ASN A C   1 
ATOM   183  O O   . ASN A 1 29  ? 9.996   -8.948  -7.746  1.00 23.82 ? 62  ASN A O   1 
ATOM   184  C CB  . ASN A 1 29  ? 12.906  -8.657  -6.279  1.00 24.02 ? 62  ASN A CB  1 
ATOM   185  C CG  . ASN A 1 29  ? 13.975  -7.583  -6.314  1.00 23.84 ? 62  ASN A CG  1 
ATOM   186  O OD1 . ASN A 1 29  ? 13.676  -6.388  -6.351  1.00 27.94 ? 62  ASN A OD1 1 
ATOM   187  N ND2 . ASN A 1 29  ? 15.241  -8.007  -6.324  1.00 23.14 ? 62  ASN A ND2 1 
ATOM   188  N N   . THR A 1 30  ? 10.132  -10.083 -5.803  1.00 23.45 ? 63  THR A N   1 
ATOM   189  C CA  . THR A 1 30  ? 9.236   -11.172 -6.206  1.00 23.70 ? 63  THR A CA  1 
ATOM   190  C C   . THR A 1 30  ? 7.835   -10.633 -6.524  1.00 22.65 ? 63  THR A C   1 
ATOM   191  O O   . THR A 1 30  ? 7.214   -11.036 -7.508  1.00 22.16 ? 63  THR A O   1 
ATOM   192  C CB  . THR A 1 30  ? 9.195   -12.273 -5.129  1.00 23.41 ? 63  THR A CB  1 
ATOM   193  O OG1 . THR A 1 30  ? 10.508  -12.820 -4.979  1.00 26.32 ? 63  THR A OG1 1 
ATOM   194  C CG2 . THR A 1 30  ? 8.257   -13.405 -5.528  1.00 27.12 ? 63  THR A CG2 1 
ATOM   195  N N   . PHE A 1 31  ? 7.367   -9.690  -5.708  1.00 22.10 ? 64  PHE A N   1 
ATOM   196  C CA  . PHE A 1 31  ? 6.063   -9.070  -5.938  1.00 22.82 ? 64  PHE A CA  1 
ATOM   197  C C   . PHE A 1 31  ? 5.937   -8.076  -7.083  1.00 23.00 ? 64  PHE A C   1 
ATOM   198  O O   . PHE A 1 31  ? 4.820   -7.729  -7.461  1.00 23.11 ? 64  PHE A O   1 
ATOM   199  C CB  . PHE A 1 31  ? 5.456   -8.537  -4.642  1.00 22.08 ? 64  PHE A CB  1 
ATOM   200  C CG  . PHE A 1 31  ? 4.948   -9.617  -3.774  1.00 21.33 ? 64  PHE A CG  1 
ATOM   201  C CD1 . PHE A 1 31  ? 5.727   -10.116 -2.736  1.00 20.37 ? 64  PHE A CD1 1 
ATOM   202  C CD2 . PHE A 1 31  ? 3.708   -10.211 -4.048  1.00 20.51 ? 64  PHE A CD2 1 
ATOM   203  C CE1 . PHE A 1 31  ? 5.260   -11.180 -1.961  1.00 23.82 ? 64  PHE A CE1 1 
ATOM   204  C CE2 . PHE A 1 31  ? 3.241   -11.253 -3.293  1.00 22.18 ? 64  PHE A CE2 1 
ATOM   205  C CZ  . PHE A 1 31  ? 4.003   -11.741 -2.236  1.00 23.23 ? 64  PHE A CZ  1 
ATOM   206  N N   . GLN A 1 32  ? 7.057   -7.636  -7.656  1.00 23.78 ? 65  GLN A N   1 
ATOM   207  C CA  . GLN A 1 32  ? 7.016   -6.904  -8.938  1.00 24.35 ? 65  GLN A CA  1 
ATOM   208  C C   . GLN A 1 32  ? 6.222   -7.682  -9.999  1.00 24.63 ? 65  GLN A C   1 
ATOM   209  O O   . GLN A 1 32  ? 5.549   -7.084  -10.852 1.00 24.42 ? 65  GLN A O   1 
ATOM   210  C CB  . GLN A 1 32  ? 8.422   -6.589  -9.454  1.00 25.41 ? 65  GLN A CB  1 
ATOM   211  C CG  . GLN A 1 32  ? 9.300   -5.770  -8.490  1.00 27.59 ? 65  GLN A CG  1 
ATOM   212  C CD  . GLN A 1 32  ? 8.738   -4.389  -8.157  1.00 31.82 ? 65  GLN A CD  1 
ATOM   213  O OE1 . GLN A 1 32  ? 7.918   -3.825  -8.906  1.00 33.34 ? 65  GLN A OE1 1 
ATOM   214  N NE2 . GLN A 1 32  ? 9.190   -3.827  -7.027  1.00 31.49 ? 65  GLN A NE2 1 
ATOM   215  N N   . GLY A 1 33  ? 6.277   -9.011  -9.906  1.00 23.77 ? 66  GLY A N   1 
ATOM   216  C CA  . GLY A 1 33  ? 5.559   -9.914  -10.815 1.00 24.31 ? 66  GLY A CA  1 
ATOM   217  C C   . GLY A 1 33  ? 4.039   -9.778  -10.806 1.00 24.45 ? 66  GLY A C   1 
ATOM   218  O O   . GLY A 1 33  ? 3.365   -10.241 -11.739 1.00 24.40 ? 66  GLY A O   1 
ATOM   219  N N   . ALA A 1 34  ? 3.483   -9.149  -9.767  1.00 23.79 ? 67  ALA A N   1 
ATOM   220  C CA  . ALA A 1 34  ? 2.024   -8.911  -9.718  1.00 23.79 ? 67  ALA A CA  1 
ATOM   221  C C   . ALA A 1 34  ? 1.548   -7.623  -10.425 1.00 24.58 ? 67  ALA A C   1 
ATOM   222  O O   . ALA A 1 34  ? 0.342   -7.330  -10.452 1.00 25.73 ? 67  ALA A O   1 
ATOM   223  C CB  . ALA A 1 34  ? 1.538   -8.928  -8.289  1.00 23.82 ? 67  ALA A CB  1 
ATOM   224  N N   . ILE A 1 35  ? 2.479   -6.854  -10.974 1.00 24.73 ? 68  ILE A N   1 
ATOM   225  C CA  . ILE A 1 35  ? 2.153   -5.598  -11.687 1.00 25.77 ? 68  ILE A CA  1 
ATOM   226  C C   . ILE A 1 35  ? 1.817   -5.882  -13.162 1.00 26.56 ? 68  ILE A C   1 
ATOM   227  O O   . ILE A 1 35  ? 2.617   -6.508  -13.866 1.00 25.89 ? 68  ILE A O   1 
ATOM   228  C CB  . ILE A 1 35  ? 3.315   -4.577  -11.571 1.00 25.96 ? 68  ILE A CB  1 
ATOM   229  C CG1 . ILE A 1 35  ? 3.560   -4.164  -10.103 1.00 25.20 ? 68  ILE A CG1 1 
ATOM   230  C CG2 . ILE A 1 35  ? 3.094   -3.338  -12.464 1.00 25.04 ? 68  ILE A CG2 1 
ATOM   231  C CD1 . ILE A 1 35  ? 2.310   -3.732  -9.378  1.00 25.66 ? 68  ILE A CD1 1 
ATOM   232  N N   . ASP A 1 36  ? 0.630   -5.461  -13.617 1.00 27.78 ? 69  ASP A N   1 
ATOM   233  C CA  . ASP A 1 36  ? 0.289   -5.574  -15.057 1.00 29.00 ? 69  ASP A CA  1 
ATOM   234  C C   . ASP A 1 36  ? 1.250   -4.715  -15.884 1.00 29.70 ? 69  ASP A C   1 
ATOM   235  O O   . ASP A 1 36  ? 1.464   -3.534  -15.574 1.00 29.18 ? 69  ASP A O   1 
ATOM   236  C CB  . ASP A 1 36  ? -1.160  -5.143  -15.324 1.00 29.58 ? 69  ASP A CB  1 
ATOM   237  C CG  . ASP A 1 36  ? -1.597  -5.382  -16.770 1.00 31.95 ? 69  ASP A CG  1 
ATOM   238  O OD1 . ASP A 1 36  ? -1.305  -4.544  -17.668 1.00 32.47 ? 69  ASP A OD1 1 
ATOM   239  O OD2 . ASP A 1 36  ? -2.245  -6.428  -17.008 1.00 34.17 ? 69  ASP A OD2 1 
ATOM   240  N N   . PRO A 1 37  ? 1.831   -5.290  -16.959 1.00 30.70 ? 70  PRO A N   1 
ATOM   241  C CA  . PRO A 1 37  ? 2.867   -4.554  -17.709 1.00 31.32 ? 70  PRO A CA  1 
ATOM   242  C C   . PRO A 1 37  ? 2.345   -3.319  -18.449 1.00 31.17 ? 70  PRO A C   1 
ATOM   243  O O   . PRO A 1 37  ? 3.137   -2.419  -18.793 1.00 32.37 ? 70  PRO A O   1 
ATOM   244  C CB  . PRO A 1 37  ? 3.386   -5.602  -18.709 1.00 31.54 ? 70  PRO A CB  1 
ATOM   245  C CG  . PRO A 1 37  ? 2.200   -6.514  -18.934 1.00 32.04 ? 70  PRO A CG  1 
ATOM   246  C CD  . PRO A 1 37  ? 1.564   -6.617  -17.545 1.00 31.37 ? 70  PRO A CD  1 
ATOM   247  N N   . LEU A 1 38  ? 1.036   -3.252  -18.673 1.00 30.21 ? 71  LEU A N   1 
ATOM   248  C CA  . LEU A 1 38  ? 0.464   -2.158  -19.456 1.00 29.24 ? 71  LEU A CA  1 
ATOM   249  C C   . LEU A 1 38  ? -0.233  -1.092  -18.624 1.00 29.73 ? 71  LEU A C   1 
ATOM   250  O O   . LEU A 1 38  ? 0.030   0.096   -18.812 1.00 30.06 ? 71  LEU A O   1 
ATOM   251  C CB  . LEU A 1 38  ? -0.491  -2.695  -20.522 1.00 28.87 ? 71  LEU A CB  1 
ATOM   252  C CG  . LEU A 1 38  ? 0.151   -3.556  -21.611 1.00 26.45 ? 71  LEU A CG  1 
ATOM   253  C CD1 . LEU A 1 38  ? -0.922  -4.034  -22.592 1.00 28.82 ? 71  LEU A CD1 1 
ATOM   254  C CD2 . LEU A 1 38  ? 1.260   -2.793  -22.342 1.00 25.83 ? 71  LEU A CD2 1 
ATOM   255  N N   . THR A 1 39  ? -1.159  -1.513  -17.761 1.00 28.86 ? 72  THR A N   1 
ATOM   256  C CA  . THR A 1 39  ? -1.922  -0.569  -16.926 1.00 28.80 ? 72  THR A CA  1 
ATOM   257  C C   . THR A 1 39  ? -1.100  -0.165  -15.718 1.00 28.70 ? 72  THR A C   1 
ATOM   258  O O   . THR A 1 39  ? -1.342  0.899   -15.110 1.00 28.14 ? 72  THR A O   1 
ATOM   259  C CB  . THR A 1 39  ? -3.205  -1.205  -16.387 1.00 29.20 ? 72  THR A CB  1 
ATOM   260  O OG1 . THR A 1 39  ? -2.847  -2.312  -15.544 1.00 29.48 ? 72  THR A OG1 1 
ATOM   261  C CG2 . THR A 1 39  ? -4.115  -1.687  -17.536 1.00 27.92 ? 72  THR A CG2 1 
ATOM   262  N N   . LEU A 1 40  ? -0.149  -1.042  -15.364 1.00 28.33 ? 73  LEU A N   1 
ATOM   263  C CA  . LEU A 1 40  ? 0.653   -0.919  -14.139 1.00 27.90 ? 73  LEU A CA  1 
ATOM   264  C C   . LEU A 1 40  ? -0.200  -1.043  -12.896 1.00 27.56 ? 73  LEU A C   1 
ATOM   265  O O   . LEU A 1 40  ? 0.210   -0.623  -11.811 1.00 27.39 ? 73  LEU A O   1 
ATOM   266  C CB  . LEU A 1 40  ? 1.444   0.390   -14.117 1.00 27.82 ? 73  LEU A CB  1 
ATOM   267  C CG  . LEU A 1 40  ? 2.373   0.562   -15.320 1.00 28.00 ? 73  LEU A CG  1 
ATOM   268  C CD1 . LEU A 1 40  ? 2.995   1.935   -15.280 1.00 30.28 ? 73  LEU A CD1 1 
ATOM   269  C CD2 . LEU A 1 40  ? 3.438   -0.535  -15.292 1.00 28.54 ? 73  LEU A CD2 1 
ATOM   270  N N   . ASN A 1 41  ? -1.392  -1.615  -13.049 1.00 27.42 ? 74  ASN A N   1 
ATOM   271  C CA  . ASN A 1 41  ? -2.199  -1.948  -11.890 1.00 26.94 ? 74  ASN A CA  1 
ATOM   272  C C   . ASN A 1 41  ? -1.574  -3.161  -11.181 1.00 26.40 ? 74  ASN A C   1 
ATOM   273  O O   . ASN A 1 41  ? -0.709  -3.848  -11.733 1.00 24.85 ? 74  ASN A O   1 
ATOM   274  C CB  . ASN A 1 41  ? -3.655  -2.227  -12.292 1.00 27.64 ? 74  ASN A CB  1 
ATOM   275  C CG  . ASN A 1 41  ? -4.667  -2.039  -11.131 1.00 28.63 ? 74  ASN A CG  1 
ATOM   276  O OD1 . ASN A 1 41  ? -4.329  -1.591  -10.029 1.00 29.49 ? 74  ASN A OD1 1 
ATOM   277  N ND2 . ASN A 1 41  ? -5.924  -2.394  -11.398 1.00 30.28 ? 74  ASN A ND2 1 
ATOM   278  N N   . PHE A 1 42  ? -2.021  -3.388  -9.947  1.00 25.08 ? 75  PHE A N   1 
ATOM   279  C CA  . PHE A 1 42  ? -1.648  -4.548  -9.145  1.00 24.25 ? 75  PHE A CA  1 
ATOM   280  C C   . PHE A 1 42  ? -2.683  -5.630  -9.403  1.00 23.76 ? 75  PHE A C   1 
ATOM   281  O O   . PHE A 1 42  ? -3.900  -5.369  -9.370  1.00 24.64 ? 75  PHE A O   1 
ATOM   282  C CB  . PHE A 1 42  ? -1.651  -4.107  -7.682  1.00 23.29 ? 75  PHE A CB  1 
ATOM   283  C CG  . PHE A 1 42  ? -1.297  -5.189  -6.689  1.00 21.48 ? 75  PHE A CG  1 
ATOM   284  C CD1 . PHE A 1 42  ? 0.020   -5.544  -6.454  1.00 21.39 ? 75  PHE A CD1 1 
ATOM   285  C CD2 . PHE A 1 42  ? -2.301  -5.809  -5.956  1.00 24.24 ? 75  PHE A CD2 1 
ATOM   286  C CE1 . PHE A 1 42  ? 0.340   -6.539  -5.488  1.00 19.56 ? 75  PHE A CE1 1 
ATOM   287  C CE2 . PHE A 1 42  ? -1.995  -6.792  -5.023  1.00 21.78 ? 75  PHE A CE2 1 
ATOM   288  C CZ  . PHE A 1 42  ? -0.672  -7.142  -4.790  1.00 20.95 ? 75  PHE A CZ  1 
ATOM   289  N N   . ASN A 1 43  ? -2.209  -6.829  -9.720  1.00 23.40 ? 76  ASN A N   1 
ATOM   290  C CA  . ASN A 1 43  ? -3.083  -7.953  -9.980  1.00 22.61 ? 76  ASN A CA  1 
ATOM   291  C C   . ASN A 1 43  ? -3.156  -8.851  -8.738  1.00 21.71 ? 76  ASN A C   1 
ATOM   292  O O   . ASN A 1 43  ? -2.180  -9.533  -8.381  1.00 21.55 ? 76  ASN A O   1 
ATOM   293  C CB  . ASN A 1 43  ? -2.602  -8.712  -11.240 1.00 23.22 ? 76  ASN A CB  1 
ATOM   294  C CG  . ASN A 1 43  ? -3.597  -9.766  -11.714 1.00 25.87 ? 76  ASN A CG  1 
ATOM   295  O OD1 . ASN A 1 43  ? -3.930  -10.688 -10.998 1.00 25.85 ? 76  ASN A OD1 1 
ATOM   296  N ND2 . ASN A 1 43  ? -4.044  -9.636  -12.953 1.00 30.17 ? 76  ASN A ND2 1 
ATOM   297  N N   . PHE A 1 44  ? -4.303  -8.820  -8.074  1.00 21.45 ? 77  PHE A N   1 
ATOM   298  C CA  . PHE A 1 44  ? -4.543  -9.595  -6.836  1.00 20.90 ? 77  PHE A CA  1 
ATOM   299  C C   . PHE A 1 44  ? -4.358  -11.099 -7.038  1.00 20.62 ? 77  PHE A C   1 
ATOM   300  O O   . PHE A 1 44  ? -3.725  -11.800 -6.213  1.00 19.14 ? 77  PHE A O   1 
ATOM   301  C CB  . PHE A 1 44  ? -5.961  -9.292  -6.339  1.00 21.40 ? 77  PHE A CB  1 
ATOM   302  C CG  . PHE A 1 44  ? -6.285  -9.875  -4.984  1.00 20.73 ? 77  PHE A CG  1 
ATOM   303  C CD1 . PHE A 1 44  ? -5.579  -9.478  -3.852  1.00 21.40 ? 77  PHE A CD1 1 
ATOM   304  C CD2 . PHE A 1 44  ? -7.337  -10.784 -4.848  1.00 21.47 ? 77  PHE A CD2 1 
ATOM   305  C CE1 . PHE A 1 44  ? -5.891  -10.001 -2.610  1.00 20.73 ? 77  PHE A CE1 1 
ATOM   306  C CE2 . PHE A 1 44  ? -7.665  -11.319 -3.630  1.00 22.68 ? 77  PHE A CE2 1 
ATOM   307  C CZ  . PHE A 1 44  ? -6.944  -10.919 -2.489  1.00 21.94 ? 77  PHE A CZ  1 
ATOM   308  N N   . GLU A 1 45  ? -4.930  -11.602 -8.134  1.00 20.08 ? 78  GLU A N   1 
ATOM   309  C CA  . GLU A 1 45  ? -4.871  -13.023 -8.433  1.00 20.97 ? 78  GLU A CA  1 
ATOM   310  C C   . GLU A 1 45  ? -3.409  -13.432 -8.587  1.00 19.99 ? 78  GLU A C   1 
ATOM   311  O O   . GLU A 1 45  ? -2.986  -14.439 -8.045  1.00 20.34 ? 78  GLU A O   1 
ATOM   312  C CB  . GLU A 1 45  ? -5.641  -13.323 -9.718  1.00 20.35 ? 78  GLU A CB  1 
ATOM   313  C CG  . GLU A 1 45  ? -5.479  -14.763 -10.206 1.00 21.67 ? 78  GLU A CG  1 
ATOM   314  C CD  . GLU A 1 45  ? -6.015  -14.998 -11.628 1.00 22.73 ? 78  GLU A CD  1 
ATOM   315  O OE1 . GLU A 1 45  ? -6.511  -14.054 -12.267 1.00 25.26 ? 78  GLU A OE1 1 
ATOM   316  O OE2 . GLU A 1 45  ? -5.918  -16.151 -12.114 1.00 26.89 ? 78  GLU A OE2 1 
ATOM   317  N N   . LYS A 1 46  ? -2.653  -12.640 -9.346  1.00 20.68 ? 79  LYS A N   1 
ATOM   318  C CA  . LYS A 1 46  ? -1.222  -12.930 -9.534  1.00 21.45 ? 79  LYS A CA  1 
ATOM   319  C C   . LYS A 1 46  ? -0.426  -12.820 -8.229  1.00 20.49 ? 79  LYS A C   1 
ATOM   320  O O   . LYS A 1 46  ? 0.475   -13.637 -7.965  1.00 21.12 ? 79  LYS A O   1 
ATOM   321  C CB  . LYS A 1 46  ? -0.629  -12.005 -10.616 1.00 21.79 ? 79  LYS A CB  1 
ATOM   322  C CG  . LYS A 1 46  ? 0.879   -12.200 -10.868 1.00 24.83 ? 79  LYS A CG  1 
ATOM   323  C CD  . LYS A 1 46  ? 1.171   -13.453 -11.684 1.00 29.36 ? 79  LYS A CD  1 
ATOM   324  C CE  . LYS A 1 46  ? 2.676   -13.598 -11.947 1.00 27.75 ? 79  LYS A CE  1 
ATOM   325  N NZ  . LYS A 1 46  ? 2.971   -14.927 -12.548 1.00 32.19 ? 79  LYS A NZ  1 
ATOM   326  N N   . ALA A 1 47  ? -0.730  -11.802 -7.423  1.00 19.57 ? 80  ALA A N   1 
ATOM   327  C CA  . ALA A 1 47  ? -0.068  -11.658 -6.124  1.00 18.77 ? 80  ALA A CA  1 
ATOM   328  C C   . ALA A 1 47  ? -0.323  -12.882 -5.243  1.00 18.90 ? 80  ALA A C   1 
ATOM   329  O O   . ALA A 1 47  ? 0.580   -13.381 -4.588  1.00 18.15 ? 80  ALA A O   1 
ATOM   330  C CB  . ALA A 1 47  ? -0.500  -10.367 -5.417  1.00 18.17 ? 80  ALA A CB  1 
ATOM   331  N N   . LEU A 1 48  ? -1.552  -13.396 -5.254  1.00 19.74 ? 81  LEU A N   1 
ATOM   332  C CA  . LEU A 1 48  ? -1.842  -14.633 -4.539  1.00 19.91 ? 81  LEU A CA  1 
ATOM   333  C C   . LEU A 1 48  ? -1.122  -15.861 -5.116  1.00 20.51 ? 81  LEU A C   1 
ATOM   334  O O   . LEU A 1 48  ? -0.678  -16.722 -4.372  1.00 20.67 ? 81  LEU A O   1 
ATOM   335  C CB  . LEU A 1 48  ? -3.347  -14.871 -4.442  1.00 20.95 ? 81  LEU A CB  1 
ATOM   336  C CG  . LEU A 1 48  ? -4.044  -13.979 -3.405  1.00 20.73 ? 81  LEU A CG  1 
ATOM   337  C CD1 . LEU A 1 48  ? -5.528  -14.143 -3.505  1.00 22.89 ? 81  LEU A CD1 1 
ATOM   338  C CD2 . LEU A 1 48  ? -3.579  -14.368 -1.987  1.00 23.55 ? 81  LEU A CD2 1 
ATOM   339  N N   . GLN A 1 49  ? -1.000  -15.939 -6.434  1.00 21.97 ? 82  GLN A N   1 
ATOM   340  C CA  . GLN A 1 49  ? -0.209  -17.026 -7.043  1.00 23.67 ? 82  GLN A CA  1 
ATOM   341  C C   . GLN A 1 49  ? 1.242   -16.946 -6.546  1.00 22.79 ? 82  GLN A C   1 
ATOM   342  O O   . GLN A 1 49  ? 1.835   -17.948 -6.156  1.00 23.04 ? 82  GLN A O   1 
ATOM   343  C CB  . GLN A 1 49  ? -0.242  -16.941 -8.565  1.00 24.18 ? 82  GLN A CB  1 
ATOM   344  C CG  . GLN A 1 49  ? -1.619  -17.178 -9.195  1.00 31.14 ? 82  GLN A CG  1 
ATOM   345  C CD  . GLN A 1 49  ? -2.126  -18.612 -9.008  1.00 36.26 ? 82  GLN A CD  1 
ATOM   346  O OE1 . GLN A 1 49  ? -1.423  -19.590 -9.299  1.00 42.11 ? 82  GLN A OE1 1 
ATOM   347  N NE2 . GLN A 1 49  ? -3.341  -18.738 -8.516  1.00 39.30 ? 82  GLN A NE2 1 
ATOM   348  N N   . ILE A 1 50  ? 1.797   -15.743 -6.543  1.00 22.06 ? 83  ILE A N   1 
ATOM   349  C CA  . ILE A 1 50  ? 3.176   -15.526 -6.095  1.00 22.25 ? 83  ILE A CA  1 
ATOM   350  C C   . ILE A 1 50  ? 3.349   -15.941 -4.620  1.00 22.74 ? 83  ILE A C   1 
ATOM   351  O O   . ILE A 1 50  ? 4.265   -16.698 -4.286  1.00 23.20 ? 83  ILE A O   1 
ATOM   352  C CB  . ILE A 1 50  ? 3.614   -14.069 -6.323  1.00 21.63 ? 83  ILE A CB  1 
ATOM   353  C CG1 . ILE A 1 50  ? 3.818   -13.803 -7.824  1.00 22.72 ? 83  ILE A CG1 1 
ATOM   354  C CG2 . ILE A 1 50  ? 4.879   -13.744 -5.528  1.00 21.10 ? 83  ILE A CG2 1 
ATOM   355  C CD1 . ILE A 1 50  ? 3.948   -12.314 -8.196  1.00 22.63 ? 83  ILE A CD1 1 
ATOM   356  N N   . ALA A 1 51  ? 2.446   -15.471 -3.763  1.00 22.53 ? 84  ALA A N   1 
ATOM   357  C CA  . ALA A 1 51  ? 2.426   -15.863 -2.356  1.00 23.70 ? 84  ALA A CA  1 
ATOM   358  C C   . ALA A 1 51  ? 2.391   -17.396 -2.192  1.00 23.97 ? 84  ALA A C   1 
ATOM   359  O O   . ALA A 1 51  ? 3.147   -17.953 -1.391  1.00 24.05 ? 84  ALA A O   1 
ATOM   360  C CB  . ALA A 1 51  ? 1.284   -15.185 -1.618  1.00 23.56 ? 84  ALA A CB  1 
ATOM   361  N N   . ASN A 1 52  ? 1.549   -18.062 -2.987  1.00 23.93 ? 85  ASN A N   1 
ATOM   362  C CA  . ASN A 1 52  ? 1.438   -19.522 -2.997  1.00 23.67 ? 85  ASN A CA  1 
ATOM   363  C C   . ASN A 1 52  ? 2.738   -20.231 -3.338  1.00 24.53 ? 85  ASN A C   1 
ATOM   364  O O   . ASN A 1 52  ? 2.974   -21.371 -2.887  1.00 25.49 ? 85  ASN A O   1 
ATOM   365  C CB  . ASN A 1 52  ? 0.372   -19.992 -4.020  1.00 23.36 ? 85  ASN A CB  1 
ATOM   366  C CG  . ASN A 1 52  ? -0.054  -21.450 -3.794  1.00 22.35 ? 85  ASN A CG  1 
ATOM   367  O OD1 . ASN A 1 52  ? -0.365  -21.833 -2.672  1.00 25.39 ? 85  ASN A OD1 1 
ATOM   368  N ND2 . ASN A 1 52  ? -0.085  -22.253 -4.874  1.00 21.87 ? 85  ASN A ND2 1 
ATOM   369  N N   . GLY A 1 53  ? 3.568   -19.595 -4.160  1.00 23.36 ? 86  GLY A N   1 
ATOM   370  C CA  . GLY A 1 53  ? 4.821   -20.228 -4.582  1.00 23.08 ? 86  GLY A CA  1 
ATOM   371  C C   . GLY A 1 53  ? 5.964   -20.048 -3.604  1.00 22.97 ? 86  GLY A C   1 
ATOM   372  O O   . GLY A 1 53  ? 7.037   -20.659 -3.777  1.00 22.84 ? 86  GLY A O   1 
ATOM   373  N N   . LEU A 1 54  ? 5.772   -19.216 -2.582  1.00 22.09 ? 87  LEU A N   1 
ATOM   374  C CA  . LEU A 1 54  ? 6.892   -18.903 -1.691  1.00 22.51 ? 87  LEU A CA  1 
ATOM   375  C C   . LEU A 1 54  ? 7.151   -20.016 -0.686  1.00 22.26 ? 87  LEU A C   1 
ATOM   376  O O   . LEU A 1 54  ? 6.201   -20.534 -0.096  1.00 20.99 ? 87  LEU A O   1 
ATOM   377  C CB  . LEU A 1 54  ? 6.657   -17.587 -0.952  1.00 22.06 ? 87  LEU A CB  1 
ATOM   378  C CG  . LEU A 1 54  ? 6.700   -16.288 -1.758  1.00 22.32 ? 87  LEU A CG  1 
ATOM   379  C CD1 . LEU A 1 54  ? 6.157   -15.190 -0.832  1.00 23.44 ? 87  LEU A CD1 1 
ATOM   380  C CD2 . LEU A 1 54  ? 8.125   -15.932 -2.239  1.00 23.50 ? 87  LEU A CD2 1 
ATOM   381  N N   . PRO A 1 55  ? 8.440   -20.377 -0.475  1.00 22.14 ? 88  PRO A N   1 
ATOM   382  C CA  . PRO A 1 55  ? 8.741   -21.403 0.524   1.00 22.09 ? 88  PRO A CA  1 
ATOM   383  C C   . PRO A 1 55  ? 8.543   -20.910 1.956   1.00 22.13 ? 88  PRO A C   1 
ATOM   384  O O   . PRO A 1 55  ? 8.712   -19.703 2.228   1.00 21.70 ? 88  PRO A O   1 
ATOM   385  C CB  . PRO A 1 55  ? 10.231  -21.703 0.283   1.00 22.76 ? 88  PRO A CB  1 
ATOM   386  C CG  . PRO A 1 55  ? 10.785  -20.468 -0.310  1.00 23.54 ? 88  PRO A CG  1 
ATOM   387  C CD  . PRO A 1 55  ? 9.660   -19.874 -1.141  1.00 22.08 ? 88  PRO A CD  1 
ATOM   388  N N   . ASN A 1 56  ? 8.196   -21.823 2.863   1.00 21.29 ? 89  ASN A N   1 
ATOM   389  C CA  . ASN A 1 56  ? 8.124   -21.492 4.293   1.00 21.78 ? 89  ASN A CA  1 
ATOM   390  C C   . ASN A 1 56  ? 7.260   -20.245 4.559   1.00 21.17 ? 89  ASN A C   1 
ATOM   391  O O   . ASN A 1 56  ? 7.631   -19.392 5.355   1.00 20.16 ? 89  ASN A O   1 
ATOM   392  C CB  . ASN A 1 56  ? 9.539   -21.249 4.835   1.00 21.66 ? 89  ASN A CB  1 
ATOM   393  C CG  . ASN A 1 56  ? 10.486  -22.413 4.547   1.00 23.94 ? 89  ASN A CG  1 
ATOM   394  O OD1 . ASN A 1 56  ? 11.465  -22.266 3.817   1.00 27.66 ? 89  ASN A OD1 1 
ATOM   395  N ND2 . ASN A 1 56  ? 10.179  -23.574 5.111   1.00 22.65 ? 89  ASN A ND2 1 
ATOM   396  N N   . ALA A 1 57  ? 6.139   -20.137 3.855   1.00 20.58 ? 90  ALA A N   1 
ATOM   397  C CA  . ALA A 1 57  ? 5.370   -18.904 3.864   1.00 21.15 ? 90  ALA A CA  1 
ATOM   398  C C   . ALA A 1 57  ? 3.883   -19.168 4.057   1.00 21.61 ? 90  ALA A C   1 
ATOM   399  O O   . ALA A 1 57  ? 3.400   -20.266 3.753   1.00 22.67 ? 90  ALA A O   1 
ATOM   400  C CB  . ALA A 1 57  ? 5.636   -18.106 2.582   1.00 19.98 ? 90  ALA A CB  1 
ATOM   401  N N   . GLY A 1 58  ? 3.161   -18.171 4.560   1.00 20.55 ? 91  GLY A N   1 
ATOM   402  C CA  . GLY A 1 58  ? 1.704   -18.260 4.645   1.00 20.17 ? 91  GLY A CA  1 
ATOM   403  C C   . GLY A 1 58  ? 1.072   -16.886 4.534   1.00 19.68 ? 91  GLY A C   1 
ATOM   404  O O   . GLY A 1 58  ? 1.690   -15.876 4.900   1.00 19.45 ? 91  GLY A O   1 
ATOM   405  N N   . VAL A 1 59  ? -0.185  -16.860 4.100   1.00 18.11 ? 92  VAL A N   1 
ATOM   406  C CA  . VAL A 1 59  ? -0.905  -15.601 3.955   1.00 17.28 ? 92  VAL A CA  1 
ATOM   407  C C   . VAL A 1 59  ? -1.730  -15.378 5.218   1.00 17.79 ? 92  VAL A C   1 
ATOM   408  O O   . VAL A 1 59  ? -2.534  -16.234 5.604   1.00 17.27 ? 92  VAL A O   1 
ATOM   409  C CB  . VAL A 1 59  ? -1.783  -15.577 2.673   1.00 16.41 ? 92  VAL A CB  1 
ATOM   410  C CG1 . VAL A 1 59  ? -2.641  -14.299 2.582   1.00 16.90 ? 92  VAL A CG1 1 
ATOM   411  C CG2 . VAL A 1 59  ? -0.909  -15.752 1.420   1.00 20.34 ? 92  VAL A CG2 1 
ATOM   412  N N   . THR A 1 60  ? -1.529  -14.230 5.853   1.00 17.32 ? 93  THR A N   1 
ATOM   413  C CA  . THR A 1 60  ? -2.210  -13.889 7.111   1.00 18.05 ? 93  THR A CA  1 
ATOM   414  C C   . THR A 1 60  ? -3.385  -12.902 6.973   1.00 19.09 ? 93  THR A C   1 
ATOM   415  O O   . THR A 1 60  ? -4.067  -12.565 7.970   1.00 19.42 ? 93  THR A O   1 
ATOM   416  C CB  . THR A 1 60  ? -1.217  -13.307 8.100   1.00 17.97 ? 93  THR A CB  1 
ATOM   417  O OG1 . THR A 1 60  ? -0.570  -12.166 7.511   1.00 19.68 ? 93  THR A OG1 1 
ATOM   418  C CG2 . THR A 1 60  ? -0.143  -14.378 8.441   1.00 18.58 ? 93  THR A CG2 1 
ATOM   419  N N   . GLY A 1 61  ? -3.592  -12.405 5.762   1.00 18.48 ? 94  GLY A N   1 
ATOM   420  C CA  . GLY A 1 61  ? -4.696  -11.493 5.517   1.00 18.22 ? 94  GLY A CA  1 
ATOM   421  C C   . GLY A 1 61  ? -4.765  -11.058 4.072   1.00 18.18 ? 94  GLY A C   1 
ATOM   422  O O   . GLY A 1 61  ? -3.741  -10.989 3.385   1.00 18.31 ? 94  GLY A O   1 
ATOM   423  N N   . THR A 1 62  ? -5.982  -10.765 3.604   1.00 18.31 ? 95  THR A N   1 
ATOM   424  C CA  . THR A 1 62  ? -6.176  -10.251 2.261   1.00 18.47 ? 95  THR A CA  1 
ATOM   425  C C   . THR A 1 62  ? -7.358  -9.297  2.263   1.00 19.20 ? 95  THR A C   1 
ATOM   426  O O   . THR A 1 62  ? -8.207  -9.336  3.170   1.00 19.15 ? 95  THR A O   1 
ATOM   427  C CB  . THR A 1 62  ? -6.541  -11.362 1.205   1.00 19.31 ? 95  THR A CB  1 
ATOM   428  O OG1 . THR A 1 62  ? -7.833  -11.911 1.518   1.00 20.20 ? 95  THR A OG1 1 
ATOM   429  C CG2 . THR A 1 62  ? -5.502  -12.482 1.121   1.00 18.98 ? 95  THR A CG2 1 
ATOM   430  N N   . ILE A 1 63  ? -7.386  -8.447  1.239   1.00 18.70 ? 96  ILE A N   1 
ATOM   431  C CA  . ILE A 1 63  ? -8.559  -7.635  0.902   1.00 19.05 ? 96  ILE A CA  1 
ATOM   432  C C   . ILE A 1 63  ? -8.543  -7.361  -0.601  1.00 18.20 ? 96  ILE A C   1 
ATOM   433  O O   . ILE A 1 63  ? -7.493  -7.219  -1.211  1.00 19.03 ? 96  ILE A O   1 
ATOM   434  C CB  . ILE A 1 63  ? -8.617  -6.298  1.677   1.00 18.23 ? 96  ILE A CB  1 
ATOM   435  C CG1 . ILE A 1 63  ? -9.962  -5.601  1.410   1.00 18.98 ? 96  ILE A CG1 1 
ATOM   436  C CG2 . ILE A 1 63  ? -7.429  -5.403  1.276   1.00 17.77 ? 96  ILE A CG2 1 
ATOM   437  C CD1 . ILE A 1 63  ? -10.320 -4.554  2.475   1.00 17.92 ? 96  ILE A CD1 1 
ATOM   438  N N   . ASN A 1 64  ? -9.732  -7.283  -1.197  1.00 18.10 ? 97  ASN A N   1 
ATOM   439  C CA  . ASN A 1 64  ? -9.862  -7.030  -2.619  1.00 18.28 ? 97  ASN A CA  1 
ATOM   440  C C   . ASN A 1 64  ? -11.267 -6.493  -2.823  1.00 18.65 ? 97  ASN A C   1 
ATOM   441  O O   . ASN A 1 64  ? -12.161 -7.216  -3.264  1.00 18.30 ? 97  ASN A O   1 
ATOM   442  C CB  . ASN A 1 64  ? -9.639  -8.328  -3.440  1.00 18.42 ? 97  ASN A CB  1 
ATOM   443  C CG  . ASN A 1 64  ? -9.833  -8.134  -4.941  1.00 21.25 ? 97  ASN A CG  1 
ATOM   444  O OD1 . ASN A 1 64  ? -9.632  -7.040  -5.493  1.00 21.42 ? 97  ASN A OD1 1 
ATOM   445  N ND2 . ASN A 1 64  ? -10.236 -9.222  -5.628  1.00 23.88 ? 97  ASN A ND2 1 
ATOM   446  N N   . GLN A 1 65  ? -11.455 -5.218  -2.487  1.00 19.13 ? 98  GLN A N   1 
ATOM   447  C CA  . GLN A 1 65  ? -12.774 -4.598  -2.596  1.00 19.14 ? 98  GLN A CA  1 
ATOM   448  C C   . GLN A 1 65  ? -12.705 -3.105  -2.380  1.00 19.46 ? 98  GLN A C   1 
ATOM   449  O O   . GLN A 1 65  ? -11.695 -2.574  -1.911  1.00 18.10 ? 98  GLN A O   1 
ATOM   450  C CB  . GLN A 1 65  ? -13.717 -5.183  -1.544  1.00 20.36 ? 98  GLN A CB  1 
ATOM   451  C CG  . GLN A 1 65  ? -13.335 -4.768  -0.110  1.00 22.18 ? 98  GLN A CG  1 
ATOM   452  C CD  . GLN A 1 65  ? -14.375 -5.178  0.898   1.00 26.72 ? 98  GLN A CD  1 
ATOM   453  O OE1 . GLN A 1 65  ? -14.514 -6.354  1.194   1.00 30.22 ? 98  GLN A OE1 1 
ATOM   454  N NE2 . GLN A 1 65  ? -15.111 -4.214  1.428   1.00 30.24 ? 98  GLN A NE2 1 
ATOM   455  N N   . SER A 1 66  ? -13.825 -2.439  -2.667  1.00 19.01 ? 99  SER A N   1 
ATOM   456  C CA  . SER A 1 66  ? -13.944 -1.012  -2.384  1.00 18.65 ? 99  SER A CA  1 
ATOM   457  C C   . SER A 1 66  ? -14.028 -0.787  -0.875  1.00 18.53 ? 99  SER A C   1 
ATOM   458  O O   . SER A 1 66  ? -14.673 -1.550  -0.144  1.00 17.84 ? 99  SER A O   1 
ATOM   459  C CB  . SER A 1 66  ? -15.164 -0.459  -3.120  1.00 19.10 ? 99  SER A CB  1 
ATOM   460  O OG  . SER A 1 66  ? -14.926 -0.533  -4.529  1.00 21.49 ? 99  SER A OG  1 
ATOM   461  N N   . VAL A 1 67  ? -13.361 0.265   -0.408  1.00 18.29 ? 100 VAL A N   1 
ATOM   462  C CA  . VAL A 1 67  ? -13.271 0.515   1.016   1.00 18.20 ? 100 VAL A CA  1 
ATOM   463  C C   . VAL A 1 67  ? -13.774 1.897   1.389   1.00 18.87 ? 100 VAL A C   1 
ATOM   464  O O   . VAL A 1 67  ? -14.112 2.143   2.547   1.00 18.78 ? 100 VAL A O   1 
ATOM   465  C CB  . VAL A 1 67  ? -11.819 0.277   1.586   1.00 17.84 ? 100 VAL A CB  1 
ATOM   466  C CG1 . VAL A 1 67  ? -11.435 -1.206  1.532   1.00 17.69 ? 100 VAL A CG1 1 
ATOM   467  C CG2 . VAL A 1 67  ? -10.771 1.180   0.898   1.00 17.90 ? 100 VAL A CG2 1 
ATOM   468  N N   . ILE A 1 68  ? -13.832 2.791   0.402   1.00 19.02 ? 101 ILE A N   1 
ATOM   469  C CA  . ILE A 1 68  ? -14.451 4.110   0.583   1.00 19.79 ? 101 ILE A CA  1 
ATOM   470  C C   . ILE A 1 68  ? -15.260 4.424   -0.662  1.00 20.85 ? 101 ILE A C   1 
ATOM   471  O O   . ILE A 1 68  ? -14.777 4.207   -1.783  1.00 20.39 ? 101 ILE A O   1 
ATOM   472  C CB  . ILE A 1 68  ? -13.394 5.255   0.665   1.00 19.94 ? 101 ILE A CB  1 
ATOM   473  C CG1 . ILE A 1 68  ? -12.318 5.000   1.750   1.00 20.29 ? 101 ILE A CG1 1 
ATOM   474  C CG2 . ILE A 1 68  ? -14.081 6.639   0.783   1.00 18.67 ? 101 ILE A CG2 1 
ATOM   475  C CD1 . ILE A 1 68  ? -12.781 5.250   3.194   1.00 19.66 ? 101 ILE A CD1 1 
ATOM   476  N N   . HIS A 1 69  ? -16.460 4.967   -0.463  1.00 21.55 ? 102 HIS A N   1 
ATOM   477  C CA  . HIS A 1 69  ? -17.259 5.490   -1.574  1.00 22.42 ? 102 HIS A CA  1 
ATOM   478  C C   . HIS A 1 69  ? -18.230 6.529   -1.075  1.00 21.89 ? 102 HIS A C   1 
ATOM   479  O O   . HIS A 1 69  ? -19.443 6.260   -0.931  1.00 21.15 ? 102 HIS A O   1 
ATOM   480  C CB  . HIS A 1 69  ? -18.010 4.382   -2.307  1.00 23.76 ? 102 HIS A CB  1 
ATOM   481  C CG  . HIS A 1 69  ? -18.435 4.774   -3.687  1.00 28.61 ? 102 HIS A CG  1 
ATOM   482  N ND1 . HIS A 1 69  ? -18.617 3.855   -4.700  1.00 32.08 ? 102 HIS A ND1 1 
ATOM   483  C CD2 . HIS A 1 69  ? -18.665 5.991   -4.236  1.00 32.33 ? 102 HIS A CD2 1 
ATOM   484  C CE1 . HIS A 1 69  ? -18.975 4.487   -5.805  1.00 33.38 ? 102 HIS A CE1 1 
ATOM   485  N NE2 . HIS A 1 69  ? -19.006 5.784   -5.552  1.00 35.31 ? 102 HIS A NE2 1 
ATOM   486  N N   . GLN A 1 70  ? -17.690 7.714   -0.789  1.00 19.94 ? 103 GLN A N   1 
ATOM   487  C CA  . GLN A 1 70  ? -18.484 8.791   -0.214  1.00 20.64 ? 103 GLN A CA  1 
ATOM   488  C C   . GLN A 1 70  ? -17.712 10.087  -0.185  1.00 20.11 ? 103 GLN A C   1 
ATOM   489  O O   . GLN A 1 70  ? -16.509 10.118  -0.459  1.00 18.31 ? 103 GLN A O   1 
ATOM   490  C CB  . GLN A 1 70  ? -18.836 8.450   1.245   1.00 21.27 ? 103 GLN A CB  1 
ATOM   491  C CG  . GLN A 1 70  ? -17.578 8.236   2.123   1.00 21.18 ? 103 GLN A CG  1 
ATOM   492  C CD  . GLN A 1 70  ? -17.934 8.001   3.583   1.00 22.68 ? 103 GLN A CD  1 
ATOM   493  O OE1 . GLN A 1 70  ? -18.053 6.847   4.030   1.00 23.54 ? 103 GLN A OE1 1 
ATOM   494  N NE2 . GLN A 1 70  ? -18.089 9.092   4.348   1.00 23.29 ? 103 GLN A NE2 1 
ATOM   495  N N   . THR A 1 71  ? -18.422 11.155  0.186   1.00 19.40 ? 104 THR A N   1 
ATOM   496  C CA  . THR A 1 71  ? -17.792 12.397  0.607   1.00 19.17 ? 104 THR A CA  1 
ATOM   497  C C   . THR A 1 71  ? -17.196 12.135  1.989   1.00 18.60 ? 104 THR A C   1 
ATOM   498  O O   . THR A 1 71  ? -17.845 11.560  2.889   1.00 17.72 ? 104 THR A O   1 
ATOM   499  C CB  . THR A 1 71  ? -18.801 13.586  0.589   1.00 19.42 ? 104 THR A CB  1 
ATOM   500  O OG1 . THR A 1 71  ? -19.158 13.877  -0.774  1.00 21.64 ? 104 THR A OG1 1 
ATOM   501  C CG2 . THR A 1 71  ? -18.177 14.838  1.233   1.00 20.01 ? 104 THR A CG2 1 
ATOM   502  N N   . ILE A 1 72  ? -15.925 12.498  2.123   1.00 17.90 ? 105 ILE A N   1 
ATOM   503  C CA  . ILE A 1 72  ? -15.177 12.212  3.350   1.00 17.94 ? 105 ILE A CA  1 
ATOM   504  C C   . ILE A 1 72  ? -14.038 13.199  3.492   1.00 16.88 ? 105 ILE A C   1 
ATOM   505  O O   . ILE A 1 72  ? -13.453 13.651  2.485   1.00 16.71 ? 105 ILE A O   1 
ATOM   506  C CB  . ILE A 1 72  ? -14.595 10.755  3.312   1.00 17.26 ? 105 ILE A CB  1 
ATOM   507  C CG1 . ILE A 1 72  ? -14.154 10.279  4.708   1.00 17.71 ? 105 ILE A CG1 1 
ATOM   508  C CG2 . ILE A 1 72  ? -13.505 10.603  2.215   1.00 18.62 ? 105 ILE A CG2 1 
ATOM   509  C CD1 . ILE A 1 72  ? -14.071 8.761   4.762   1.00 17.16 ? 105 ILE A CD1 1 
ATOM   510  N N   . GLU A 1 73  ? -13.699 13.519  4.746   1.00 16.94 ? 106 GLU A N   1 
ATOM   511  C CA  . GLU A 1 73  ? -12.500 14.283  4.979   1.00 15.72 ? 106 GLU A CA  1 
ATOM   512  C C   . GLU A 1 73  ? -11.319 13.349  4.830   1.00 15.74 ? 106 GLU A C   1 
ATOM   513  O O   . GLU A 1 73  ? -11.365 12.188  5.283   1.00 14.76 ? 106 GLU A O   1 
ATOM   514  C CB  . GLU A 1 73  ? -12.485 14.933  6.374   1.00 16.73 ? 106 GLU A CB  1 
ATOM   515  C CG  . GLU A 1 73  ? -11.325 15.892  6.555   1.00 16.49 ? 106 GLU A CG  1 
ATOM   516  C CD  . GLU A 1 73  ? -11.353 16.586  7.918   1.00 17.00 ? 106 GLU A CD  1 
ATOM   517  O OE1 . GLU A 1 73  ? -12.397 17.174  8.260   1.00 20.81 ? 106 GLU A OE1 1 
ATOM   518  O OE2 . GLU A 1 73  ? -10.328 16.537  8.632   1.00 17.78 ? 106 GLU A OE2 1 
ATOM   519  N N   . VAL A 1 74  ? -10.268 13.872  4.208   1.00 15.82 ? 107 VAL A N   1 
ATOM   520  C CA  . VAL A 1 74  ? -9.086  13.065  3.896   1.00 15.72 ? 107 VAL A CA  1 
ATOM   521  C C   . VAL A 1 74  ? -8.533  12.430  5.194   1.00 15.28 ? 107 VAL A C   1 
ATOM   522  O O   . VAL A 1 74  ? -8.234  11.245  5.214   1.00 14.80 ? 107 VAL A O   1 
ATOM   523  C CB  . VAL A 1 74  ? -8.027  13.857  3.076   1.00 16.27 ? 107 VAL A CB  1 
ATOM   524  C CG1 . VAL A 1 74  ? -6.657  13.100  3.019   1.00 17.64 ? 107 VAL A CG1 1 
ATOM   525  C CG2 . VAL A 1 74  ? -8.523  14.102  1.645   1.00 13.64 ? 107 VAL A CG2 1 
ATOM   526  N N   . SER A 1 75  ? -8.376  13.215  6.269   1.00 14.84 ? 108 SER A N   1 
ATOM   527  C CA  . SER A 1 75  ? -7.919  12.630  7.555   1.00 14.62 ? 108 SER A CA  1 
ATOM   528  C C   . SER A 1 75  ? -8.738  11.433  8.049   1.00 14.57 ? 108 SER A C   1 
ATOM   529  O O   . SER A 1 75  ? -8.188  10.450  8.531   1.00 13.80 ? 108 SER A O   1 
ATOM   530  C CB  . SER A 1 75  ? -7.937  13.714  8.644   1.00 14.04 ? 108 SER A CB  1 
ATOM   531  O OG  . SER A 1 75  ? -9.277  14.154  8.861   1.00 16.79 ? 108 SER A OG  1 
ATOM   532  N N   . VAL A 1 76  ? -10.064 11.527  7.936   1.00 14.25 ? 109 VAL A N   1 
ATOM   533  C CA  . VAL A 1 76  ? -10.982 10.459  8.383   1.00 14.75 ? 109 VAL A CA  1 
ATOM   534  C C   . VAL A 1 76  ? -10.786 9.214   7.508   1.00 14.60 ? 109 VAL A C   1 
ATOM   535  O O   . VAL A 1 76  ? -10.772 8.077   7.997   1.00 13.72 ? 109 VAL A O   1 
ATOM   536  C CB  . VAL A 1 76  ? -12.434 10.983  8.390   1.00 14.59 ? 109 VAL A CB  1 
ATOM   537  C CG1 . VAL A 1 76  ? -13.435 9.886   8.723   1.00 16.48 ? 109 VAL A CG1 1 
ATOM   538  C CG2 . VAL A 1 76  ? -12.528 12.153  9.411   1.00 14.54 ? 109 VAL A CG2 1 
ATOM   539  N N   . MET A 1 77  ? -10.600 9.445   6.211   1.00 15.05 ? 110 MET A N   1 
ATOM   540  C CA  . MET A 1 77  ? -10.301 8.356   5.279   1.00 15.39 ? 110 MET A CA  1 
ATOM   541  C C   . MET A 1 77  ? -9.005  7.630   5.641   1.00 15.27 ? 110 MET A C   1 
ATOM   542  O O   . MET A 1 77  ? -8.954  6.393   5.652   1.00 15.03 ? 110 MET A O   1 
ATOM   543  C CB  . MET A 1 77  ? -10.208 8.874   3.844   1.00 15.99 ? 110 MET A CB  1 
ATOM   544  C CG  . MET A 1 77  ? -9.895  7.767   2.857   1.00 17.44 ? 110 MET A CG  1 
ATOM   545  S SD  . MET A 1 77  ? -10.200 8.270   1.159   1.00 17.99 ? 110 MET A SD  1 
ATOM   546  C CE  . MET A 1 77  ? -9.231  9.774   1.002   1.00 20.64 ? 110 MET A CE  1 
ATOM   547  N N   . ILE A 1 78  ? -7.971  8.411   5.943   1.00 15.18 ? 111 ILE A N   1 
ATOM   548  C CA  . ILE A 1 78  ? -6.655  7.877   6.341   1.00 15.33 ? 111 ILE A CA  1 
ATOM   549  C C   . ILE A 1 78  ? -6.787  7.013   7.596   1.00 14.73 ? 111 ILE A C   1 
ATOM   550  O O   . ILE A 1 78  ? -6.191  5.927   7.660   1.00 13.96 ? 111 ILE A O   1 
ATOM   551  C CB  . ILE A 1 78  ? -5.627  9.037   6.531   1.00 14.92 ? 111 ILE A CB  1 
ATOM   552  C CG1 . ILE A 1 78  ? -5.247  9.635   5.160   1.00 15.87 ? 111 ILE A CG1 1 
ATOM   553  C CG2 . ILE A 1 78  ? -4.363  8.544   7.287   1.00 13.13 ? 111 ILE A CG2 1 
ATOM   554  C CD1 . ILE A 1 78  ? -4.520  11.005  5.258   1.00 16.20 ? 111 ILE A CD1 1 
ATOM   555  N N   . SER A 1 79  ? -7.530  7.509   8.591   1.00 15.42 ? 112 SER A N   1 
ATOM   556  C CA  . SER A 1 79  ? -7.788  6.752   9.840   1.00 15.37 ? 112 SER A CA  1 
ATOM   557  C C   . SER A 1 79  ? -8.502  5.420   9.570   1.00 16.13 ? 112 SER A C   1 
ATOM   558  O O   . SER A 1 79  ? -8.134  4.384   10.149  1.00 14.38 ? 112 SER A O   1 
ATOM   559  C CB  . SER A 1 79  ? -8.607  7.575   10.824  1.00 16.60 ? 112 SER A CB  1 
ATOM   560  O OG  . SER A 1 79  ? -7.904  8.754   11.180  1.00 13.93 ? 112 SER A OG  1 
ATOM   561  N N   . GLN A 1 80  ? -9.535  5.473   8.721   1.00 15.74 ? 113 GLN A N   1 
ATOM   562  C CA  . GLN A 1 80  ? -10.231 4.263   8.294   1.00 16.61 ? 113 GLN A CA  1 
ATOM   563  C C   . GLN A 1 80  ? -9.291  3.262   7.634   1.00 15.91 ? 113 GLN A C   1 
ATOM   564  O O   . GLN A 1 80  ? -9.325  2.074   7.972   1.00 14.99 ? 113 GLN A O   1 
ATOM   565  C CB  . GLN A 1 80  ? -11.431 4.583   7.382   1.00 16.71 ? 113 GLN A CB  1 
ATOM   566  C CG  . GLN A 1 80  ? -12.610 5.133   8.187   1.00 20.02 ? 113 GLN A CG  1 
ATOM   567  C CD  . GLN A 1 80  ? -13.877 5.393   7.355   1.00 20.03 ? 113 GLN A CD  1 
ATOM   568  O OE1 . GLN A 1 80  ? -14.708 6.224   7.731   1.00 27.55 ? 113 GLN A OE1 1 
ATOM   569  N NE2 . GLN A 1 80  ? -14.027 4.688   6.250   1.00 22.88 ? 113 GLN A NE2 1 
ATOM   570  N N   . ILE A 1 81  ? -8.431  3.739   6.741   1.00 15.15 ? 114 ILE A N   1 
ATOM   571  C CA  . ILE A 1 81  ? -7.522  2.817   6.011   1.00 15.55 ? 114 ILE A CA  1 
ATOM   572  C C   . ILE A 1 81  ? -6.455  2.242   6.958   1.00 15.98 ? 114 ILE A C   1 
ATOM   573  O O   . ILE A 1 81  ? -6.099  1.081   6.841   1.00 15.69 ? 114 ILE A O   1 
ATOM   574  C CB  . ILE A 1 81  ? -6.949  3.498   4.761   1.00 15.65 ? 114 ILE A CB  1 
ATOM   575  C CG1 . ILE A 1 81  ? -8.090  3.630   3.733   1.00 15.85 ? 114 ILE A CG1 1 
ATOM   576  C CG2 . ILE A 1 81  ? -5.740  2.740   4.190   1.00 15.79 ? 114 ILE A CG2 1 
ATOM   577  C CD1 . ILE A 1 81  ? -7.810  4.555   2.572   1.00 13.84 ? 114 ILE A CD1 1 
ATOM   578  N N   . LYS A 1 82  ? -6.000  3.037   7.934   1.00 15.61 ? 115 LYS A N   1 
ATOM   579  C CA  . LYS A 1 82  ? -5.102  2.504   8.971   1.00 16.46 ? 115 LYS A CA  1 
ATOM   580  C C   . LYS A 1 82  ? -5.741  1.306   9.683   1.00 15.79 ? 115 LYS A C   1 
ATOM   581  O O   . LYS A 1 82  ? -5.099  0.287   9.919   1.00 15.53 ? 115 LYS A O   1 
ATOM   582  C CB  . LYS A 1 82  ? -4.760  3.579   10.009  1.00 16.00 ? 115 LYS A CB  1 
ATOM   583  C CG  . LYS A 1 82  ? -3.757  3.120   11.094  1.00 17.11 ? 115 LYS A CG  1 
ATOM   584  C CD  . LYS A 1 82  ? -3.725  4.072   12.278  1.00 17.67 ? 115 LYS A CD  1 
ATOM   585  C CE  . LYS A 1 82  ? -2.558  3.678   13.255  1.00 22.19 ? 115 LYS A CE  1 
ATOM   586  N NZ  . LYS A 1 82  ? -2.565  4.524   14.488  1.00 23.37 ? 115 LYS A NZ  1 
ATOM   587  N N   . GLU A 1 83  ? -7.019  1.426   10.013  1.00 15.26 ? 116 GLU A N   1 
ATOM   588  C CA  . GLU A 1 83  ? -7.704  0.338   10.699  1.00 16.95 ? 116 GLU A CA  1 
ATOM   589  C C   . GLU A 1 83  ? -7.851  -0.880  9.784   1.00 16.67 ? 116 GLU A C   1 
ATOM   590  O O   . GLU A 1 83  ? -7.736  -2.018  10.241  1.00 17.04 ? 116 GLU A O   1 
ATOM   591  C CB  . GLU A 1 83  ? -9.062  0.785   11.259  1.00 17.35 ? 116 GLU A CB  1 
ATOM   592  C CG  . GLU A 1 83  ? -8.923  1.778   12.453  1.00 21.45 ? 116 GLU A CG  1 
ATOM   593  C CD  . GLU A 1 83  ? -7.879  1.341   13.505  1.00 27.36 ? 116 GLU A CD  1 
ATOM   594  O OE1 . GLU A 1 83  ? -7.989  0.214   14.030  1.00 30.13 ? 116 GLU A OE1 1 
ATOM   595  O OE2 . GLU A 1 83  ? -6.939  2.110   13.788  1.00 27.78 ? 116 GLU A OE2 1 
ATOM   596  N N   . ILE A 1 84  ? -8.066  -0.630  8.496   1.00 16.17 ? 117 ILE A N   1 
ATOM   597  C CA  . ILE A 1 84  ? -8.173  -1.753  7.549   1.00 16.76 ? 117 ILE A CA  1 
ATOM   598  C C   . ILE A 1 84  ? -6.817  -2.487  7.469   1.00 16.67 ? 117 ILE A C   1 
ATOM   599  O O   . ILE A 1 84  ? -6.768  -3.724  7.528   1.00 17.53 ? 117 ILE A O   1 
ATOM   600  C CB  . ILE A 1 84  ? -8.628  -1.301  6.160   1.00 16.25 ? 117 ILE A CB  1 
ATOM   601  C CG1 . ILE A 1 84  ? -10.070 -0.808  6.223   1.00 17.03 ? 117 ILE A CG1 1 
ATOM   602  C CG2 . ILE A 1 84  ? -8.557  -2.473  5.142   1.00 17.50 ? 117 ILE A CG2 1 
ATOM   603  C CD1 . ILE A 1 84  ? -10.515 -0.048  4.961   1.00 16.32 ? 117 ILE A CD1 1 
ATOM   604  N N   . ILE A 1 85  ? -5.736  -1.715  7.378   1.00 16.30 ? 118 ILE A N   1 
ATOM   605  C CA  . ILE A 1 85  ? -4.386  -2.288  7.368   1.00 15.91 ? 118 ILE A CA  1 
ATOM   606  C C   . ILE A 1 85  ? -4.110  -3.098  8.639   1.00 17.22 ? 118 ILE A C   1 
ATOM   607  O O   . ILE A 1 85  ? -3.565  -4.207  8.566   1.00 16.61 ? 118 ILE A O   1 
ATOM   608  C CB  . ILE A 1 85  ? -3.308  -1.223  7.080   1.00 15.69 ? 118 ILE A CB  1 
ATOM   609  C CG1 . ILE A 1 85  ? -3.495  -0.685  5.634   1.00 13.88 ? 118 ILE A CG1 1 
ATOM   610  C CG2 . ILE A 1 85  ? -1.886  -1.815  7.308   1.00 14.61 ? 118 ILE A CG2 1 
ATOM   611  C CD1 . ILE A 1 85  ? -2.654  0.510   5.301   1.00 17.65 ? 118 ILE A CD1 1 
ATOM   612  N N   . ARG A 1 86  ? -4.483  -2.557  9.805   1.00 17.62 ? 119 ARG A N   1 
ATOM   613  C CA  . ARG A 1 86  ? -4.423  -3.329  11.058  1.00 19.39 ? 119 ARG A CA  1 
ATOM   614  C C   . ARG A 1 86  ? -5.071  -4.735  10.900  1.00 19.76 ? 119 ARG A C   1 
ATOM   615  O O   . ARG A 1 86  ? -4.468  -5.761  11.265  1.00 19.00 ? 119 ARG A O   1 
ATOM   616  C CB  . ARG A 1 86  ? -5.067  -2.559  12.215  1.00 19.11 ? 119 ARG A CB  1 
ATOM   617  C CG  . ARG A 1 86  ? -4.759  -3.168  13.625  1.00 20.79 ? 119 ARG A CG  1 
ATOM   618  C CD  . ARG A 1 86  ? -5.384  -2.349  14.737  1.00 22.48 ? 119 ARG A CD  1 
ATOM   619  N NE  . ARG A 1 86  ? -5.243  -0.900  14.572  1.00 27.82 ? 119 ARG A NE  1 
ATOM   620  C CZ  . ARG A 1 86  ? -4.251  -0.168  15.076  1.00 30.62 ? 119 ARG A CZ  1 
ATOM   621  N NH1 . ARG A 1 86  ? -3.275  -0.742  15.779  1.00 30.40 ? 119 ARG A NH1 1 
ATOM   622  N NH2 . ARG A 1 86  ? -4.229  1.142   14.862  1.00 31.90 ? 119 ARG A NH2 1 
ATOM   623  N N   . SER A 1 87  ? -6.260  -4.774  10.301  1.00 19.87 ? 120 SER A N   1 
ATOM   624  C CA  . SER A 1 87  ? -6.963  -6.041  10.064  1.00 21.23 ? 120 SER A CA  1 
ATOM   625  C C   . SER A 1 87  ? -6.219  -6.948  9.081   1.00 20.48 ? 120 SER A C   1 
ATOM   626  O O   . SER A 1 87  ? -6.039  -8.147  9.346   1.00 20.46 ? 120 SER A O   1 
ATOM   627  C CB  . SER A 1 87  ? -8.408  -5.787  9.617   1.00 21.22 ? 120 SER A CB  1 
ATOM   628  O OG  . SER A 1 87  ? -9.092  -7.027  9.434   1.00 27.46 ? 120 SER A OG  1 
ATOM   629  N N   . VAL A 1 88  ? -5.753  -6.376  7.977   1.00 18.61 ? 121 VAL A N   1 
ATOM   630  C CA  . VAL A 1 88  ? -5.182  -7.171  6.882   1.00 19.02 ? 121 VAL A CA  1 
ATOM   631  C C   . VAL A 1 88  ? -3.825  -7.771  7.270   1.00 18.22 ? 121 VAL A C   1 
ATOM   632  O O   . VAL A 1 88  ? -3.416  -8.799  6.741   1.00 18.34 ? 121 VAL A O   1 
ATOM   633  C CB  . VAL A 1 88  ? -5.092  -6.363  5.567   1.00 17.78 ? 121 VAL A CB  1 
ATOM   634  C CG1 . VAL A 1 88  ? -4.486  -7.195  4.461   1.00 21.39 ? 121 VAL A CG1 1 
ATOM   635  C CG2 . VAL A 1 88  ? -6.497  -5.925  5.103   1.00 20.72 ? 121 VAL A CG2 1 
ATOM   636  N N   . LEU A 1 89  ? -3.133  -7.108  8.197   1.00 18.65 ? 122 LEU A N   1 
ATOM   637  C CA  . LEU A 1 89  ? -1.822  -7.536  8.647   1.00 19.68 ? 122 LEU A CA  1 
ATOM   638  C C   . LEU A 1 89  ? -1.874  -8.918  9.281   1.00 20.56 ? 122 LEU A C   1 
ATOM   639  O O   . LEU A 1 89  ? -0.950  -9.721  9.100   1.00 19.91 ? 122 LEU A O   1 
ATOM   640  C CB  . LEU A 1 89  ? -1.267  -6.528  9.666   1.00 19.08 ? 122 LEU A CB  1 
ATOM   641  C CG  . LEU A 1 89  ? -0.230  -5.550  9.129   1.00 20.59 ? 122 LEU A CG  1 
ATOM   642  C CD1 . LEU A 1 89  ? 0.001   -4.448  10.199  1.00 21.92 ? 122 LEU A CD1 1 
ATOM   643  C CD2 . LEU A 1 89  ? 1.102   -6.238  8.741   1.00 21.65 ? 122 LEU A CD2 1 
ATOM   644  N N   . GLY A 1 90  ? -2.967  -9.189  10.005  1.00 22.22 ? 123 GLY A N   1 
ATOM   645  C CA  . GLY A 1 90  ? -3.157  -10.466 10.723  1.00 24.13 ? 123 GLY A CA  1 
ATOM   646  C C   . GLY A 1 90  ? -2.048  -10.811 11.709  1.00 25.37 ? 123 GLY A C   1 
ATOM   647  O O   . GLY A 1 90  ? -1.837  -11.986 12.028  1.00 27.67 ? 123 GLY A O   1 
ATOM   648  N N   . LEU A 1 91  ? -1.318  -9.783  12.140  1.00 25.54 ? 124 LEU A N   1 
ATOM   649  C CA  . LEU A 1 91  ? -0.254  -9.831  13.133  1.00 24.03 ? 124 LEU A CA  1 
ATOM   650  C C   . LEU A 1 91  ? -0.483  -8.564  13.927  1.00 23.12 ? 124 LEU A C   1 
ATOM   651  O O   . LEU A 1 91  ? -0.885  -7.559  13.355  1.00 22.77 ? 124 LEU A O   1 
ATOM   652  C CB  . LEU A 1 91  ? 1.132   -9.708  12.480  1.00 24.84 ? 124 LEU A CB  1 
ATOM   653  C CG  . LEU A 1 91  ? 1.537   -10.773 11.472  1.00 26.33 ? 124 LEU A CG  1 
ATOM   654  C CD1 . LEU A 1 91  ? 2.685   -10.240 10.628  1.00 30.21 ? 124 LEU A CD1 1 
ATOM   655  C CD2 . LEU A 1 91  ? 1.936   -12.001 12.218  1.00 27.27 ? 124 LEU A CD2 1 
ATOM   656  N N   . VAL A 1 92  ? -0.205  -8.604  15.222  1.00 21.61 ? 125 VAL A N   1 
ATOM   657  C CA  . VAL A 1 92  ? -0.258  -7.394  16.067  1.00 21.38 ? 125 VAL A CA  1 
ATOM   658  C C   . VAL A 1 92  ? 1.145   -6.800  16.224  1.00 20.94 ? 125 VAL A C   1 
ATOM   659  O O   . VAL A 1 92  ? 2.030   -7.413  16.853  1.00 20.21 ? 125 VAL A O   1 
ATOM   660  C CB  . VAL A 1 92  ? -0.852  -7.711  17.439  1.00 20.80 ? 125 VAL A CB  1 
ATOM   661  C CG1 . VAL A 1 92  ? -0.700  -6.529  18.423  1.00 23.19 ? 125 VAL A CG1 1 
ATOM   662  C CG2 . VAL A 1 92  ? -2.319  -8.129  17.291  1.00 23.36 ? 125 VAL A CG2 1 
ATOM   663  N N   . ILE A 1 93  ? 1.353   -5.622  15.633  1.00 19.18 ? 126 ILE A N   1 
ATOM   664  C CA  . ILE A 1 93  ? 2.623   -4.916  15.770  1.00 19.30 ? 126 ILE A CA  1 
ATOM   665  C C   . ILE A 1 93  ? 2.394   -3.746  16.735  1.00 18.73 ? 126 ILE A C   1 
ATOM   666  O O   . ILE A 1 93  ? 1.632   -2.816  16.438  1.00 18.54 ? 126 ILE A O   1 
ATOM   667  C CB  . ILE A 1 93  ? 3.187   -4.365  14.428  1.00 19.91 ? 126 ILE A CB  1 
ATOM   668  C CG1 . ILE A 1 93  ? 3.146   -5.408  13.282  1.00 21.08 ? 126 ILE A CG1 1 
ATOM   669  C CG2 . ILE A 1 93  ? 4.612   -3.750  14.636  1.00 19.62 ? 126 ILE A CG2 1 
ATOM   670  C CD1 . ILE A 1 93  ? 3.784   -6.755  13.591  1.00 23.59 ? 126 ILE A CD1 1 
ATOM   671  N N   . ASN A 1 94  ? 3.042   -3.822  17.885  1.00 17.69 ? 127 ASN A N   1 
ATOM   672  C CA  . ASN A 1 94  ? 2.872   -2.853  18.972  1.00 18.76 ? 127 ASN A CA  1 
ATOM   673  C C   . ASN A 1 94  ? 3.603   -1.516  18.733  1.00 18.18 ? 127 ASN A C   1 
ATOM   674  O O   . ASN A 1 94  ? 3.187   -0.482  19.273  1.00 18.88 ? 127 ASN A O   1 
ATOM   675  C CB  . ASN A 1 94  ? 3.267   -3.497  20.328  1.00 19.56 ? 127 ASN A CB  1 
ATOM   676  C CG  . ASN A 1 94  ? 2.286   -4.590  20.770  1.00 22.34 ? 127 ASN A CG  1 
ATOM   677  O OD1 . ASN A 1 94  ? 2.638   -5.777  20.882  1.00 26.88 ? 127 ASN A OD1 1 
ATOM   678  N ND2 . ASN A 1 94  ? 1.045   -4.206  20.964  1.00 22.73 ? 127 ASN A ND2 1 
ATOM   679  N N   . SER A 1 95  ? 4.656   -1.533  17.904  1.00 16.64 ? 128 SER A N   1 
ATOM   680  C CA  . SER A 1 95  ? 5.531   -0.378  17.663  1.00 16.67 ? 128 SER A CA  1 
ATOM   681  C C   . SER A 1 95  ? 4.816   0.860   17.104  1.00 16.06 ? 128 SER A C   1 
ATOM   682  O O   . SER A 1 95  ? 4.229   0.833   16.032  1.00 15.19 ? 128 SER A O   1 
ATOM   683  C CB  . SER A 1 95  ? 6.699   -0.738  16.747  1.00 16.93 ? 128 SER A CB  1 
ATOM   684  O OG  . SER A 1 95  ? 7.392   0.442   16.324  1.00 15.87 ? 128 SER A OG  1 
ATOM   685  N N   . ALA A 1 96  ? 4.854   1.931   17.889  1.00 15.72 ? 129 ALA A N   1 
ATOM   686  C CA  . ALA A 1 96  ? 4.354   3.245   17.455  1.00 14.75 ? 129 ALA A CA  1 
ATOM   687  C C   . ALA A 1 96  ? 5.079   3.732   16.202  1.00 14.77 ? 129 ALA A C   1 
ATOM   688  O O   . ALA A 1 96  ? 4.476   4.336   15.315  1.00 14.61 ? 129 ALA A O   1 
ATOM   689  C CB  . ALA A 1 96  ? 4.506   4.286   18.620  1.00 14.51 ? 129 ALA A CB  1 
ATOM   690  N N   . ASN A 1 97  ? 6.378   3.457   16.109  1.00 14.60 ? 130 ASN A N   1 
ATOM   691  C CA  . ASN A 1 97  ? 7.121   3.891   14.962  1.00 14.20 ? 130 ASN A CA  1 
ATOM   692  C C   . ASN A 1 97  ? 6.715   3.102   13.705  1.00 14.10 ? 130 ASN A C   1 
ATOM   693  O O   . ASN A 1 97  ? 6.657   3.685   12.631  1.00 14.09 ? 130 ASN A O   1 
ATOM   694  C CB  . ASN A 1 97  ? 8.629   3.721   15.189  1.00 14.27 ? 130 ASN A CB  1 
ATOM   695  C CG  . ASN A 1 97  ? 9.182   4.763   16.182  1.00 14.99 ? 130 ASN A CG  1 
ATOM   696  O OD1 . ASN A 1 97  ? 9.328   5.926   15.838  1.00 16.29 ? 130 ASN A OD1 1 
ATOM   697  N ND2 . ASN A 1 97  ? 9.482   4.331   17.383  1.00 14.56 ? 130 ASN A ND2 1 
ATOM   698  N N   . PHE A 1 98  ? 6.492   1.799   13.846  1.00 14.24 ? 131 PHE A N   1 
ATOM   699  C CA  . PHE A 1 98  ? 5.993   1.042   12.682  1.00 14.69 ? 131 PHE A CA  1 
ATOM   700  C C   . PHE A 1 98  ? 4.691   1.682   12.196  1.00 14.95 ? 131 PHE A C   1 
ATOM   701  O O   . PHE A 1 98  ? 4.519   1.984   10.997  1.00 14.66 ? 131 PHE A O   1 
ATOM   702  C CB  . PHE A 1 98  ? 5.730   -0.436  13.000  1.00 14.27 ? 131 PHE A CB  1 
ATOM   703  C CG  . PHE A 1 98  ? 4.914   -1.106  11.941  1.00 14.46 ? 131 PHE A CG  1 
ATOM   704  C CD1 . PHE A 1 98  ? 5.479   -1.375  10.700  1.00 17.78 ? 131 PHE A CD1 1 
ATOM   705  C CD2 . PHE A 1 98  ? 3.554   -1.390  12.163  1.00 16.26 ? 131 PHE A CD2 1 
ATOM   706  C CE1 . PHE A 1 98  ? 4.707   -1.965  9.659   1.00 15.63 ? 131 PHE A CE1 1 
ATOM   707  C CE2 . PHE A 1 98  ? 2.781   -1.994  11.147  1.00 18.41 ? 131 PHE A CE2 1 
ATOM   708  C CZ  . PHE A 1 98  ? 3.347   -2.253  9.898   1.00 15.46 ? 131 PHE A CZ  1 
ATOM   709  N N   . TRP A 1 99  ? 3.771   1.900   13.131  1.00 14.65 ? 132 TRP A N   1 
ATOM   710  C CA  . TRP A 1 99  ? 2.478   2.491   12.759  1.00 15.86 ? 132 TRP A CA  1 
ATOM   711  C C   . TRP A 1 99  ? 2.639   3.932   12.194  1.00 15.79 ? 132 TRP A C   1 
ATOM   712  O O   . TRP A 1 99  ? 1.854   4.346   11.336  1.00 14.64 ? 132 TRP A O   1 
ATOM   713  C CB  . TRP A 1 99  ? 1.456   2.345   13.877  1.00 16.61 ? 132 TRP A CB  1 
ATOM   714  C CG  . TRP A 1 99  ? 0.937   0.963   13.910  1.00 16.88 ? 132 TRP A CG  1 
ATOM   715  C CD1 . TRP A 1 99  ? 1.241   -0.031  14.809  1.00 17.24 ? 132 TRP A CD1 1 
ATOM   716  C CD2 . TRP A 1 99  ? 0.063   0.391   12.944  1.00 17.92 ? 132 TRP A CD2 1 
ATOM   717  N NE1 . TRP A 1 99  ? 0.564   -1.194  14.462  1.00 18.76 ? 132 TRP A NE1 1 
ATOM   718  C CE2 . TRP A 1 99  ? -0.148  -0.958  13.307  1.00 16.71 ? 132 TRP A CE2 1 
ATOM   719  C CE3 . TRP A 1 99  ? -0.569  0.899   11.787  1.00 16.30 ? 132 TRP A CE3 1 
ATOM   720  C CZ2 . TRP A 1 99  ? -0.971  -1.819  12.560  1.00 17.23 ? 132 TRP A CZ2 1 
ATOM   721  C CZ3 . TRP A 1 99  ? -1.369  0.036   11.029  1.00 17.60 ? 132 TRP A CZ3 1 
ATOM   722  C CH2 . TRP A 1 99  ? -1.572  -1.310  11.429  1.00 17.81 ? 132 TRP A CH2 1 
ATOM   723  N N   . ASN A 1 100 ? 3.658   4.672   12.663  1.00 15.45 ? 133 ASN A N   1 
ATOM   724  C CA  . ASN A 1 100 ? 4.025   5.960   12.073  1.00 17.46 ? 133 ASN A CA  1 
ATOM   725  C C   . ASN A 1 100 ? 4.401   5.840   10.583  1.00 17.22 ? 133 ASN A C   1 
ATOM   726  O O   . ASN A 1 100 ? 3.955   6.660   9.742   1.00 16.77 ? 133 ASN A O   1 
ATOM   727  C CB  . ASN A 1 100 ? 5.181   6.602   12.850  1.00 18.93 ? 133 ASN A CB  1 
ATOM   728  C CG  . ASN A 1 100 ? 5.067   8.106   12.934  1.00 25.11 ? 133 ASN A CG  1 
ATOM   729  O OD1 . ASN A 1 100 ? 5.991   8.821   12.565  1.00 34.26 ? 133 ASN A OD1 1 
ATOM   730  N ND2 . ASN A 1 100 ? 3.938   8.592   13.427  1.00 27.57 ? 133 ASN A ND2 1 
ATOM   731  N N   . SER A 1 101 ? 5.233   4.845   10.276  1.00 16.65 ? 134 SER A N   1 
ATOM   732  C CA  . SER A 1 101 ? 5.606   4.502   8.900   1.00 17.62 ? 134 SER A CA  1 
ATOM   733  C C   . SER A 1 101 ? 4.378   4.215   8.060   1.00 17.01 ? 134 SER A C   1 
ATOM   734  O O   . SER A 1 101 ? 4.240   4.726   6.928   1.00 17.90 ? 134 SER A O   1 
ATOM   735  C CB  . SER A 1 101 ? 6.561   3.294   8.872   1.00 18.09 ? 134 SER A CB  1 
ATOM   736  O OG  . SER A 1 101 ? 7.849   3.695   9.298   1.00 23.55 ? 134 SER A OG  1 
ATOM   737  N N   . VAL A 1 102 ? 3.465   3.431   8.618   1.00 16.17 ? 135 VAL A N   1 
ATOM   738  C CA  . VAL A 1 102 ? 2.235   3.083   7.887   1.00 15.41 ? 135 VAL A CA  1 
ATOM   739  C C   . VAL A 1 102 ? 1.400   4.341   7.609   1.00 15.06 ? 135 VAL A C   1 
ATOM   740  O O   . VAL A 1 102 ? 0.991   4.595   6.468   1.00 15.40 ? 135 VAL A O   1 
ATOM   741  C CB  . VAL A 1 102 ? 1.376   2.029   8.640   1.00 15.19 ? 135 VAL A CB  1 
ATOM   742  C CG1 . VAL A 1 102 ? 0.074   1.795   7.881   1.00 15.63 ? 135 VAL A CG1 1 
ATOM   743  C CG2 . VAL A 1 102 ? 2.132   0.712   8.863   1.00 13.66 ? 135 VAL A CG2 1 
ATOM   744  N N   . VAL A 1 103 ? 1.158   5.139   8.647   1.00 13.87 ? 136 VAL A N   1 
ATOM   745  C CA  . VAL A 1 103 ? 0.268   6.306   8.513   1.00 15.04 ? 136 VAL A CA  1 
ATOM   746  C C   . VAL A 1 103 ? 0.860   7.360   7.581   1.00 14.99 ? 136 VAL A C   1 
ATOM   747  O O   . VAL A 1 103 ? 0.126   7.981   6.801   1.00 15.24 ? 136 VAL A O   1 
ATOM   748  C CB  . VAL A 1 103 ? -0.152  6.874   9.893   1.00 15.13 ? 136 VAL A CB  1 
ATOM   749  C CG1 . VAL A 1 103 ? -0.873  8.248   9.753   1.00 15.93 ? 136 VAL A CG1 1 
ATOM   750  C CG2 . VAL A 1 103 ? -1.100  5.835   10.601  1.00 14.89 ? 136 VAL A CG2 1 
ATOM   751  N N   . SER A 1 104 ? 2.186   7.561   7.647   1.00 15.06 ? 137 SER A N   1 
ATOM   752  C CA  A SER A 1 104 ? 2.861   8.469   6.710   0.50 15.80 ? 137 SER A CA  1 
ATOM   753  C CA  B SER A 1 104 ? 2.846   8.484   6.713   0.50 15.57 ? 137 SER A CA  1 
ATOM   754  C C   . SER A 1 104 ? 2.650   8.000   5.267   1.00 15.58 ? 137 SER A C   1 
ATOM   755  O O   . SER A 1 104 ? 2.379   8.808   4.352   1.00 15.21 ? 137 SER A O   1 
ATOM   756  C CB  A SER A 1 104 ? 4.364   8.553   7.015   0.50 15.76 ? 137 SER A CB  1 
ATOM   757  C CB  B SER A 1 104 ? 4.343   8.650   7.050   0.50 15.51 ? 137 SER A CB  1 
ATOM   758  O OG  A SER A 1 104 ? 5.021   9.353   6.050   0.50 16.94 ? 137 SER A OG  1 
ATOM   759  O OG  B SER A 1 104 ? 4.533   9.330   8.286   0.50 15.22 ? 137 SER A OG  1 
ATOM   760  N N   . ALA A 1 105 ? 2.819   6.705   5.050   1.00 15.53 ? 138 ALA A N   1 
ATOM   761  C CA  . ALA A 1 105 ? 2.607   6.114   3.704   1.00 15.93 ? 138 ALA A CA  1 
ATOM   762  C C   . ALA A 1 105 ? 1.157   6.272   3.230   1.00 16.79 ? 138 ALA A C   1 
ATOM   763  O O   . ALA A 1 105 ? 0.943   6.639   2.069   1.00 17.25 ? 138 ALA A O   1 
ATOM   764  C CB  . ALA A 1 105 ? 3.049   4.658   3.656   1.00 16.15 ? 138 ALA A CB  1 
ATOM   765  N N   . ILE A 1 106 ? 0.173   6.017   4.103   1.00 15.71 ? 139 ILE A N   1 
ATOM   766  C CA  . ILE A 1 106 ? -1.245  6.245   3.739   1.00 16.22 ? 139 ILE A CA  1 
ATOM   767  C C   . ILE A 1 106 ? -1.498  7.741   3.440   1.00 15.84 ? 139 ILE A C   1 
ATOM   768  O O   . ILE A 1 106 ? -2.176  8.081   2.469   1.00 16.40 ? 139 ILE A O   1 
ATOM   769  C CB  . ILE A 1 106 ? -2.239  5.732   4.793   1.00 15.31 ? 139 ILE A CB  1 
ATOM   770  C CG1 . ILE A 1 106 ? -2.084  4.227   5.073   1.00 14.59 ? 139 ILE A CG1 1 
ATOM   771  C CG2 . ILE A 1 106 ? -3.739  6.083   4.385   1.00 16.21 ? 139 ILE A CG2 1 
ATOM   772  C CD1 . ILE A 1 106 ? -2.829  3.851   6.407   1.00 17.71 ? 139 ILE A CD1 1 
ATOM   773  N N   . THR A 1 107 ? -0.936  8.633   4.258   1.00 16.02 ? 140 THR A N   1 
ATOM   774  C CA  . THR A 1 107 ? -1.089  10.079  4.044   1.00 15.69 ? 140 THR A CA  1 
ATOM   775  C C   . THR A 1 107 ? -0.536  10.525  2.689   1.00 16.80 ? 140 THR A C   1 
ATOM   776  O O   . THR A 1 107 ? -1.178  11.306  1.971   1.00 17.32 ? 140 THR A O   1 
ATOM   777  C CB  . THR A 1 107 ? -0.434  10.869  5.190   1.00 15.64 ? 140 THR A CB  1 
ATOM   778  O OG1 . THR A 1 107 ? -1.059  10.468  6.401   1.00 15.27 ? 140 THR A OG1 1 
ATOM   779  C CG2 . THR A 1 107 ? -0.616  12.393  4.990   1.00 14.16 ? 140 THR A CG2 1 
ATOM   780  N N   . ASN A 1 108 ? 0.639   10.005  2.326   1.00 15.65 ? 141 ASN A N   1 
ATOM   781  C CA  . ASN A 1 108 ? 1.230   10.300  1.030   1.00 16.48 ? 141 ASN A CA  1 
ATOM   782  C C   . ASN A 1 108 ? 0.543   9.622   -0.170  1.00 16.42 ? 141 ASN A C   1 
ATOM   783  O O   . ASN A 1 108 ? 0.873   9.917   -1.327  1.00 17.97 ? 141 ASN A O   1 
ATOM   784  C CB  . ASN A 1 108 ? 2.737   9.995   1.080   1.00 17.08 ? 141 ASN A CB  1 
ATOM   785  C CG  . ASN A 1 108 ? 3.474   10.979  1.961   1.00 17.55 ? 141 ASN A CG  1 
ATOM   786  O OD1 . ASN A 1 108 ? 3.066   12.115  2.070   1.00 24.00 ? 141 ASN A OD1 1 
ATOM   787  N ND2 . ASN A 1 108 ? 4.557   10.539  2.605   1.00 22.25 ? 141 ASN A ND2 1 
ATOM   788  N N   . THR A 1 109 ? -0.462  8.797   0.101   1.00 15.99 ? 142 THR A N   1 
ATOM   789  C CA  . THR A 1 109 ? -1.257  8.164   -0.967  1.00 16.31 ? 142 THR A CA  1 
ATOM   790  C C   . THR A 1 109 ? -2.281  9.188   -1.497  1.00 16.62 ? 142 THR A C   1 
ATOM   791  O O   . THR A 1 109 ? -2.663  9.141   -2.661  1.00 15.84 ? 142 THR A O   1 
ATOM   792  C CB  . THR A 1 109 ? -1.988  6.924   -0.414  1.00 16.35 ? 142 THR A CB  1 
ATOM   793  O OG1 . THR A 1 109 ? -1.026  5.925   -0.036  1.00 16.02 ? 142 THR A OG1 1 
ATOM   794  C CG2 . THR A 1 109 ? -3.015  6.324   -1.438  1.00 17.40 ? 142 THR A CG2 1 
ATOM   795  N N   . PHE A 1 110 ? -2.670  10.129  -0.627  1.00 16.99 ? 143 PHE A N   1 
ATOM   796  C CA  . PHE A 1 110 ? -3.773  11.073  -0.899  1.00 17.61 ? 143 PHE A CA  1 
ATOM   797  C C   . PHE A 1 110 ? -3.327  12.535  -0.920  1.00 17.60 ? 143 PHE A C   1 
ATOM   798  O O   . PHE A 1 110 ? -4.038  13.404  -1.476  1.00 17.58 ? 143 PHE A O   1 
ATOM   799  C CB  . PHE A 1 110 ? -4.887  10.907  0.142   1.00 18.07 ? 143 PHE A CB  1 
ATOM   800  C CG  . PHE A 1 110 ? -5.499  9.556   0.146   1.00 19.23 ? 143 PHE A CG  1 
ATOM   801  C CD1 . PHE A 1 110 ? -6.288  9.137   -0.938  1.00 19.08 ? 143 PHE A CD1 1 
ATOM   802  C CD2 . PHE A 1 110 ? -5.247  8.661   1.201   1.00 17.89 ? 143 PHE A CD2 1 
ATOM   803  C CE1 . PHE A 1 110 ? -6.882  7.888   -0.953  1.00 19.38 ? 143 PHE A CE1 1 
ATOM   804  C CE2 . PHE A 1 110 ? -5.832  7.347   1.190   1.00 18.14 ? 143 PHE A CE2 1 
ATOM   805  C CZ  . PHE A 1 110 ? -6.666  6.978   0.113   1.00 19.25 ? 143 PHE A CZ  1 
ATOM   806  N N   . THR A 1 111 ? -2.198  12.824  -0.267  1.00 17.78 ? 144 THR A N   1 
ATOM   807  C CA  . THR A 1 111 ? -1.704  14.212  -0.107  1.00 16.58 ? 144 THR A CA  1 
ATOM   808  C C   . THR A 1 111 ? -0.203  14.264  -0.446  1.00 17.76 ? 144 THR A C   1 
ATOM   809  O O   . THR A 1 111 ? 0.409   13.232  -0.705  1.00 16.83 ? 144 THR A O   1 
ATOM   810  C CB  . THR A 1 111 ? -1.957  14.797  1.348   1.00 16.52 ? 144 THR A CB  1 
ATOM   811  O OG1 . THR A 1 111 ? -1.171  14.084  2.311   1.00 16.70 ? 144 THR A OG1 1 
ATOM   812  C CG2 . THR A 1 111 ? -3.470  14.764  1.745   1.00 17.07 ? 144 THR A CG2 1 
ATOM   813  N N   . ASN A 1 112 ? 0.382   15.468  -0.426  1.00 17.22 ? 145 ASN A N   1 
ATOM   814  C CA  . ASN A 1 112 ? 1.735   15.674  -0.892  1.00 18.72 ? 145 ASN A CA  1 
ATOM   815  C C   . ASN A 1 112 ? 1.922   15.052  -2.288  1.00 18.72 ? 145 ASN A C   1 
ATOM   816  O O   . ASN A 1 112 ? 2.963   14.473  -2.555  1.00 18.37 ? 145 ASN A O   1 
ATOM   817  C CB  . ASN A 1 112 ? 2.745   15.043  0.065   1.00 18.96 ? 145 ASN A CB  1 
ATOM   818  C CG  . ASN A 1 112 ? 2.707   15.648  1.442   1.00 24.12 ? 145 ASN A CG  1 
ATOM   819  O OD1 . ASN A 1 112 ? 2.724   16.872  1.593   1.00 26.58 ? 145 ASN A OD1 1 
ATOM   820  N ND2 . ASN A 1 112 ? 2.679   14.788  2.470   1.00 26.81 ? 145 ASN A ND2 1 
ATOM   821  N N   . LEU A 1 113 ? 0.899   15.142  -3.133  1.00 19.34 ? 146 LEU A N   1 
ATOM   822  C CA  . LEU A 1 113 ? 0.946   14.490  -4.443  1.00 20.81 ? 146 LEU A CA  1 
ATOM   823  C C   . LEU A 1 113 ? 1.821   15.287  -5.411  1.00 21.74 ? 146 LEU A C   1 
ATOM   824  O O   . LEU A 1 113 ? 2.421   14.711  -6.313  1.00 21.09 ? 146 LEU A O   1 
ATOM   825  C CB  . LEU A 1 113 ? -0.468  14.278  -5.027  1.00 20.61 ? 146 LEU A CB  1 
ATOM   826  C CG  . LEU A 1 113 ? -1.366  13.299  -4.261  1.00 20.32 ? 146 LEU A CG  1 
ATOM   827  C CD1 . LEU A 1 113 ? -2.734  13.199  -4.945  1.00 20.51 ? 146 LEU A CD1 1 
ATOM   828  C CD2 . LEU A 1 113 ? -0.656  11.947  -4.233  1.00 20.60 ? 146 LEU A CD2 1 
ATOM   829  N N   . GLU A 1 114 ? 1.897   16.610  -5.218  1.00 23.43 ? 147 GLU A N   1 
ATOM   830  C CA  . GLU A 1 114 ? 2.695   17.454  -6.125  1.00 24.37 ? 147 GLU A CA  1 
ATOM   831  C C   . GLU A 1 114 ? 4.161   16.963  -6.286  1.00 24.08 ? 147 GLU A C   1 
ATOM   832  O O   . GLU A 1 114 ? 4.573   16.699  -7.408  1.00 23.39 ? 147 GLU A O   1 
ATOM   833  C CB  . GLU A 1 114 ? 2.568   18.936  -5.745  1.00 24.77 ? 147 GLU A CB  1 
ATOM   834  C CG  . GLU A 1 114 ? 3.278   19.906  -6.669  1.00 29.52 ? 147 GLU A CG  1 
ATOM   835  C CD  . GLU A 1 114 ? 4.578   20.376  -6.075  1.00 36.12 ? 147 GLU A CD  1 
ATOM   836  O OE1 . GLU A 1 114 ? 5.590   19.660  -6.200  1.00 38.01 ? 147 GLU A OE1 1 
ATOM   837  O OE2 . GLU A 1 114 ? 4.587   21.466  -5.462  1.00 41.24 ? 147 GLU A OE2 1 
ATOM   838  N N   . PRO A 1 115 ? 4.920   16.773  -5.173  1.00 24.37 ? 148 PRO A N   1 
ATOM   839  C CA  . PRO A 1 115 ? 6.296   16.198  -5.306  1.00 24.97 ? 148 PRO A CA  1 
ATOM   840  C C   . PRO A 1 115 ? 6.372   14.779  -5.882  1.00 24.41 ? 148 PRO A C   1 
ATOM   841  O O   . PRO A 1 115 ? 7.406   14.381  -6.404  1.00 25.45 ? 148 PRO A O   1 
ATOM   842  C CB  . PRO A 1 115 ? 6.851   16.216  -3.871  1.00 25.11 ? 148 PRO A CB  1 
ATOM   843  C CG  . PRO A 1 115 ? 5.663   16.337  -2.992  1.00 25.20 ? 148 PRO A CG  1 
ATOM   844  C CD  . PRO A 1 115 ? 4.600   17.097  -3.768  1.00 24.49 ? 148 PRO A CD  1 
ATOM   845  N N   . GLN A 1 116 ? 5.277   14.033  -5.808  1.00 24.02 ? 149 GLN A N   1 
ATOM   846  C CA  . GLN A 1 116 ? 5.274   12.628  -6.213  1.00 22.95 ? 149 GLN A CA  1 
ATOM   847  C C   . GLN A 1 116 ? 4.769   12.453  -7.643  1.00 23.32 ? 149 GLN A C   1 
ATOM   848  O O   . GLN A 1 116 ? 4.651   11.326  -8.148  1.00 22.42 ? 149 GLN A O   1 
ATOM   849  C CB  . GLN A 1 116 ? 4.345   11.841  -5.279  1.00 22.99 ? 149 GLN A CB  1 
ATOM   850  C CG  . GLN A 1 116 ? 4.761   11.808  -3.803  1.00 22.23 ? 149 GLN A CG  1 
ATOM   851  C CD  . GLN A 1 116 ? 3.751   11.014  -2.995  1.00 21.70 ? 149 GLN A CD  1 
ATOM   852  O OE1 . GLN A 1 116 ? 2.892   11.578  -2.309  1.00 22.07 ? 149 GLN A OE1 1 
ATOM   853  N NE2 . GLN A 1 116 ? 3.785   9.706   -3.152  1.00 19.01 ? 149 GLN A NE2 1 
ATOM   854  N N   . VAL A 1 117 ? 4.492   13.569  -8.307  1.00 23.56 ? 150 VAL A N   1 
ATOM   855  C CA  . VAL A 1 117 ? 3.653   13.544  -9.520  1.00 24.21 ? 150 VAL A CA  1 
ATOM   856  C C   . VAL A 1 117 ? 4.193   12.591  -10.589 1.00 24.30 ? 150 VAL A C   1 
ATOM   857  O O   . VAL A 1 117 ? 3.414   11.920  -11.274 1.00 23.79 ? 150 VAL A O   1 
ATOM   858  C CB  . VAL A 1 117 ? 3.331   15.015  -10.038 1.00 24.78 ? 150 VAL A CB  1 
ATOM   859  C CG1 . VAL A 1 117 ? 4.566   15.697  -10.651 1.00 26.58 ? 150 VAL A CG1 1 
ATOM   860  C CG2 . VAL A 1 117 ? 2.149   15.023  -11.006 1.00 24.76 ? 150 VAL A CG2 1 
ATOM   861  N N   . ASP A 1 118 ? 5.525   12.518  -10.716 1.00 24.79 ? 151 ASP A N   1 
ATOM   862  C CA  . ASP A 1 118 ? 6.174   11.717  -11.747 1.00 26.32 ? 151 ASP A CA  1 
ATOM   863  C C   . ASP A 1 118 ? 6.812   10.428  -11.236 1.00 26.34 ? 151 ASP A C   1 
ATOM   864  O O   . ASP A 1 118 ? 7.561   9.781   -11.975 1.00 25.41 ? 151 ASP A O   1 
ATOM   865  C CB  . ASP A 1 118 ? 7.245   12.540  -12.494 1.00 27.74 ? 151 ASP A CB  1 
ATOM   866  C CG  . ASP A 1 118 ? 6.663   13.724  -13.231 1.00 29.61 ? 151 ASP A CG  1 
ATOM   867  O OD1 . ASP A 1 118 ? 5.638   13.550  -13.913 1.00 33.82 ? 151 ASP A OD1 1 
ATOM   868  O OD2 . ASP A 1 118 ? 7.220   14.840  -13.108 1.00 34.73 ? 151 ASP A OD2 1 
ATOM   869  N N   . GLU A 1 119 ? 6.504   10.045  -9.996  1.00 25.10 ? 152 GLU A N   1 
ATOM   870  C CA  . GLU A 1 119 ? 7.101   8.848   -9.411  1.00 25.21 ? 152 GLU A CA  1 
ATOM   871  C C   . GLU A 1 119 ? 6.466   7.586   -9.998  1.00 25.75 ? 152 GLU A C   1 
ATOM   872  O O   . GLU A 1 119 ? 5.300   7.601   -10.418 1.00 24.56 ? 152 GLU A O   1 
ATOM   873  C CB  . GLU A 1 119 ? 7.009   8.886   -7.887  1.00 24.74 ? 152 GLU A CB  1 
ATOM   874  C CG  . GLU A 1 119 ? 7.733   10.112  -7.254  1.00 26.41 ? 152 GLU A CG  1 
ATOM   875  C CD  . GLU A 1 119 ? 9.230   9.884   -6.984  1.00 31.33 ? 152 GLU A CD  1 
ATOM   876  O OE1 . GLU A 1 119 ? 9.852   9.010   -7.635  1.00 30.30 ? 152 GLU A OE1 1 
ATOM   877  O OE2 . GLU A 1 119 ? 9.770   10.577  -6.084  1.00 32.99 ? 152 GLU A OE2 1 
ATOM   878  N N   . ASN A 1 120 ? 7.234   6.499   -10.011 1.00 26.10 ? 153 ASN A N   1 
ATOM   879  C CA  . ASN A 1 120 ? 6.795   5.263   -10.629 1.00 27.41 ? 153 ASN A CA  1 
ATOM   880  C C   . ASN A 1 120 ? 5.621   4.599   -9.927  1.00 26.69 ? 153 ASN A C   1 
ATOM   881  O O   . ASN A 1 120 ? 4.810   3.932   -10.582 1.00 27.95 ? 153 ASN A O   1 
ATOM   882  C CB  . ASN A 1 120 ? 7.965   4.284   -10.769 1.00 28.65 ? 153 ASN A CB  1 
ATOM   883  C CG  . ASN A 1 120 ? 8.934   4.707   -11.854 1.00 32.20 ? 153 ASN A CG  1 
ATOM   884  O OD1 . ASN A 1 120 ? 8.578   5.476   -12.753 1.00 37.52 ? 153 ASN A OD1 1 
ATOM   885  N ND2 . ASN A 1 120 ? 10.175  4.231   -11.761 1.00 36.81 ? 153 ASN A ND2 1 
ATOM   886  N N   . TRP A 1 121 ? 5.506   4.831   -8.620  1.00 24.16 ? 154 TRP A N   1 
ATOM   887  C CA  . TRP A 1 121 ? 4.467   4.204   -7.812  1.00 23.05 ? 154 TRP A CA  1 
ATOM   888  C C   . TRP A 1 121 ? 3.083   4.835   -7.931  1.00 21.84 ? 154 TRP A C   1 
ATOM   889  O O   . TRP A 1 121 ? 2.134   4.321   -7.359  1.00 21.12 ? 154 TRP A O   1 
ATOM   890  C CB  . TRP A 1 121 ? 4.862   4.147   -6.335  1.00 23.57 ? 154 TRP A CB  1 
ATOM   891  C CG  . TRP A 1 121 ? 5.181   5.457   -5.711  1.00 23.18 ? 154 TRP A CG  1 
ATOM   892  C CD1 . TRP A 1 121 ? 4.301   6.372   -5.220  1.00 22.88 ? 154 TRP A CD1 1 
ATOM   893  C CD2 . TRP A 1 121 ? 6.494   5.991   -5.473  1.00 22.48 ? 154 TRP A CD2 1 
ATOM   894  N NE1 . TRP A 1 121 ? 4.980   7.449   -4.695  1.00 23.02 ? 154 TRP A NE1 1 
ATOM   895  C CE2 . TRP A 1 121 ? 6.326   7.244   -4.842  1.00 23.70 ? 154 TRP A CE2 1 
ATOM   896  C CE3 . TRP A 1 121 ? 7.791   5.536   -5.738  1.00 24.70 ? 154 TRP A CE3 1 
ATOM   897  C CZ2 . TRP A 1 121 ? 7.411   8.049   -4.464  1.00 24.04 ? 154 TRP A CZ2 1 
ATOM   898  C CZ3 . TRP A 1 121 ? 8.871   6.340   -5.367  1.00 23.27 ? 154 TRP A CZ3 1 
ATOM   899  C CH2 . TRP A 1 121 ? 8.669   7.583   -4.730  1.00 24.39 ? 154 TRP A CH2 1 
ATOM   900  N N   . ILE A 1 122 ? 2.981   5.960   -8.639  1.00 20.65 ? 155 ILE A N   1 
ATOM   901  C CA  . ILE A 1 122 ? 1.671   6.563   -8.902  1.00 21.11 ? 155 ILE A CA  1 
ATOM   902  C C   . ILE A 1 122 ? 1.415   6.517   -10.405 1.00 20.59 ? 155 ILE A C   1 
ATOM   903  O O   . ILE A 1 122 ? 2.324   6.792   -11.184 1.00 20.93 ? 155 ILE A O   1 
ATOM   904  C CB  . ILE A 1 122 ? 1.585   8.021   -8.360  1.00 21.55 ? 155 ILE A CB  1 
ATOM   905  C CG1 . ILE A 1 122 ? 0.147   8.552   -8.444  1.00 22.16 ? 155 ILE A CG1 1 
ATOM   906  C CG2 . ILE A 1 122 ? 2.567   8.933   -9.106  1.00 22.53 ? 155 ILE A CG2 1 
ATOM   907  C CD1 . ILE A 1 122 ? -0.153  9.735   -7.450  1.00 21.50 ? 155 ILE A CD1 1 
ATOM   908  N N   . VAL A 1 123 ? 0.188   6.185   -10.794 1.00 20.13 ? 156 VAL A N   1 
ATOM   909  C CA  . VAL A 1 123 ? -0.141  6.038   -12.219 1.00 20.43 ? 156 VAL A CA  1 
ATOM   910  C C   . VAL A 1 123 ? -1.378  6.889   -12.479 1.00 19.80 ? 156 VAL A C   1 
ATOM   911  O O   . VAL A 1 123 ? -2.482  6.567   -12.024 1.00 19.41 ? 156 VAL A O   1 
ATOM   912  C CB  . VAL A 1 123 ? -0.434  4.554   -12.595 1.00 20.22 ? 156 VAL A CB  1 
ATOM   913  C CG1 . VAL A 1 123 ? -0.712  4.415   -14.099 1.00 21.37 ? 156 VAL A CG1 1 
ATOM   914  C CG2 . VAL A 1 123 ? 0.687   3.639   -12.175 1.00 21.37 ? 156 VAL A CG2 1 
ATOM   915  N N   . TRP A 1 124 ? -1.207  7.995   -13.197 1.00 20.40 ? 157 TRP A N   1 
ATOM   916  C CA  . TRP A 1 124 ? -2.372  8.835   -13.496 1.00 20.43 ? 157 TRP A CA  1 
ATOM   917  C C   . TRP A 1 124 ? -3.206  8.160   -14.592 1.00 21.22 ? 157 TRP A C   1 
ATOM   918  O O   . TRP A 1 124 ? -2.639  7.613   -15.538 1.00 20.52 ? 157 TRP A O   1 
ATOM   919  C CB  . TRP A 1 124 ? -1.939  10.251  -13.909 1.00 20.96 ? 157 TRP A CB  1 
ATOM   920  C CG  . TRP A 1 124 ? -1.162  10.957  -12.795 1.00 19.83 ? 157 TRP A CG  1 
ATOM   921  C CD1 . TRP A 1 124 ? 0.182   11.192  -12.742 1.00 20.44 ? 157 TRP A CD1 1 
ATOM   922  C CD2 . TRP A 1 124 ? -1.710  11.443  -11.552 1.00 19.96 ? 157 TRP A CD2 1 
ATOM   923  N NE1 . TRP A 1 124 ? 0.506   11.816  -11.539 1.00 20.12 ? 157 TRP A NE1 1 
ATOM   924  C CE2 . TRP A 1 124 ? -0.636  11.975  -10.799 1.00 21.43 ? 157 TRP A CE2 1 
ATOM   925  C CE3 . TRP A 1 124 ? -3.004  11.470  -11.006 1.00 18.96 ? 157 TRP A CE3 1 
ATOM   926  C CZ2 . TRP A 1 124 ? -0.821  12.559  -9.528  1.00 19.87 ? 157 TRP A CZ2 1 
ATOM   927  C CZ3 . TRP A 1 124 ? -3.190  12.047  -9.726  1.00 21.59 ? 157 TRP A CZ3 1 
ATOM   928  C CH2 . TRP A 1 124 ? -2.093  12.583  -9.015  1.00 20.87 ? 157 TRP A CH2 1 
ATOM   929  N N   . ARG A 1 125 ? -4.533  8.184   -14.438 1.00 21.28 ? 158 ARG A N   1 
ATOM   930  C CA  . ARG A 1 125 ? -5.468  7.583   -15.402 1.00 22.63 ? 158 ARG A CA  1 
ATOM   931  C C   . ARG A 1 125 ? -6.376  8.699   -15.953 1.00 22.72 ? 158 ARG A C   1 
ATOM   932  O O   . ARG A 1 125 ? -5.914  9.525   -16.735 1.00 23.20 ? 158 ARG A O   1 
ATOM   933  C CB  . ARG A 1 125 ? -6.296  6.471   -14.740 1.00 23.45 ? 158 ARG A CB  1 
ATOM   934  C CG  . ARG A 1 125 ? -5.473  5.316   -14.141 1.00 27.51 ? 158 ARG A CG  1 
ATOM   935  C CD  . ARG A 1 125 ? -6.189  3.972   -14.291 1.00 33.73 ? 158 ARG A CD  1 
ATOM   936  N NE  . ARG A 1 125 ? -7.510  3.926   -13.656 1.00 36.71 ? 158 ARG A NE  1 
ATOM   937  N N   . ASN A 1 126 ? -7.630  8.774   -15.508 1.00 23.04 ? 159 ASN A N   1 
ATOM   938  C CA  . ASN A 1 126 ? -8.537  9.871   -15.938 1.00 23.34 ? 159 ASN A CA  1 
ATOM   939  C C   . ASN A 1 126 ? -8.137  11.222  -15.322 1.00 23.36 ? 159 ASN A C   1 
ATOM   940  O O   . ASN A 1 126 ? -7.834  11.323  -14.123 1.00 22.81 ? 159 ASN A O   1 
ATOM   941  C CB  . ASN A 1 126 ? -10.009 9.564   -15.630 1.00 23.12 ? 159 ASN A CB  1 
ATOM   942  C CG  . ASN A 1 126 ? -10.979 10.540  -16.316 1.00 25.03 ? 159 ASN A CG  1 
ATOM   943  O OD1 . ASN A 1 126 ? -10.745 11.022  -17.453 1.00 25.32 ? 159 ASN A OD1 1 
ATOM   944  N ND2 . ASN A 1 126 ? -12.091 10.807  -15.646 1.00 27.52 ? 159 ASN A ND2 1 
ATOM   945  N N   . LEU A 1 127 ? -8.097  12.252  -16.157 1.00 23.20 ? 160 LEU A N   1 
ATOM   946  C CA  . LEU A 1 127 ? -7.695  13.572  -15.681 1.00 23.57 ? 160 LEU A CA  1 
ATOM   947  C C   . LEU A 1 127 ? -8.628  14.630  -16.259 1.00 23.52 ? 160 LEU A C   1 
ATOM   948  O O   . LEU A 1 127 ? -8.169  15.577  -16.891 1.00 24.02 ? 160 LEU A O   1 
ATOM   949  C CB  . LEU A 1 127 ? -6.237  13.857  -16.062 1.00 23.25 ? 160 LEU A CB  1 
ATOM   950  C CG  . LEU A 1 127 ? -5.137  12.905  -15.574 1.00 23.55 ? 160 LEU A CG  1 
ATOM   951  C CD1 . LEU A 1 127 ? -3.830  13.211  -16.257 1.00 22.90 ? 160 LEU A CD1 1 
ATOM   952  C CD2 . LEU A 1 127 ? -4.975  13.016  -14.044 1.00 22.74 ? 160 LEU A CD2 1 
ATOM   953  N N   . SER A 1 128 ? -9.929  14.464  -16.026 1.00 24.20 ? 161 SER A N   1 
ATOM   954  C CA  . SER A 1 128 ? -10.938 15.318  -16.650 1.00 24.87 ? 161 SER A CA  1 
ATOM   955  C C   . SER A 1 128 ? -11.151 16.596  -15.849 1.00 25.31 ? 161 SER A C   1 
ATOM   956  O O   . SER A 1 128 ? -10.532 16.796  -14.801 1.00 25.53 ? 161 SER A O   1 
ATOM   957  C CB  . SER A 1 128 ? -12.263 14.558  -16.806 1.00 25.06 ? 161 SER A CB  1 
ATOM   958  O OG  . SER A 1 128 ? -12.989 14.564  -15.590 1.00 25.88 ? 161 SER A OG  1 
ATOM   959  N N   . ALA A 1 129 ? -12.046 17.462  -16.324 1.00 25.04 ? 162 ALA A N   1 
ATOM   960  C CA  . ALA A 1 129 ? -12.365 18.677  -15.566 1.00 26.08 ? 162 ALA A CA  1 
ATOM   961  C C   . ALA A 1 129 ? -13.064 18.379  -14.231 1.00 26.04 ? 162 ALA A C   1 
ATOM   962  O O   . ALA A 1 129 ? -12.992 19.190  -13.284 1.00 27.13 ? 162 ALA A O   1 
ATOM   963  C CB  . ALA A 1 129 ? -13.214 19.647  -16.418 1.00 25.73 ? 162 ALA A CB  1 
ATOM   964  N N   . THR A 1 130 ? -13.734 17.227  -14.147 1.00 25.95 ? 163 THR A N   1 
ATOM   965  C CA  . THR A 1 130 ? -14.612 16.942  -13.018 1.00 25.96 ? 163 THR A CA  1 
ATOM   966  C C   . THR A 1 130 ? -14.106 15.808  -12.108 1.00 25.03 ? 163 THR A C   1 
ATOM   967  O O   . THR A 1 130 ? -14.622 15.617  -10.982 1.00 24.90 ? 163 THR A O   1 
ATOM   968  C CB  . THR A 1 130 ? -16.045 16.594  -13.481 1.00 25.90 ? 163 THR A CB  1 
ATOM   969  O OG1 . THR A 1 130 ? -16.013 15.476  -14.382 1.00 28.35 ? 163 THR A OG1 1 
ATOM   970  C CG2 . THR A 1 130 ? -16.731 17.816  -14.136 1.00 29.17 ? 163 THR A CG2 1 
ATOM   971  N N   . GLN A 1 131 ? -13.096 15.084  -12.585 1.00 23.64 ? 164 GLN A N   1 
ATOM   972  C CA  . GLN A 1 131 ? -12.614 13.893  -11.877 1.00 23.53 ? 164 GLN A CA  1 
ATOM   973  C C   . GLN A 1 131 ? -11.148 13.553  -12.155 1.00 21.95 ? 164 GLN A C   1 
ATOM   974  O O   . GLN A 1 131 ? -10.638 13.744  -13.267 1.00 21.69 ? 164 GLN A O   1 
ATOM   975  C CB  . GLN A 1 131 ? -13.505 12.715  -12.269 1.00 24.34 ? 164 GLN A CB  1 
ATOM   976  C CG  . GLN A 1 131 ? -13.031 11.357  -11.825 1.00 28.53 ? 164 GLN A CG  1 
ATOM   977  C CD  . GLN A 1 131 ? -13.860 10.248  -12.452 1.00 30.33 ? 164 GLN A CD  1 
ATOM   978  O OE1 . GLN A 1 131 ? -13.392 9.531   -13.357 1.00 33.80 ? 164 GLN A OE1 1 
ATOM   979  N NE2 . GLN A 1 131 ? -15.092 10.109  -11.987 1.00 30.62 ? 164 GLN A NE2 1 
ATOM   980  N N   . THR A 1 132 ? -10.489 13.019  -11.134 1.00 20.44 ? 165 THR A N   1 
ATOM   981  C CA  . THR A 1 132 ? -9.144  12.478  -11.273 1.00 20.23 ? 165 THR A CA  1 
ATOM   982  C C   . THR A 1 132 ? -9.158  11.025  -10.809 1.00 20.07 ? 165 THR A C   1 
ATOM   983  O O   . THR A 1 132 ? -9.755  10.690  -9.787  1.00 19.51 ? 165 THR A O   1 
ATOM   984  C CB  . THR A 1 132 ? -8.114  13.300  -10.454 1.00 20.65 ? 165 THR A CB  1 
ATOM   985  O OG1 . THR A 1 132 ? -8.105  14.666  -10.903 1.00 20.17 ? 165 THR A OG1 1 
ATOM   986  C CG2 . THR A 1 132 ? -6.695  12.698  -10.585 1.00 19.80 ? 165 THR A CG2 1 
ATOM   987  N N   . SER A 1 133 ? -8.534  10.144  -11.578 1.00 19.86 ? 166 SER A N   1 
ATOM   988  C CA  . SER A 1 133 ? -8.331  8.789   -11.076 1.00 18.78 ? 166 SER A CA  1 
ATOM   989  C C   . SER A 1 133 ? -6.864  8.388   -11.194 1.00 18.02 ? 166 SER A C   1 
ATOM   990  O O   . SER A 1 133 ? -6.132  8.837   -12.102 1.00 16.91 ? 166 SER A O   1 
ATOM   991  C CB  . SER A 1 133 ? -9.281  7.774   -11.733 1.00 20.30 ? 166 SER A CB  1 
ATOM   992  O OG  . SER A 1 133 ? -8.978  7.569   -13.108 1.00 22.15 ? 166 SER A OG  1 
ATOM   993  N N   . TYR A 1 134 ? -6.417  7.575   -10.243 1.00 17.90 ? 167 TYR A N   1 
ATOM   994  C CA  . TYR A 1 134 ? -5.041  7.105   -10.264 1.00 17.47 ? 167 TYR A CA  1 
ATOM   995  C C   . TYR A 1 134 ? -4.862  5.777   -9.535  1.00 17.50 ? 167 TYR A C   1 
ATOM   996  O O   . TYR A 1 134 ? -5.740  5.385   -8.774  1.00 18.07 ? 167 TYR A O   1 
ATOM   997  C CB  . TYR A 1 134 ? -4.115  8.156   -9.684  1.00 17.16 ? 167 TYR A CB  1 
ATOM   998  C CG  . TYR A 1 134 ? -4.309  8.562   -8.225  1.00 18.06 ? 167 TYR A CG  1 
ATOM   999  C CD1 . TYR A 1 134 ? -3.415  8.098   -7.217  1.00 15.81 ? 167 TYR A CD1 1 
ATOM   1000 C CD2 . TYR A 1 134 ? -5.284  9.473   -7.873  1.00 16.52 ? 167 TYR A CD2 1 
ATOM   1001 C CE1 . TYR A 1 134 ? -3.555  8.531   -5.874  1.00 16.89 ? 167 TYR A CE1 1 
ATOM   1002 C CE2 . TYR A 1 134 ? -5.418  9.929   -6.548  1.00 16.45 ? 167 TYR A CE2 1 
ATOM   1003 C CZ  . TYR A 1 134 ? -4.564  9.441   -5.561  1.00 17.84 ? 167 TYR A CZ  1 
ATOM   1004 O OH  . TYR A 1 134 ? -4.702  9.892   -4.273  1.00 17.52 ? 167 TYR A OH  1 
ATOM   1005 N N   . PHE A 1 135 ? -3.754  5.096   -9.817  1.00 17.33 ? 168 PHE A N   1 
ATOM   1006 C CA  . PHE A 1 135 ? -3.321  3.936   -9.017  1.00 18.12 ? 168 PHE A CA  1 
ATOM   1007 C C   . PHE A 1 135 ? -2.192  4.401   -8.090  1.00 17.49 ? 168 PHE A C   1 
ATOM   1008 O O   . PHE A 1 135 ? -1.391  5.242   -8.472  1.00 17.82 ? 168 PHE A O   1 
ATOM   1009 C CB  . PHE A 1 135 ? -2.734  2.838   -9.907  1.00 19.66 ? 168 PHE A CB  1 
ATOM   1010 C CG  . PHE A 1 135 ? -3.703  2.266   -10.914 1.00 20.55 ? 168 PHE A CG  1 
ATOM   1011 C CD1 . PHE A 1 135 ? -5.047  2.105   -10.611 1.00 23.03 ? 168 PHE A CD1 1 
ATOM   1012 C CD2 . PHE A 1 135 ? -3.226  1.807   -12.153 1.00 23.05 ? 168 PHE A CD2 1 
ATOM   1013 C CE1 . PHE A 1 135 ? -5.933  1.559   -11.548 1.00 25.81 ? 168 PHE A CE1 1 
ATOM   1014 C CE2 . PHE A 1 135 ? -4.084  1.265   -13.089 1.00 25.08 ? 168 PHE A CE2 1 
ATOM   1015 C CZ  . PHE A 1 135 ? -5.440  1.121   -12.786 1.00 24.07 ? 168 PHE A CZ  1 
ATOM   1016 N N   . TYR A 1 136 ? -2.111  3.814   -6.898  1.00 17.81 ? 169 TYR A N   1 
ATOM   1017 C CA  . TYR A 1 136 ? -1.037  4.139   -5.969  1.00 16.64 ? 169 TYR A CA  1 
ATOM   1018 C C   . TYR A 1 136 ? -0.669  2.828   -5.288  1.00 16.54 ? 169 TYR A C   1 
ATOM   1019 O O   . TYR A 1 136 ? -1.555  2.099   -4.794  1.00 15.44 ? 169 TYR A O   1 
ATOM   1020 C CB  . TYR A 1 136 ? -1.512  5.146   -4.925  1.00 17.65 ? 169 TYR A CB  1 
ATOM   1021 C CG  . TYR A 1 136 ? -0.360  5.798   -4.179  1.00 17.30 ? 169 TYR A CG  1 
ATOM   1022 C CD1 . TYR A 1 136 ? 0.093   7.073   -4.518  1.00 18.55 ? 169 TYR A CD1 1 
ATOM   1023 C CD2 . TYR A 1 136 ? 0.291   5.122   -3.139  1.00 19.51 ? 169 TYR A CD2 1 
ATOM   1024 C CE1 . TYR A 1 136 ? 1.175   7.654   -3.844  1.00 19.35 ? 169 TYR A CE1 1 
ATOM   1025 C CE2 . TYR A 1 136 ? 1.347   5.689   -2.458  1.00 19.82 ? 169 TYR A CE2 1 
ATOM   1026 C CZ  . TYR A 1 136 ? 1.787   6.958   -2.807  1.00 17.92 ? 169 TYR A CZ  1 
ATOM   1027 O OH  . TYR A 1 136 ? 2.844   7.506   -2.122  1.00 18.91 ? 169 TYR A OH  1 
ATOM   1028 N N   . LYS A 1 137 ? 0.628   2.540   -5.271  1.00 16.65 ? 170 LYS A N   1 
ATOM   1029 C CA  . LYS A 1 137 ? 1.116   1.237   -4.788  1.00 18.61 ? 170 LYS A CA  1 
ATOM   1030 C C   . LYS A 1 137 ? 2.193   1.390   -3.751  1.00 17.25 ? 170 LYS A C   1 
ATOM   1031 O O   . LYS A 1 137 ? 3.127   2.178   -3.926  1.00 17.72 ? 170 LYS A O   1 
ATOM   1032 C CB  . LYS A 1 137 ? 1.637   0.375   -5.929  1.00 18.64 ? 170 LYS A CB  1 
ATOM   1033 C CG  . LYS A 1 137 ? 0.522   -0.038  -6.904  1.00 20.07 ? 170 LYS A CG  1 
ATOM   1034 C CD  . LYS A 1 137 ? 1.067   -0.896  -8.052  1.00 22.38 ? 170 LYS A CD  1 
ATOM   1035 C CE  . LYS A 1 137 ? 2.012   -0.135  -9.038  1.00 27.28 ? 170 LYS A CE  1 
ATOM   1036 N NZ  . LYS A 1 137 ? 1.606   1.239   -9.451  1.00 29.46 ? 170 LYS A NZ  1 
ATOM   1037 N N   . ILE A 1 138 ? 2.039   0.622   -2.672  1.00 17.20 ? 171 ILE A N   1 
ATOM   1038 C CA  . ILE A 1 138 ? 2.948   0.668   -1.525  1.00 17.99 ? 171 ILE A CA  1 
ATOM   1039 C C   . ILE A 1 138 ? 3.364   -0.773  -1.223  1.00 18.37 ? 171 ILE A C   1 
ATOM   1040 O O   . ILE A 1 138 ? 2.567   -1.701  -1.420  1.00 18.52 ? 171 ILE A O   1 
ATOM   1041 C CB  . ILE A 1 138 ? 2.236   1.197   -0.273  1.00 18.26 ? 171 ILE A CB  1 
ATOM   1042 C CG1 . ILE A 1 138 ? 1.671   2.614   -0.504  1.00 18.06 ? 171 ILE A CG1 1 
ATOM   1043 C CG2 . ILE A 1 138 ? 3.196   1.196   0.933   1.00 20.13 ? 171 ILE A CG2 1 
ATOM   1044 C CD1 . ILE A 1 138 ? 0.661   3.049   0.592   1.00 18.22 ? 171 ILE A CD1 1 
ATOM   1045 N N   . LEU A 1 139 ? 4.596   -0.973  -0.774  1.00 18.81 ? 172 LEU A N   1 
ATOM   1046 C CA  . LEU A 1 139 ? 5.006   -2.324  -0.325  1.00 18.85 ? 172 LEU A CA  1 
ATOM   1047 C C   . LEU A 1 139 ? 5.783   -2.211  0.973   1.00 18.54 ? 172 LEU A C   1 
ATOM   1048 O O   . LEU A 1 139 ? 6.897   -1.641  1.009   1.00 18.55 ? 172 LEU A O   1 
ATOM   1049 C CB  . LEU A 1 139 ? 5.811   -3.078  -1.393  1.00 19.95 ? 172 LEU A CB  1 
ATOM   1050 C CG  . LEU A 1 139 ? 6.082   -4.584  -1.153  1.00 21.01 ? 172 LEU A CG  1 
ATOM   1051 C CD1 . LEU A 1 139 ? 6.299   -5.338  -2.456  1.00 24.54 ? 172 LEU A CD1 1 
ATOM   1052 C CD2 . LEU A 1 139 ? 7.224   -4.837  -0.148  1.00 23.61 ? 172 LEU A CD2 1 
ATOM   1053 N N   . PHE A 1 140 ? 5.200   -2.759  2.039   1.00 18.02 ? 173 PHE A N   1 
ATOM   1054 C CA  . PHE A 1 140 ? 5.873   -2.814  3.329   1.00 18.06 ? 173 PHE A CA  1 
ATOM   1055 C C   . PHE A 1 140 ? 6.589   -4.139  3.553   1.00 17.83 ? 173 PHE A C   1 
ATOM   1056 O O   . PHE A 1 140 ? 5.996   -5.215  3.316   1.00 18.42 ? 173 PHE A O   1 
ATOM   1057 C CB  . PHE A 1 140 ? 4.872   -2.690  4.487   1.00 19.02 ? 173 PHE A CB  1 
ATOM   1058 C CG  . PHE A 1 140 ? 4.119   -1.404  4.519   1.00 18.28 ? 173 PHE A CG  1 
ATOM   1059 C CD1 . PHE A 1 140 ? 4.681   -0.272  5.106   1.00 20.39 ? 173 PHE A CD1 1 
ATOM   1060 C CD2 . PHE A 1 140 ? 2.818   -1.337  4.012   1.00 20.20 ? 173 PHE A CD2 1 
ATOM   1061 C CE1 . PHE A 1 140 ? 3.974   0.957   5.135   1.00 20.28 ? 173 PHE A CE1 1 
ATOM   1062 C CE2 . PHE A 1 140 ? 2.088   -0.127  4.049   1.00 19.83 ? 173 PHE A CE2 1 
ATOM   1063 C CZ  . PHE A 1 140 ? 2.669   1.020   4.629   1.00 20.28 ? 173 PHE A CZ  1 
ATOM   1064 N N   . SER A 1 141 ? 7.851   -4.061  3.976   1.00 17.25 ? 174 SER A N   1 
ATOM   1065 C CA  A SER A 1 141 ? 8.545   -5.221  4.534   0.50 17.43 ? 174 SER A CA  1 
ATOM   1066 C CA  B SER A 1 141 ? 8.538   -5.224  4.543   0.50 17.20 ? 174 SER A CA  1 
ATOM   1067 C C   . SER A 1 141 ? 8.681   -4.975  6.033   1.00 17.44 ? 174 SER A C   1 
ATOM   1068 O O   . SER A 1 141 ? 9.049   -3.882  6.460   1.00 17.87 ? 174 SER A O   1 
ATOM   1069 C CB  A SER A 1 141 ? 9.913   -5.424  3.883   0.50 17.61 ? 174 SER A CB  1 
ATOM   1070 C CB  B SER A 1 141 ? 9.903   -5.443  3.903   0.50 17.33 ? 174 SER A CB  1 
ATOM   1071 O OG  A SER A 1 141 ? 9.795   -5.639  2.480   0.50 18.97 ? 174 SER A OG  1 
ATOM   1072 O OG  B SER A 1 141 ? 10.623  -4.228  3.817   0.50 17.41 ? 174 SER A OG  1 
ATOM   1073 N N   . ILE A 1 142 ? 8.369   -5.986  6.836   1.00 16.76 ? 175 ILE A N   1 
ATOM   1074 C CA  . ILE A 1 142 ? 8.227   -5.738  8.246   1.00 16.51 ? 175 ILE A CA  1 
ATOM   1075 C C   . ILE A 1 142 ? 8.871   -6.867  9.024   1.00 16.44 ? 175 ILE A C   1 
ATOM   1076 O O   . ILE A 1 142 ? 8.555   -8.039  8.816   1.00 15.26 ? 175 ILE A O   1 
ATOM   1077 C CB  . ILE A 1 142 ? 6.726   -5.648  8.641   1.00 16.48 ? 175 ILE A CB  1 
ATOM   1078 C CG1 . ILE A 1 142 ? 5.986   -4.713  7.674   1.00 17.53 ? 175 ILE A CG1 1 
ATOM   1079 C CG2 . ILE A 1 142 ? 6.588   -5.204  10.128  1.00 16.59 ? 175 ILE A CG2 1 
ATOM   1080 C CD1 . ILE A 1 142 ? 4.456   -4.983  7.600   1.00 18.09 ? 175 ILE A CD1 1 
ATOM   1081 N N   . GLN A 1 143 ? 9.761   -6.489  9.936   1.00 16.60 ? 176 GLN A N   1 
ATOM   1082 C CA  . GLN A 1 143 ? 10.439  -7.455  10.785  1.00 16.05 ? 176 GLN A CA  1 
ATOM   1083 C C   . GLN A 1 143 ? 10.849  -6.737  12.063  1.00 15.75 ? 176 GLN A C   1 
ATOM   1084 O O   . GLN A 1 143 ? 11.569  -5.754  12.030  1.00 15.81 ? 176 GLN A O   1 
ATOM   1085 C CB  . GLN A 1 143 ? 11.631  -8.115  10.068  1.00 15.64 ? 176 GLN A CB  1 
ATOM   1086 C CG  . GLN A 1 143 ? 12.419  -9.089  10.965  1.00 17.37 ? 176 GLN A CG  1 
ATOM   1087 C CD  . GLN A 1 143 ? 13.494  -8.361  11.743  1.00 18.85 ? 176 GLN A CD  1 
ATOM   1088 O OE1 . GLN A 1 143 ? 14.159  -7.483  11.190  1.00 18.99 ? 176 GLN A OE1 1 
ATOM   1089 N NE2 . GLN A 1 143 ? 13.666  -8.698  13.026  1.00 21.10 ? 176 GLN A NE2 1 
ATOM   1090 N N   . ASN A 1 144 ? 10.357  -7.239  13.184  1.00 15.77 ? 177 ASN A N   1 
ATOM   1091 C CA  . ASN A 1 144 ? 10.744  -6.721  14.498  1.00 16.20 ? 177 ASN A CA  1 
ATOM   1092 C C   . ASN A 1 144 ? 10.327  -7.734  15.571  1.00 17.01 ? 177 ASN A C   1 
ATOM   1093 O O   . ASN A 1 144 ? 9.995   -8.868  15.251  1.00 16.08 ? 177 ASN A O   1 
ATOM   1094 C CB  . ASN A 1 144 ? 10.195  -5.289  14.725  1.00 15.38 ? 177 ASN A CB  1 
ATOM   1095 C CG  . ASN A 1 144 ? 8.741   -5.249  15.204  1.00 18.57 ? 177 ASN A CG  1 
ATOM   1096 O OD1 . ASN A 1 144 ? 8.000   -6.249  15.129  1.00 18.47 ? 177 ASN A OD1 1 
ATOM   1097 N ND2 . ASN A 1 144 ? 8.323   -4.066  15.685  1.00 18.42 ? 177 ASN A ND2 1 
ATOM   1098 N N   . GLU A 1 145 ? 10.333  -7.326  16.837  1.00 17.01 ? 178 GLU A N   1 
ATOM   1099 C CA  . GLU A 1 145 ? 10.010  -8.266  17.921  1.00 17.56 ? 178 GLU A CA  1 
ATOM   1100 C C   . GLU A 1 145 ? 8.639   -8.950  17.769  1.00 18.11 ? 178 GLU A C   1 
ATOM   1101 O O   . GLU A 1 145 ? 8.475   -10.116 18.151  1.00 19.52 ? 178 GLU A O   1 
ATOM   1102 C CB  . GLU A 1 145 ? 10.137  -7.591  19.287  1.00 16.52 ? 178 GLU A CB  1 
ATOM   1103 C CG  . GLU A 1 145 ? 9.177   -6.424  19.505  1.00 18.53 ? 178 GLU A CG  1 
ATOM   1104 C CD  . GLU A 1 145 ? 9.683   -5.057  19.047  1.00 20.33 ? 178 GLU A CD  1 
ATOM   1105 O OE1 . GLU A 1 145 ? 10.722  -4.951  18.324  1.00 19.04 ? 178 GLU A OE1 1 
ATOM   1106 O OE2 . GLU A 1 145 ? 9.003   -4.079  19.446  1.00 21.26 ? 178 GLU A OE2 1 
ATOM   1107 N N   . ASP A 1 146 ? 7.672   -8.236  17.200  1.00 17.65 ? 179 ASP A N   1 
ATOM   1108 C CA  . ASP A 1 146 ? 6.312   -8.729  17.047  1.00 17.98 ? 179 ASP A CA  1 
ATOM   1109 C C   . ASP A 1 146 ? 6.101   -9.573  15.794  1.00 18.41 ? 179 ASP A C   1 
ATOM   1110 O O   . ASP A 1 146 ? 5.009   -10.089 15.580  1.00 18.11 ? 179 ASP A O   1 
ATOM   1111 C CB  . ASP A 1 146 ? 5.273   -7.613  17.130  1.00 18.28 ? 179 ASP A CB  1 
ATOM   1112 C CG  . ASP A 1 146 ? 5.138   -7.056  18.535  1.00 20.62 ? 179 ASP A CG  1 
ATOM   1113 O OD1 . ASP A 1 146 ? 5.346   -7.819  19.513  1.00 22.40 ? 179 ASP A OD1 1 
ATOM   1114 O OD2 . ASP A 1 146 ? 4.818   -5.863  18.669  1.00 21.53 ? 179 ASP A OD2 1 
ATOM   1115 N N   . THR A 1 147 ? 7.151   -9.743  14.999  1.00 17.07 ? 180 THR A N   1 
ATOM   1116 C CA  . THR A 1 147 ? 7.058   -10.724 13.883  1.00 18.20 ? 180 THR A CA  1 
ATOM   1117 C C   . THR A 1 147 ? 7.810   -12.017 14.205  1.00 18.63 ? 180 THR A C   1 
ATOM   1118 O O   . THR A 1 147 ? 7.846   -12.940 13.378  1.00 17.91 ? 180 THR A O   1 
ATOM   1119 C CB  . THR A 1 147 ? 7.570   -10.174 12.532  1.00 18.67 ? 180 THR A CB  1 
ATOM   1120 O OG1 . THR A 1 147 ? 9.002   -9.960  12.591  1.00 16.00 ? 180 THR A OG1 1 
ATOM   1121 C CG2 . THR A 1 147 ? 6.845   -8.886  12.153  1.00 18.87 ? 180 THR A CG2 1 
ATOM   1122 N N   . GLY A 1 148 ? 8.427   -12.060 15.396  1.00 18.23 ? 181 GLY A N   1 
ATOM   1123 C CA  . GLY A 1 148 ? 9.197   -13.242 15.829  1.00 19.70 ? 181 GLY A CA  1 
ATOM   1124 C C   . GLY A 1 148 ? 10.143  -13.819 14.778  1.00 20.60 ? 181 GLY A C   1 
ATOM   1125 O O   . GLY A 1 148 ? 10.998  -13.113 14.202  1.00 20.83 ? 181 GLY A O   1 
ATOM   1126 N N   . ARG A 1 149 ? 9.939   -15.103 14.488  1.00 21.68 ? 182 ARG A N   1 
ATOM   1127 C CA  . ARG A 1 149 ? 10.763  -15.876 13.562  1.00 22.58 ? 182 ARG A CA  1 
ATOM   1128 C C   . ARG A 1 149 ? 10.489  -15.571 12.076  1.00 21.79 ? 182 ARG A C   1 
ATOM   1129 O O   . ARG A 1 149 ? 10.967  -16.305 11.188  1.00 21.67 ? 182 ARG A O   1 
ATOM   1130 C CB  . ARG A 1 149 ? 10.534  -17.383 13.878  1.00 23.34 ? 182 ARG A CB  1 
ATOM   1131 C CG  . ARG A 1 149 ? 11.472  -18.374 13.227  1.00 26.53 ? 182 ARG A CG  1 
ATOM   1132 N N   . PHE A 1 150 ? 9.729   -14.494 11.809  1.00 20.45 ? 183 PHE A N   1 
ATOM   1133 C CA  . PHE A 1 150 ? 9.200   -14.232 10.466  1.00 19.34 ? 183 PHE A CA  1 
ATOM   1134 C C   . PHE A 1 150 ? 9.455   -12.829 9.948   1.00 18.48 ? 183 PHE A C   1 
ATOM   1135 O O   . PHE A 1 150 ? 9.668   -11.896 10.739  1.00 18.01 ? 183 PHE A O   1 
ATOM   1136 C CB  . PHE A 1 150 ? 7.677   -14.449 10.437  1.00 19.61 ? 183 PHE A CB  1 
ATOM   1137 C CG  . PHE A 1 150 ? 7.270   -15.820 10.838  1.00 19.86 ? 183 PHE A CG  1 
ATOM   1138 C CD1 . PHE A 1 150 ? 7.190   -16.824 9.883   1.00 19.99 ? 183 PHE A CD1 1 
ATOM   1139 C CD2 . PHE A 1 150 ? 7.005   -16.125 12.181  1.00 22.38 ? 183 PHE A CD2 1 
ATOM   1140 C CE1 . PHE A 1 150 ? 6.839   -18.134 10.245  1.00 23.14 ? 183 PHE A CE1 1 
ATOM   1141 C CE2 . PHE A 1 150 ? 6.635   -17.424 12.546  1.00 23.97 ? 183 PHE A CE2 1 
ATOM   1142 C CZ  . PHE A 1 150 ? 6.555   -18.429 11.563  1.00 22.68 ? 183 PHE A CZ  1 
ATOM   1143 N N   . MET A 1 151 ? 9.435   -12.688 8.625   1.00 16.28 ? 184 MET A N   1 
ATOM   1144 C CA  . MET A 1 151 ? 9.227   -11.349 8.012   1.00 16.52 ? 184 MET A CA  1 
ATOM   1145 C C   . MET A 1 151 ? 7.846   -11.294 7.387   1.00 16.55 ? 184 MET A C   1 
ATOM   1146 O O   . MET A 1 151 ? 7.418   -12.276 6.781   1.00 16.17 ? 184 MET A O   1 
ATOM   1147 C CB  . MET A 1 151 ? 10.260  -11.074 6.941   1.00 16.28 ? 184 MET A CB  1 
ATOM   1148 C CG  . MET A 1 151 ? 10.097  -9.719  6.227   1.00 16.35 ? 184 MET A CG  1 
ATOM   1149 S SD  . MET A 1 151 ? 11.500  -9.385  5.129   1.00 19.35 ? 184 MET A SD  1 
ATOM   1150 C CE  . MET A 1 151 ? 12.862  -9.253  6.288   1.00 17.96 ? 184 MET A CE  1 
ATOM   1151 N N   . ALA A 1 152 ? 7.167   -10.159 7.515   1.00 15.70 ? 185 ALA A N   1 
ATOM   1152 C CA  . ALA A 1 152 ? 5.876   -9.966  6.873   1.00 15.89 ? 185 ALA A CA  1 
ATOM   1153 C C   . ALA A 1 152 ? 6.059   -9.003  5.685   1.00 15.47 ? 185 ALA A C   1 
ATOM   1154 O O   . ALA A 1 152 ? 6.762   -7.989  5.774   1.00 16.40 ? 185 ALA A O   1 
ATOM   1155 C CB  . ALA A 1 152 ? 4.848   -9.433  7.875   1.00 16.78 ? 185 ALA A CB  1 
ATOM   1156 N N   . ILE A 1 153 ? 5.423   -9.342  4.578   1.00 15.18 ? 186 ILE A N   1 
ATOM   1157 C CA  . ILE A 1 153 ? 5.439   -8.532  3.365   1.00 15.62 ? 186 ILE A CA  1 
ATOM   1158 C C   . ILE A 1 153 ? 3.982   -8.176  3.056   1.00 16.18 ? 186 ILE A C   1 
ATOM   1159 O O   . ILE A 1 153 ? 3.099   -9.057  2.967   1.00 15.41 ? 186 ILE A O   1 
ATOM   1160 C CB  . ILE A 1 153 ? 6.027   -9.331  2.180   1.00 17.40 ? 186 ILE A CB  1 
ATOM   1161 C CG1 . ILE A 1 153 ? 7.443   -9.849  2.495   1.00 16.91 ? 186 ILE A CG1 1 
ATOM   1162 C CG2 . ILE A 1 153 ? 6.042   -8.495  0.907   1.00 16.97 ? 186 ILE A CG2 1 
ATOM   1163 C CD1 . ILE A 1 153 ? 8.504   -8.752  2.793   1.00 18.41 ? 186 ILE A CD1 1 
ATOM   1164 N N   . LEU A 1 154 ? 3.728   -6.880  2.923   1.00 15.86 ? 187 LEU A N   1 
ATOM   1165 C CA  . LEU A 1 154 ? 2.382   -6.358  2.702   1.00 16.63 ? 187 LEU A CA  1 
ATOM   1166 C C   . LEU A 1 154 ? 2.364   -5.422  1.474   1.00 15.54 ? 187 LEU A C   1 
ATOM   1167 O O   . LEU A 1 154 ? 2.629   -4.210  1.609   1.00 15.49 ? 187 LEU A O   1 
ATOM   1168 C CB  . LEU A 1 154 ? 1.903   -5.638  3.979   1.00 16.12 ? 187 LEU A CB  1 
ATOM   1169 C CG  . LEU A 1 154 ? 0.562   -4.879  3.988   1.00 17.61 ? 187 LEU A CG  1 
ATOM   1170 C CD1 . LEU A 1 154 ? -0.561  -5.603  3.251   1.00 20.17 ? 187 LEU A CD1 1 
ATOM   1171 C CD2 . LEU A 1 154 ? 0.165   -4.626  5.477   1.00 19.85 ? 187 LEU A CD2 1 
ATOM   1172 N N   . PRO A 1 155 ? 2.129   -5.986  0.271   1.00 16.20 ? 188 PRO A N   1 
ATOM   1173 C CA  . PRO A 1 155 ? 1.873   -5.173  -0.921  1.00 16.49 ? 188 PRO A CA  1 
ATOM   1174 C C   . PRO A 1 155 ? 0.473   -4.601  -0.818  1.00 17.32 ? 188 PRO A C   1 
ATOM   1175 O O   . PRO A 1 155 ? -0.462  -5.330  -0.470  1.00 16.96 ? 188 PRO A O   1 
ATOM   1176 C CB  . PRO A 1 155 ? 1.916   -6.199  -2.069  1.00 16.80 ? 188 PRO A CB  1 
ATOM   1177 C CG  . PRO A 1 155 ? 2.596   -7.394  -1.489  1.00 17.43 ? 188 PRO A CG  1 
ATOM   1178 C CD  . PRO A 1 155 ? 2.162   -7.426  -0.072  1.00 15.69 ? 188 PRO A CD  1 
ATOM   1179 N N   . ILE A 1 156 ? 0.349   -3.308  -1.090  1.00 17.47 ? 189 ILE A N   1 
ATOM   1180 C CA  . ILE A 1 156 ? -0.967  -2.649  -1.090  1.00 18.65 ? 189 ILE A CA  1 
ATOM   1181 C C   . ILE A 1 156 ? -1.124  -1.851  -2.371  1.00 19.00 ? 189 ILE A C   1 
ATOM   1182 O O   . ILE A 1 156 ? -0.255  -1.041  -2.684  1.00 20.15 ? 189 ILE A O   1 
ATOM   1183 C CB  . ILE A 1 156 ? -1.133  -1.669  0.072   1.00 17.67 ? 189 ILE A CB  1 
ATOM   1184 C CG1 . ILE A 1 156 ? -0.889  -2.331  1.425   1.00 19.54 ? 189 ILE A CG1 1 
ATOM   1185 C CG2 . ILE A 1 156 ? -2.541  -0.993  0.005   1.00 19.38 ? 189 ILE A CG2 1 
ATOM   1186 C CD1 . ILE A 1 156 ? -0.844  -1.365  2.577   1.00 19.52 ? 189 ILE A CD1 1 
ATOM   1187 N N   . ALA A 1 157 ? -2.220  -2.063  -3.112  1.00 18.42 ? 190 ALA A N   1 
ATOM   1188 C CA  . ALA A 1 157 ? -2.552  -1.184  -4.252  1.00 18.53 ? 190 ALA A CA  1 
ATOM   1189 C C   . ALA A 1 157 ? -3.900  -0.491  -4.064  1.00 18.55 ? 190 ALA A C   1 
ATOM   1190 O O   . ALA A 1 157 ? -4.881  -1.129  -3.656  1.00 18.22 ? 190 ALA A O   1 
ATOM   1191 C CB  . ALA A 1 157 ? -2.547  -1.955  -5.572  1.00 19.35 ? 190 ALA A CB  1 
ATOM   1192 N N   . PHE A 1 158 ? -3.959  0.809   -4.358  1.00 18.62 ? 191 PHE A N   1 
ATOM   1193 C CA  . PHE A 1 158 ? -5.246  1.489   -4.352  1.00 18.63 ? 191 PHE A CA  1 
ATOM   1194 C C   . PHE A 1 158 ? -5.625  1.932   -5.770  1.00 18.50 ? 191 PHE A C   1 
ATOM   1195 O O   . PHE A 1 158 ? -4.763  2.324   -6.543  1.00 19.80 ? 191 PHE A O   1 
ATOM   1196 C CB  . PHE A 1 158 ? -5.193  2.750   -3.484  1.00 18.92 ? 191 PHE A CB  1 
ATOM   1197 C CG  . PHE A 1 158 ? -4.848  2.487   -2.049  1.00 18.68 ? 191 PHE A CG  1 
ATOM   1198 C CD1 . PHE A 1 158 ? -5.821  2.023   -1.181  1.00 20.27 ? 191 PHE A CD1 1 
ATOM   1199 C CD2 . PHE A 1 158 ? -3.551  2.696   -1.585  1.00 19.42 ? 191 PHE A CD2 1 
ATOM   1200 C CE1 . PHE A 1 158 ? -5.528  1.800   0.182   1.00 19.90 ? 191 PHE A CE1 1 
ATOM   1201 C CE2 . PHE A 1 158 ? -3.241  2.483   -0.235  1.00 18.96 ? 191 PHE A CE2 1 
ATOM   1202 C CZ  . PHE A 1 158 ? -4.224  1.995   0.636   1.00 16.75 ? 191 PHE A CZ  1 
ATOM   1203 N N   . GLU A 1 159 ? -6.912  1.853   -6.086  1.00 19.49 ? 192 GLU A N   1 
ATOM   1204 C CA  . GLU A 1 159 ? -7.467  2.494   -7.285  1.00 20.70 ? 192 GLU A CA  1 
ATOM   1205 C C   . GLU A 1 159 ? -8.322  3.616   -6.742  1.00 19.77 ? 192 GLU A C   1 
ATOM   1206 O O   . GLU A 1 159 ? -9.331  3.363   -6.065  1.00 20.28 ? 192 GLU A O   1 
ATOM   1207 C CB  . GLU A 1 159 ? -8.368  1.519   -8.060  1.00 21.41 ? 192 GLU A CB  1 
ATOM   1208 C CG  . GLU A 1 159 ? -7.761  0.170   -8.286  1.00 23.66 ? 192 GLU A CG  1 
ATOM   1209 C CD  . GLU A 1 159 ? -8.573  -0.691  -9.275  1.00 24.86 ? 192 GLU A CD  1 
ATOM   1210 O OE1 . GLU A 1 159 ? -9.592  -0.198  -9.831  1.00 29.63 ? 192 GLU A OE1 1 
ATOM   1211 O OE2 . GLU A 1 159 ? -8.162  -1.838  -9.498  1.00 26.22 ? 192 GLU A OE2 1 
ATOM   1212 N N   . ILE A 1 160 ? -7.905  4.848   -7.016  1.00 19.59 ? 193 ILE A N   1 
ATOM   1213 C CA  . ILE A 1 160 ? -8.517  6.021   -6.403  1.00 19.06 ? 193 ILE A CA  1 
ATOM   1214 C C   . ILE A 1 160 ? -9.145  6.898   -7.478  1.00 19.34 ? 193 ILE A C   1 
ATOM   1215 O O   . ILE A 1 160 ? -8.481  7.280   -8.451  1.00 18.46 ? 193 ILE A O   1 
ATOM   1216 C CB  . ILE A 1 160 ? -7.509  6.834   -5.570  1.00 19.93 ? 193 ILE A CB  1 
ATOM   1217 C CG1 . ILE A 1 160 ? -6.920  5.960   -4.446  1.00 19.30 ? 193 ILE A CG1 1 
ATOM   1218 C CG2 . ILE A 1 160 ? -8.202  8.091   -4.983  1.00 20.10 ? 193 ILE A CG2 1 
ATOM   1219 C CD1 . ILE A 1 160 ? -5.565  6.432   -3.917  1.00 19.66 ? 193 ILE A CD1 1 
ATOM   1220 N N   . THR A 1 161 ? -10.421 7.194   -7.280  1.00 18.93 ? 194 THR A N   1 
ATOM   1221 C CA  . THR A 1 161 ? -11.163 8.145   -8.121  1.00 19.72 ? 194 THR A CA  1 
ATOM   1222 C C   . THR A 1 161 ? -11.706 9.231   -7.198  1.00 19.19 ? 194 THR A C   1 
ATOM   1223 O O   . THR A 1 161 ? -12.317 8.940   -6.183  1.00 19.55 ? 194 THR A O   1 
ATOM   1224 C CB  . THR A 1 161 ? -12.317 7.459   -8.834  1.00 20.10 ? 194 THR A CB  1 
ATOM   1225 O OG1 . THR A 1 161 ? -11.794 6.423   -9.691  1.00 19.48 ? 194 THR A OG1 1 
ATOM   1226 C CG2 . THR A 1 161 ? -13.102 8.502   -9.672  1.00 21.58 ? 194 THR A CG2 1 
ATOM   1227 N N   . VAL A 1 162 ? -11.488 10.487  -7.553  1.00 18.82 ? 195 VAL A N   1 
ATOM   1228 C CA  . VAL A 1 162 ? -11.920 11.595  -6.682  1.00 18.75 ? 195 VAL A CA  1 
ATOM   1229 C C   . VAL A 1 162 ? -12.495 12.733  -7.532  1.00 19.05 ? 195 VAL A C   1 
ATOM   1230 O O   . VAL A 1 162 ? -11.991 12.996  -8.630  1.00 19.07 ? 195 VAL A O   1 
ATOM   1231 C CB  . VAL A 1 162 ? -10.744 12.055  -5.779  1.00 18.84 ? 195 VAL A CB  1 
ATOM   1232 C CG1 . VAL A 1 162 ? -9.502  12.392  -6.596  1.00 19.08 ? 195 VAL A CG1 1 
ATOM   1233 C CG2 . VAL A 1 162 ? -11.143 13.218  -4.840  1.00 18.31 ? 195 VAL A CG2 1 
ATOM   1234 N N   . ASP A 1 163 ? -13.535 13.395  -7.032  1.00 19.81 ? 196 ASP A N   1 
ATOM   1235 C CA  . ASP A 1 163 ? -14.220 14.448  -7.810  1.00 20.63 ? 196 ASP A CA  1 
ATOM   1236 C C   . ASP A 1 163 ? -13.512 15.798  -7.770  1.00 21.03 ? 196 ASP A C   1 
ATOM   1237 O O   . ASP A 1 163 ? -14.151 16.846  -7.582  1.00 20.62 ? 196 ASP A O   1 
ATOM   1238 C CB  . ASP A 1 163 ? -15.695 14.567  -7.401  1.00 21.02 ? 196 ASP A CB  1 
ATOM   1239 C CG  . ASP A 1 163 ? -15.891 15.113  -5.970  1.00 24.13 ? 196 ASP A CG  1 
ATOM   1240 O OD1 . ASP A 1 163 ? -14.979 14.980  -5.123  1.00 25.94 ? 196 ASP A OD1 1 
ATOM   1241 O OD2 . ASP A 1 163 ? -16.986 15.651  -5.685  1.00 26.91 ? 196 ASP A OD2 1 
ATOM   1242 N N   . VAL A 1 164 ? -12.195 15.779  -7.967  1.00 21.10 ? 197 VAL A N   1 
ATOM   1243 C CA  . VAL A 1 164 ? -11.356 16.976  -7.864  1.00 22.14 ? 197 VAL A CA  1 
ATOM   1244 C C   . VAL A 1 164 ? -10.459 17.025  -9.092  1.00 22.63 ? 197 VAL A C   1 
ATOM   1245 O O   . VAL A 1 164 ? -9.853  16.019  -9.434  1.00 21.57 ? 197 VAL A O   1 
ATOM   1246 C CB  . VAL A 1 164 ? -10.463 16.933  -6.599  1.00 22.50 ? 197 VAL A CB  1 
ATOM   1247 C CG1 . VAL A 1 164 ? -9.532  18.118  -6.550  1.00 24.02 ? 197 VAL A CG1 1 
ATOM   1248 C CG2 . VAL A 1 164 ? -11.326 16.906  -5.332  1.00 23.80 ? 197 VAL A CG2 1 
ATOM   1249 N N   . GLN A 1 165 ? -10.351 18.171  -9.763  1.00 22.84 ? 198 GLN A N   1 
ATOM   1250 C CA  . GLN A 1 165 ? -9.479  18.169  -10.927 1.00 23.68 ? 198 GLN A CA  1 
ATOM   1251 C C   . GLN A 1 165 ? -7.993  18.166  -10.503 1.00 23.19 ? 198 GLN A C   1 
ATOM   1252 O O   . GLN A 1 165 ? -7.645  18.608  -9.382  1.00 21.77 ? 198 GLN A O   1 
ATOM   1253 C CB  . GLN A 1 165 ? -9.960  19.138  -12.033 1.00 25.51 ? 198 GLN A CB  1 
ATOM   1254 C CG  . GLN A 1 165 ? -9.182  20.332  -12.355 1.00 29.59 ? 198 GLN A CG  1 
ATOM   1255 C CD  . GLN A 1 165 ? -7.938  20.025  -13.124 1.00 30.15 ? 198 GLN A CD  1 
ATOM   1256 O OE1 . GLN A 1 165 ? -7.902  19.191  -14.053 1.00 32.30 ? 198 GLN A OE1 1 
ATOM   1257 N NE2 . GLN A 1 165 ? -6.891  20.694  -12.741 1.00 31.32 ? 198 GLN A NE2 1 
ATOM   1258 N N   . LYS A 1 166 ? -7.155  17.539  -11.323 1.00 21.83 ? 199 LYS A N   1 
ATOM   1259 C CA  . LYS A 1 166 ? -5.765  17.225  -10.914 1.00 22.38 ? 199 LYS A CA  1 
ATOM   1260 C C   . LYS A 1 166 ? -4.971  18.374  -10.286 1.00 22.23 ? 199 LYS A C   1 
ATOM   1261 O O   . LYS A 1 166 ? -4.287  18.178  -9.275  1.00 19.77 ? 199 LYS A O   1 
ATOM   1262 C CB  . LYS A 1 166 ? -4.976  16.676  -12.095 1.00 22.63 ? 199 LYS A CB  1 
ATOM   1263 C CG  . LYS A 1 166 ? -3.672  15.956  -11.708 1.00 22.29 ? 199 LYS A CG  1 
ATOM   1264 C CD  . LYS A 1 166 ? -2.704  15.936  -12.892 1.00 23.63 ? 199 LYS A CD  1 
ATOM   1265 C CE  . LYS A 1 166 ? -1.571  14.944  -12.695 1.00 24.50 ? 199 LYS A CE  1 
ATOM   1266 N NZ  . LYS A 1 166 ? -0.433  15.245  -13.644 1.00 26.37 ? 199 LYS A NZ  1 
ATOM   1267 N N   . GLN A 1 167 ? -5.030  19.561  -10.902 1.00 22.92 ? 200 GLN A N   1 
ATOM   1268 C CA  . GLN A 1 167 ? -4.269  20.710  -10.411 1.00 23.21 ? 200 GLN A CA  1 
ATOM   1269 C C   . GLN A 1 167 ? -4.543  21.061  -8.960  1.00 22.20 ? 200 GLN A C   1 
ATOM   1270 O O   . GLN A 1 167 ? -3.621  21.466  -8.243  1.00 22.98 ? 200 GLN A O   1 
ATOM   1271 C CB  . GLN A 1 167 ? -4.479  21.953  -11.292 1.00 24.43 ? 200 GLN A CB  1 
ATOM   1272 C CG  . GLN A 1 167 ? -3.914  21.825  -12.712 1.00 29.08 ? 200 GLN A CG  1 
ATOM   1273 C CD  . GLN A 1 167 ? -2.477  21.333  -12.774 1.00 33.76 ? 200 GLN A CD  1 
ATOM   1274 O OE1 . GLN A 1 167 ? -2.187  20.310  -13.405 1.00 35.92 ? 200 GLN A OE1 1 
ATOM   1275 N NE2 . GLN A 1 167 ? -1.569  22.056  -12.127 1.00 34.57 ? 200 GLN A NE2 1 
ATOM   1276 N N   . GLN A 1 168 ? -5.806  20.935  -8.547  1.00 21.10 ? 201 GLN A N   1 
ATOM   1277 C CA  . GLN A 1 168 ? -6.211  21.156  -7.163  1.00 20.62 ? 201 GLN A CA  1 
ATOM   1278 C C   . GLN A 1 168 ? -5.832  19.942  -6.310  1.00 20.11 ? 201 GLN A C   1 
ATOM   1279 O O   . GLN A 1 168 ? -5.378  20.111  -5.178  1.00 17.90 ? 201 GLN A O   1 
ATOM   1280 C CB  . GLN A 1 168 ? -7.722  21.439  -7.040  1.00 21.45 ? 201 GLN A CB  1 
ATOM   1281 C CG  . GLN A 1 168 ? -8.093  22.889  -7.349  1.00 24.71 ? 201 GLN A CG  1 
ATOM   1282 C CD  . GLN A 1 168 ? -8.115  23.173  -8.835  1.00 28.98 ? 201 GLN A CD  1 
ATOM   1283 O OE1 . GLN A 1 168 ? -8.731  22.433  -9.604  1.00 31.85 ? 201 GLN A OE1 1 
ATOM   1284 N NE2 . GLN A 1 168 ? -7.440  24.250  -9.251  1.00 30.47 ? 201 GLN A NE2 1 
ATOM   1285 N N   . LEU A 1 169 ? -6.013  18.733  -6.859  1.00 18.96 ? 202 LEU A N   1 
ATOM   1286 C CA  . LEU A 1 169 ? -5.665  17.507  -6.112  1.00 19.28 ? 202 LEU A CA  1 
ATOM   1287 C C   . LEU A 1 169 ? -4.196  17.496  -5.690  1.00 18.97 ? 202 LEU A C   1 
ATOM   1288 O O   . LEU A 1 169 ? -3.849  16.947  -4.620  1.00 19.00 ? 202 LEU A O   1 
ATOM   1289 C CB  . LEU A 1 169 ? -5.986  16.236  -6.921  1.00 19.04 ? 202 LEU A CB  1 
ATOM   1290 C CG  . LEU A 1 169 ? -5.975  14.931  -6.084  1.00 19.27 ? 202 LEU A CG  1 
ATOM   1291 C CD1 . LEU A 1 169 ? -7.173  14.885  -5.201  1.00 18.10 ? 202 LEU A CD1 1 
ATOM   1292 C CD2 . LEU A 1 169 ? -5.945  13.704  -7.020  1.00 20.59 ? 202 LEU A CD2 1 
ATOM   1293 N N   . LEU A 1 170 ? -3.329  18.084  -6.520  1.00 18.28 ? 203 LEU A N   1 
ATOM   1294 C CA  . LEU A 1 170 ? -1.892  18.113  -6.251  1.00 18.64 ? 203 LEU A CA  1 
ATOM   1295 C C   . LEU A 1 170 ? -1.576  18.871  -4.959  1.00 18.45 ? 203 LEU A C   1 
ATOM   1296 O O   . LEU A 1 170 ? -0.479  18.745  -4.393  1.00 19.07 ? 203 LEU A O   1 
ATOM   1297 C CB  . LEU A 1 170 ? -1.134  18.749  -7.437  1.00 18.91 ? 203 LEU A CB  1 
ATOM   1298 C CG  . LEU A 1 170 ? -1.034  17.893  -8.722  1.00 18.86 ? 203 LEU A CG  1 
ATOM   1299 C CD1 . LEU A 1 170 ? -0.179  18.643  -9.772  1.00 21.50 ? 203 LEU A CD1 1 
ATOM   1300 C CD2 . LEU A 1 170 ? -0.447  16.509  -8.457  1.00 21.14 ? 203 LEU A CD2 1 
ATOM   1301 N N   . PHE A 1 171 ? -2.556  19.634  -4.492  1.00 18.96 ? 204 PHE A N   1 
ATOM   1302 C CA  . PHE A 1 171 ? -2.401  20.412  -3.259  1.00 19.67 ? 204 PHE A CA  1 
ATOM   1303 C C   . PHE A 1 171 ? -3.428  20.106  -2.160  1.00 19.55 ? 204 PHE A C   1 
ATOM   1304 O O   . PHE A 1 171 ? -3.512  20.831  -1.146  1.00 19.56 ? 204 PHE A O   1 
ATOM   1305 C CB  . PHE A 1 171 ? -2.379  21.900  -3.602  1.00 20.19 ? 204 PHE A CB  1 
ATOM   1306 C CG  . PHE A 1 171 ? -1.155  22.300  -4.358  1.00 22.45 ? 204 PHE A CG  1 
ATOM   1307 C CD1 . PHE A 1 171 ? -0.003  22.676  -3.683  1.00 23.89 ? 204 PHE A CD1 1 
ATOM   1308 C CD2 . PHE A 1 171 ? -1.123  22.214  -5.751  1.00 25.18 ? 204 PHE A CD2 1 
ATOM   1309 C CE1 . PHE A 1 171 ? 1.173   23.005  -4.390  1.00 22.70 ? 204 PHE A CE1 1 
ATOM   1310 C CE2 . PHE A 1 171 ? 0.047   22.547  -6.470  1.00 25.33 ? 204 PHE A CE2 1 
ATOM   1311 C CZ  . PHE A 1 171 ? 1.188   22.943  -5.778  1.00 23.06 ? 204 PHE A CZ  1 
ATOM   1312 N N   . ILE A 1 172 ? -4.202  19.043  -2.352  1.00 19.12 ? 205 ILE A N   1 
ATOM   1313 C CA  . ILE A 1 172 ? -5.209  18.667  -1.363  1.00 18.78 ? 205 ILE A CA  1 
ATOM   1314 C C   . ILE A 1 172 ? -4.530  18.268  -0.031  1.00 18.64 ? 205 ILE A C   1 
ATOM   1315 O O   . ILE A 1 172 ? -3.418  17.731  -0.025  1.00 17.75 ? 205 ILE A O   1 
ATOM   1316 C CB  . ILE A 1 172 ? -6.152  17.542  -1.877  1.00 18.36 ? 205 ILE A CB  1 
ATOM   1317 C CG1 . ILE A 1 172 ? -7.489  17.573  -1.098  1.00 18.51 ? 205 ILE A CG1 1 
ATOM   1318 C CG2 . ILE A 1 172 ? -5.495  16.176  -1.807  1.00 19.11 ? 205 ILE A CG2 1 
ATOM   1319 C CD1 . ILE A 1 172 ? -8.626  16.686  -1.750  1.00 18.66 ? 205 ILE A CD1 1 
ATOM   1320 N N   . THR A 1 173 ? -5.186  18.598  1.076   1.00 19.30 ? 206 THR A N   1 
ATOM   1321 C CA  . THR A 1 173 ? -4.616  18.366  2.422   1.00 18.87 ? 206 THR A CA  1 
ATOM   1322 C C   . THR A 1 173 ? -5.466  17.394  3.224   1.00 18.01 ? 206 THR A C   1 
ATOM   1323 O O   . THR A 1 173 ? -6.586  17.033  2.829   1.00 18.02 ? 206 THR A O   1 
ATOM   1324 C CB  . THR A 1 173 ? -4.457  19.691  3.259   1.00 18.91 ? 206 THR A CB  1 
ATOM   1325 O OG1 . THR A 1 173 ? -5.734  20.125  3.743   1.00 20.10 ? 206 THR A OG1 1 
ATOM   1326 C CG2 . THR A 1 173 ? -3.782  20.823  2.414   1.00 21.59 ? 206 THR A CG2 1 
ATOM   1327 N N   . ILE A 1 174 ? -4.946  16.984  4.384   1.00 17.19 ? 207 ILE A N   1 
ATOM   1328 C CA  . ILE A 1 174 ? -5.670  16.029  5.215   1.00 16.69 ? 207 ILE A CA  1 
ATOM   1329 C C   . ILE A 1 174 ? -6.969  16.643  5.788   1.00 16.40 ? 207 ILE A C   1 
ATOM   1330 O O   . ILE A 1 174 ? -7.862  15.928  6.184   1.00 15.58 ? 207 ILE A O   1 
ATOM   1331 C CB  . ILE A 1 174 ? -4.780  15.441  6.340   1.00 17.20 ? 207 ILE A CB  1 
ATOM   1332 C CG1 . ILE A 1 174 ? -4.245  16.553  7.250   1.00 16.73 ? 207 ILE A CG1 1 
ATOM   1333 C CG2 . ILE A 1 174 ? -3.622  14.650  5.764   1.00 16.16 ? 207 ILE A CG2 1 
ATOM   1334 C CD1 . ILE A 1 174 ? -3.719  16.015  8.597   1.00 17.75 ? 207 ILE A CD1 1 
ATOM   1335 N N   . LYS A 1 175 ? -7.062  17.972  5.807   1.00 17.49 ? 208 LYS A N   1 
ATOM   1336 C CA  . LYS A 1 175 ? -8.261  18.662  6.299   1.00 17.75 ? 208 LYS A CA  1 
ATOM   1337 C C   . LYS A 1 175 ? -9.340  18.930  5.241   1.00 18.54 ? 208 LYS A C   1 
ATOM   1338 O O   . LYS A 1 175 ? -10.456 19.360  5.585   1.00 17.69 ? 208 LYS A O   1 
ATOM   1339 C CB  . LYS A 1 175 ? -7.875  19.966  7.021   1.00 19.45 ? 208 LYS A CB  1 
ATOM   1340 C CG  . LYS A 1 175 ? -6.880  19.814  8.128   1.00 21.70 ? 208 LYS A CG  1 
ATOM   1341 C CD  . LYS A 1 175 ? -7.429  19.019  9.324   1.00 24.76 ? 208 LYS A CD  1 
ATOM   1342 C CE  . LYS A 1 175 ? -6.347  18.860  10.402  1.00 29.65 ? 208 LYS A CE  1 
ATOM   1343 N NZ  . LYS A 1 175 ? -5.855  20.169  10.967  1.00 29.83 ? 208 LYS A NZ  1 
ATOM   1344 N N   . ASP A 1 176 ? -9.033  18.645  3.979   1.00 17.71 ? 209 ASP A N   1 
ATOM   1345 C CA  . ASP A 1 176 ? -9.978  18.838  2.892   1.00 19.06 ? 209 ASP A CA  1 
ATOM   1346 C C   . ASP A 1 176 ? -10.900 17.633  2.787   1.00 18.68 ? 209 ASP A C   1 
ATOM   1347 O O   . ASP A 1 176 ? -10.559 16.546  3.265   1.00 17.89 ? 209 ASP A O   1 
ATOM   1348 C CB  . ASP A 1 176 ? -9.251  19.039  1.564   1.00 18.81 ? 209 ASP A CB  1 
ATOM   1349 C CG  . ASP A 1 176 ? -8.503  20.356  1.487   1.00 22.47 ? 209 ASP A CG  1 
ATOM   1350 O OD1 . ASP A 1 176 ? -9.079  21.412  1.844   1.00 24.85 ? 209 ASP A OD1 1 
ATOM   1351 O OD2 . ASP A 1 176 ? -7.338  20.335  1.047   1.00 21.44 ? 209 ASP A OD2 1 
ATOM   1352 N N   . SER A 1 177 ? -12.057 17.840  2.169   1.00 18.33 ? 210 SER A N   1 
ATOM   1353 C CA  . SER A 1 177 ? -13.015 16.778  1.903   1.00 18.24 ? 210 SER A CA  1 
ATOM   1354 C C   . SER A 1 177 ? -13.279 16.717  0.401   1.00 19.00 ? 210 SER A C   1 
ATOM   1355 O O   . SER A 1 177 ? -13.211 17.736  -0.305  1.00 19.52 ? 210 SER A O   1 
ATOM   1356 C CB  . SER A 1 177 ? -14.341 17.016  2.637   1.00 18.83 ? 210 SER A CB  1 
ATOM   1357 O OG  . SER A 1 177 ? -14.193 16.992  4.057   1.00 20.13 ? 210 SER A OG  1 
ATOM   1358 N N   . ALA A 1 178 ? -13.587 15.523  -0.073  1.00 19.22 ? 211 ALA A N   1 
ATOM   1359 C CA  . ALA A 1 178 ? -13.968 15.332  -1.452  1.00 18.61 ? 211 ALA A CA  1 
ATOM   1360 C C   . ALA A 1 178 ? -14.684 14.008  -1.547  1.00 19.25 ? 211 ALA A C   1 
ATOM   1361 O O   . ALA A 1 178 ? -14.744 13.235  -0.574  1.00 17.47 ? 211 ALA A O   1 
ATOM   1362 C CB  . ALA A 1 178 ? -12.734 15.353  -2.379  1.00 18.57 ? 211 ALA A CB  1 
ATOM   1363 N N   . ARG A 1 179 ? -15.224 13.735  -2.731  1.00 19.67 ? 212 ARG A N   1 
ATOM   1364 C CA  . ARG A 1 179 ? -15.950 12.508  -2.933  1.00 20.50 ? 212 ARG A CA  1 
ATOM   1365 C C   . ARG A 1 179 ? -14.945 11.507  -3.488  1.00 20.03 ? 212 ARG A C   1 
ATOM   1366 O O   . ARG A 1 179 ? -14.416 11.683  -4.607  1.00 20.34 ? 212 ARG A O   1 
ATOM   1367 C CB  . ARG A 1 179 ? -17.141 12.694  -3.880  1.00 21.41 ? 212 ARG A CB  1 
ATOM   1368 C CG  . ARG A 1 179 ? -17.961 11.425  -4.020  1.00 24.44 ? 212 ARG A CG  1 
ATOM   1369 C CD  . ARG A 1 179 ? -19.261 11.656  -4.788  1.00 29.28 ? 212 ARG A CD  1 
ATOM   1370 N NE  . ARG A 1 179 ? -19.830 10.361  -5.126  1.00 35.68 ? 212 ARG A NE  1 
ATOM   1371 C CZ  . ARG A 1 179 ? -20.612 9.651   -4.324  1.00 38.26 ? 212 ARG A CZ  1 
ATOM   1372 N NH1 . ARG A 1 179 ? -20.961 10.121  -3.125  1.00 41.69 ? 212 ARG A NH1 1 
ATOM   1373 N NH2 . ARG A 1 179 ? -21.055 8.469   -4.736  1.00 40.85 ? 212 ARG A NH2 1 
ATOM   1374 N N   . TYR A 1 180 ? -14.644 10.520  -2.646  1.00 19.16 ? 213 TYR A N   1 
ATOM   1375 C CA  . TYR A 1 180 ? -13.665 9.469   -2.943  1.00 18.49 ? 213 TYR A CA  1 
ATOM   1376 C C   . TYR A 1 180 ? -14.300 8.141   -3.204  1.00 18.57 ? 213 TYR A C   1 
ATOM   1377 O O   . TYR A 1 180 ? -15.209 7.698   -2.465  1.00 18.13 ? 213 TYR A O   1 
ATOM   1378 C CB  . TYR A 1 180 ? -12.651 9.277   -1.798  1.00 18.00 ? 213 TYR A CB  1 
ATOM   1379 C CG  . TYR A 1 180 ? -11.525 10.277  -1.811  1.00 17.56 ? 213 TYR A CG  1 
ATOM   1380 C CD1 . TYR A 1 180 ? -11.598 11.471  -1.060  1.00 16.03 ? 213 TYR A CD1 1 
ATOM   1381 C CD2 . TYR A 1 180 ? -10.385 10.049  -2.571  1.00 17.34 ? 213 TYR A CD2 1 
ATOM   1382 C CE1 . TYR A 1 180 ? -10.545 12.402  -1.097  1.00 15.37 ? 213 TYR A CE1 1 
ATOM   1383 C CE2 . TYR A 1 180 ? -9.336  10.947  -2.597  1.00 16.35 ? 213 TYR A CE2 1 
ATOM   1384 C CZ  . TYR A 1 180 ? -9.425  12.127  -1.858  1.00 15.90 ? 213 TYR A CZ  1 
ATOM   1385 O OH  . TYR A 1 180 ? -8.364  12.988  -1.900  1.00 15.09 ? 213 TYR A OH  1 
ATOM   1386 N N   . GLU A 1 181 ? -13.762 7.490   -4.231  1.00 18.65 ? 214 GLU A N   1 
ATOM   1387 C CA  . GLU A 1 181 ? -14.003 6.091   -4.470  1.00 19.82 ? 214 GLU A CA  1 
ATOM   1388 C C   . GLU A 1 181 ? -12.643 5.378   -4.429  1.00 19.09 ? 214 GLU A C   1 
ATOM   1389 O O   . GLU A 1 181 ? -11.786 5.624   -5.267  1.00 19.88 ? 214 GLU A O   1 
ATOM   1390 C CB  . GLU A 1 181 ? -14.661 5.911   -5.823  1.00 20.97 ? 214 GLU A CB  1 
ATOM   1391 C CG  . GLU A 1 181 ? -15.176 4.512   -5.995  1.00 24.29 ? 214 GLU A CG  1 
ATOM   1392 C CD  . GLU A 1 181 ? -15.763 4.269   -7.366  1.00 31.95 ? 214 GLU A CD  1 
ATOM   1393 O OE1 . GLU A 1 181 ? -16.200 5.258   -8.036  1.00 32.29 ? 214 GLU A OE1 1 
ATOM   1394 O OE2 . GLU A 1 181 ? -15.759 3.082   -7.760  1.00 33.44 ? 214 GLU A OE2 1 
ATOM   1395 N N   . VAL A 1 182 ? -12.441 4.519   -3.441  1.00 18.92 ? 215 VAL A N   1 
ATOM   1396 C CA  . VAL A 1 182 ? -11.152 3.868   -3.242  1.00 18.73 ? 215 VAL A CA  1 
ATOM   1397 C C   . VAL A 1 182 ? -11.321 2.348   -3.193  1.00 18.61 ? 215 VAL A C   1 
ATOM   1398 O O   . VAL A 1 182 ? -12.075 1.833   -2.336  1.00 18.59 ? 215 VAL A O   1 
ATOM   1399 C CB  . VAL A 1 182 ? -10.497 4.356   -1.904  1.00 19.39 ? 215 VAL A CB  1 
ATOM   1400 C CG1 . VAL A 1 182 ? -9.171  3.583   -1.643  1.00 19.84 ? 215 VAL A CG1 1 
ATOM   1401 C CG2 . VAL A 1 182 ? -10.271 5.853   -1.957  1.00 18.24 ? 215 VAL A CG2 1 
ATOM   1402 N N   . LYS A 1 183 ? -10.668 1.653   -4.126  1.00 19.71 ? 216 LYS A N   1 
ATOM   1403 C CA  . LYS A 1 183 ? -10.630 0.184   -4.158  1.00 21.05 ? 216 LYS A CA  1 
ATOM   1404 C C   . LYS A 1 183 ? -9.251  -0.226  -3.647  1.00 20.11 ? 216 LYS A C   1 
ATOM   1405 O O   . LYS A 1 183 ? -8.250  0.363   -4.012  1.00 20.46 ? 216 LYS A O   1 
ATOM   1406 C CB  . LYS A 1 183 ? -10.836 -0.398  -5.570  1.00 20.86 ? 216 LYS A CB  1 
ATOM   1407 C CG  . LYS A 1 183 ? -11.092 -1.899  -5.481  1.00 25.06 ? 216 LYS A CG  1 
ATOM   1408 C CD  . LYS A 1 183 ? -11.338 -2.634  -6.806  1.00 24.36 ? 216 LYS A CD  1 
ATOM   1409 C CE  . LYS A 1 183 ? -11.687 -4.095  -6.465  1.00 29.93 ? 216 LYS A CE  1 
ATOM   1410 N NZ  . LYS A 1 183 ? -12.422 -4.829  -7.533  1.00 30.61 ? 216 LYS A NZ  1 
ATOM   1411 N N   . MET A 1 184 ? -9.232  -1.208  -2.760  1.00 19.68 ? 217 MET A N   1 
ATOM   1412 C CA  . MET A 1 184 ? -8.005  -1.663  -2.148  1.00 20.51 ? 217 MET A CA  1 
ATOM   1413 C C   . MET A 1 184 ? -7.786  -3.126  -2.461  1.00 19.27 ? 217 MET A C   1 
ATOM   1414 O O   . MET A 1 184 ? -8.694  -3.936  -2.305  1.00 18.77 ? 217 MET A O   1 
ATOM   1415 C CB  . MET A 1 184 ? -8.144  -1.509  -0.641  1.00 21.02 ? 217 MET A CB  1 
ATOM   1416 C CG  . MET A 1 184 ? -6.885  -1.744  0.136   1.00 23.57 ? 217 MET A CG  1 
ATOM   1417 S SD  . MET A 1 184 ? -7.228  -1.193  1.808   1.00 23.71 ? 217 MET A SD  1 
ATOM   1418 C CE  . MET A 1 184 ? -5.701  -1.653  2.622   1.00 24.30 ? 217 MET A CE  1 
ATOM   1419 N N   . LYS A 1 185 ? -6.560  -3.461  -2.846  1.00 18.60 ? 218 LYS A N   1 
ATOM   1420 C CA  . LYS A 1 185 ? -6.131  -4.838  -3.026  1.00 18.78 ? 218 LYS A CA  1 
ATOM   1421 C C   . LYS A 1 185 ? -4.855  -4.998  -2.215  1.00 18.81 ? 218 LYS A C   1 
ATOM   1422 O O   . LYS A 1 185 ? -3.878  -4.276  -2.422  1.00 19.09 ? 218 LYS A O   1 
ATOM   1423 C CB  . LYS A 1 185 ? -5.835  -5.126  -4.496  1.00 18.91 ? 218 LYS A CB  1 
ATOM   1424 C CG  . LYS A 1 185 ? -7.053  -5.081  -5.407  1.00 21.14 ? 218 LYS A CG  1 
ATOM   1425 C CD  . LYS A 1 185 ? -6.633  -5.055  -6.871  1.00 24.39 ? 218 LYS A CD  1 
ATOM   1426 C CE  . LYS A 1 185 ? -7.826  -5.311  -7.777  1.00 28.98 ? 218 LYS A CE  1 
ATOM   1427 N NZ  . LYS A 1 185 ? -7.378  -5.173  -9.189  1.00 33.08 ? 218 LYS A NZ  1 
ATOM   1428 N N   . ALA A 1 186 ? -4.867  -5.940  -1.287  1.00 19.06 ? 219 ALA A N   1 
ATOM   1429 C CA  . ALA A 1 186 ? -3.714  -6.115  -0.408  1.00 18.46 ? 219 ALA A CA  1 
ATOM   1430 C C   . ALA A 1 186 ? -3.649  -7.565  0.083   1.00 18.74 ? 219 ALA A C   1 
ATOM   1431 O O   . ALA A 1 186 ? -4.672  -8.274  0.148   1.00 18.11 ? 219 ALA A O   1 
ATOM   1432 C CB  . ALA A 1 186 ? -3.816  -5.146  0.777   1.00 18.03 ? 219 ALA A CB  1 
ATOM   1433 N N   . LEU A 1 187 ? -2.445  -8.006  0.416   1.00 17.69 ? 220 LEU A N   1 
ATOM   1434 C CA  . LEU A 1 187 ? -2.289  -9.264  1.129   1.00 17.68 ? 220 LEU A CA  1 
ATOM   1435 C C   . LEU A 1 187 ? -1.102  -9.147  2.074   1.00 17.68 ? 220 LEU A C   1 
ATOM   1436 O O   . LEU A 1 187 ? -0.172  -8.373  1.805   1.00 18.50 ? 220 LEU A O   1 
ATOM   1437 C CB  . LEU A 1 187 ? -2.087  -10.432 0.147   1.00 17.71 ? 220 LEU A CB  1 
ATOM   1438 C CG  . LEU A 1 187 ? -0.752  -10.608 -0.629  1.00 18.43 ? 220 LEU A CG  1 
ATOM   1439 C CD1 . LEU A 1 187 ? 0.417   -11.026 0.250   1.00 25.71 ? 220 LEU A CD1 1 
ATOM   1440 C CD2 . LEU A 1 187 ? -0.929  -11.689 -1.699  1.00 19.72 ? 220 LEU A CD2 1 
ATOM   1441 N N   . THR A 1 188 ? -1.120  -9.907  3.166   1.00 17.52 ? 221 THR A N   1 
ATOM   1442 C CA  . THR A 1 188 ? 0.062   -10.014 4.010   1.00 17.04 ? 221 THR A CA  1 
ATOM   1443 C C   . THR A 1 188 ? 0.543   -11.442 3.913   1.00 17.03 ? 221 THR A C   1 
ATOM   1444 O O   . THR A 1 188 ? -0.242  -12.375 4.145   1.00 16.47 ? 221 THR A O   1 
ATOM   1445 C CB  . THR A 1 188 ? -0.242  -9.699  5.484   1.00 16.44 ? 221 THR A CB  1 
ATOM   1446 O OG1 . THR A 1 188 ? -0.880  -8.417  5.578   1.00 17.61 ? 221 THR A OG1 1 
ATOM   1447 C CG2 . THR A 1 188 ? 1.029   -9.675  6.268   1.00 18.14 ? 221 THR A CG2 1 
ATOM   1448 N N   . VAL A 1 189 ? 1.817   -11.606 3.556   1.00 16.49 ? 222 VAL A N   1 
ATOM   1449 C CA  . VAL A 1 189 ? 2.454   -12.919 3.564   1.00 18.28 ? 222 VAL A CA  1 
ATOM   1450 C C   . VAL A 1 189 ? 3.616   -12.916 4.568   1.00 18.10 ? 222 VAL A C   1 
ATOM   1451 O O   . VAL A 1 189 ? 4.437   -11.979 4.598   1.00 18.97 ? 222 VAL A O   1 
ATOM   1452 C CB  . VAL A 1 189 ? 2.906   -13.348 2.126   1.00 18.63 ? 222 VAL A CB  1 
ATOM   1453 C CG1 . VAL A 1 189 ? 3.944   -12.378 1.576   1.00 20.22 ? 222 VAL A CG1 1 
ATOM   1454 C CG2 . VAL A 1 189 ? 3.502   -14.793 2.142   1.00 20.37 ? 222 VAL A CG2 1 
ATOM   1455 N N   . VAL A 1 190 ? 3.663   -13.935 5.420   1.00 17.89 ? 223 VAL A N   1 
ATOM   1456 C CA  . VAL A 1 190 ? 4.795   -14.084 6.318   1.00 18.70 ? 223 VAL A CA  1 
ATOM   1457 C C   . VAL A 1 190 ? 5.667   -15.240 5.817   1.00 18.69 ? 223 VAL A C   1 
ATOM   1458 O O   . VAL A 1 190 ? 5.146   -16.267 5.357   1.00 19.15 ? 223 VAL A O   1 
ATOM   1459 C CB  . VAL A 1 190 ? 4.364   -14.285 7.787   1.00 19.44 ? 223 VAL A CB  1 
ATOM   1460 C CG1 . VAL A 1 190 ? 3.575   -13.064 8.278   1.00 20.22 ? 223 VAL A CG1 1 
ATOM   1461 C CG2 . VAL A 1 190 ? 3.515   -15.586 7.968   1.00 21.14 ? 223 VAL A CG2 1 
ATOM   1462 N N   . GLN A 1 191 ? 6.980   -15.041 5.857   1.00 17.65 ? 224 GLN A N   1 
ATOM   1463 C CA  . GLN A 1 191 ? 7.937   -16.087 5.502   1.00 18.07 ? 224 GLN A CA  1 
ATOM   1464 C C   . GLN A 1 191 ? 8.933   -16.227 6.648   1.00 19.01 ? 224 GLN A C   1 
ATOM   1465 O O   . GLN A 1 191 ? 9.345   -15.203 7.257   1.00 17.85 ? 224 GLN A O   1 
ATOM   1466 C CB  . GLN A 1 191 ? 8.687   -15.744 4.204   1.00 18.20 ? 224 GLN A CB  1 
ATOM   1467 C CG  . GLN A 1 191 ? 9.715   -16.816 3.737   1.00 17.84 ? 224 GLN A CG  1 
ATOM   1468 C CD  . GLN A 1 191 ? 10.355  -16.444 2.404   1.00 19.78 ? 224 GLN A CD  1 
ATOM   1469 O OE1 . GLN A 1 191 ? 11.092  -15.460 2.310   1.00 19.05 ? 224 GLN A OE1 1 
ATOM   1470 N NE2 . GLN A 1 191 ? 10.081  -17.236 1.367   1.00 19.70 ? 224 GLN A NE2 1 
ATOM   1471 N N   . ALA A 1 192 ? 9.283   -17.475 6.977   1.00 19.54 ? 225 ALA A N   1 
ATOM   1472 C CA  . ALA A 1 192 ? 10.351  -17.721 7.957   1.00 20.51 ? 225 ALA A CA  1 
ATOM   1473 C C   . ALA A 1 192 ? 11.586  -16.889 7.591   1.00 21.09 ? 225 ALA A C   1 
ATOM   1474 O O   . ALA A 1 192 ? 11.957  -16.768 6.423   1.00 20.43 ? 225 ALA A O   1 
ATOM   1475 C CB  . ALA A 1 192 ? 10.716  -19.226 8.050   1.00 21.37 ? 225 ALA A CB  1 
ATOM   1476 N N   . LEU A 1 193 ? 12.195  -16.293 8.603   1.00 22.52 ? 226 LEU A N   1 
ATOM   1477 C CA  . LEU A 1 193 ? 13.414  -15.539 8.430   1.00 25.76 ? 226 LEU A CA  1 
ATOM   1478 C C   . LEU A 1 193 ? 14.516  -16.455 7.917   1.00 27.94 ? 226 LEU A C   1 
ATOM   1479 O O   . LEU A 1 193 ? 14.708  -17.511 8.415   1.00 28.46 ? 226 LEU A O   1 
ATOM   1480 C CB  . LEU A 1 193 ? 13.836  -14.840 9.713   1.00 25.15 ? 226 LEU A CB  1 
ATOM   1481 C CG  . LEU A 1 193 ? 13.046  -13.659 10.227  1.00 27.86 ? 226 LEU A CG  1 
ATOM   1482 C CD1 . LEU A 1 193 ? 13.468  -13.207 11.605  1.00 25.69 ? 226 LEU A CD1 1 
ATOM   1483 C CD2 . LEU A 1 193 ? 12.991  -12.513 9.277   1.00 22.20 ? 226 LEU A CD2 1 
ATOM   1484 N N   . ASP A 1 194 ? 15.106  -16.065 6.819   1.00 20.00 ? 227 ASP A N   1 
ATOM   1485 C CA  . ASP A 1 194 ? 16.522  -15.875 6.627   1.00 20.00 ? 227 ASP A CA  1 
ATOM   1486 C C   . ASP A 1 194 ? 17.460  -16.353 7.675   1.00 20.00 ? 227 ASP A C   1 
ATOM   1487 O O   . ASP A 1 194 ? 17.657  -15.678 8.584   1.00 35.71 ? 227 ASP A O   1 
ATOM   1488 C CB  . ASP A 1 194 ? 17.033  -16.209 5.253   1.00 20.00 ? 227 ASP A CB  1 
ATOM   1489 C CG  . ASP A 1 194 ? 16.313  -15.534 4.165   1.00 20.00 ? 227 ASP A CG  1 
ATOM   1490 O OD1 . ASP A 1 194 ? 15.294  -16.046 3.801   1.00 20.00 ? 227 ASP A OD1 1 
ATOM   1491 O OD2 . ASP A 1 194 ? 16.784  -14.582 3.587   1.00 20.00 ? 227 ASP A OD2 1 
ATOM   1492 N N   . SER A 1 195 ? 18.060  -17.504 7.499   1.00 38.75 ? 228 SER A N   1 
ATOM   1493 C CA  . SER A 1 195 ? 19.372  -17.790 8.103   1.00 40.55 ? 228 SER A CA  1 
ATOM   1494 C C   . SER A 1 195 ? 20.616  -17.435 7.286   1.00 40.72 ? 228 SER A C   1 
ATOM   1495 O O   . SER A 1 195 ? 20.846  -18.067 6.271   1.00 41.85 ? 228 SER A O   1 
ATOM   1496 C CB  . SER A 1 195 ? 19.479  -17.399 9.580   1.00 41.27 ? 228 SER A CB  1 
ATOM   1497 O OG  . SER A 1 195 ? 19.597  -16.002 9.775   1.00 43.72 ? 228 SER A OG  1 
HETATM 1498 O O   . HOH B 2 .   ? -2.055  17.709  4.498   1.00 16.90 ? 238 HOH A O   1 
HETATM 1499 O O   . HOH B 2 .   ? -14.685 19.102  -6.910  0.50 19.63 ? 239 HOH A O   1 
HETATM 1500 O O   . HOH B 2 .   ? -9.796  10.462  11.661  1.00 20.03 ? 240 HOH A O   1 
HETATM 1501 O O   . HOH B 2 .   ? -8.314  15.957  -13.356 1.00 20.66 ? 241 HOH A O   1 
HETATM 1502 O O   . HOH B 2 .   ? -17.643 4.966   2.124   1.00 24.89 ? 242 HOH A O   1 
HETATM 1503 O O   . HOH B 2 .   ? 6.436   -3.933  17.842  1.00 18.44 ? 243 HOH A O   1 
HETATM 1504 O O   . HOH B 2 .   ? 8.052   2.168   18.184  1.00 14.44 ? 244 HOH A O   1 
HETATM 1505 O O   . HOH B 2 .   ? 3.244   6.419   0.369   1.00 18.58 ? 245 HOH A O   1 
HETATM 1506 O O   . HOH B 2 .   ? -0.999  -4.061  14.876  1.00 21.36 ? 246 HOH A O   1 
HETATM 1507 O O   . HOH B 2 .   ? 9.478   -1.495  18.958  1.00 15.23 ? 247 HOH A O   1 
HETATM 1508 O O   . HOH B 2 .   ? 11.803  -10.624 14.296  1.00 18.78 ? 248 HOH A O   1 
HETATM 1509 O O   . HOH B 2 .   ? -5.970  12.274  -3.078  1.00 17.13 ? 249 HOH A O   1 
HETATM 1510 O O   . HOH B 2 .   ? -4.187  -16.785 -7.590  1.00 25.56 ? 250 HOH A O   1 
HETATM 1511 O O   . HOH B 2 .   ? -9.955  17.015  11.189  1.00 17.20 ? 251 HOH A O   1 
HETATM 1512 O O   . HOH B 2 .   ? 9.955   -1.644  16.147  1.00 18.74 ? 252 HOH A O   1 
HETATM 1513 O O   . HOH B 2 .   ? 1.961   5.323   15.842  1.00 23.11 ? 253 HOH A O   1 
HETATM 1514 O O   . HOH B 2 .   ? 3.481   9.326   -12.596 1.00 26.01 ? 254 HOH A O   1 
HETATM 1515 O O   . HOH B 2 .   ? 6.504   -17.300 -5.697  1.00 24.79 ? 255 HOH A O   1 
HETATM 1516 O O   . HOH B 2 .   ? -1.900  16.488  -2.655  1.00 23.63 ? 256 HOH A O   1 
HETATM 1517 O O   . HOH B 2 .   ? 5.332   7.724   1.604   1.00 21.79 ? 257 HOH A O   1 
HETATM 1518 O O   . HOH B 2 .   ? -17.339 18.006  -7.046  1.00 24.32 ? 258 HOH A O   1 
HETATM 1519 O O   . HOH B 2 .   ? -0.789  18.234  0.079   1.00 24.54 ? 259 HOH A O   1 
HETATM 1520 O O   . HOH B 2 .   ? -6.717  -8.165  -9.389  1.00 23.26 ? 260 HOH A O   1 
HETATM 1521 O O   . HOH B 2 .   ? 6.630   5.746   5.813   1.00 20.30 ? 261 HOH A O   1 
HETATM 1522 O O   . HOH B 2 .   ? -15.714 10.401  -6.921  1.00 31.59 ? 262 HOH A O   1 
HETATM 1523 O O   . HOH B 2 .   ? -0.209  15.719  4.242   1.00 22.23 ? 263 HOH A O   1 
HETATM 1524 O O   . HOH B 2 .   ? 18.100  -13.378 -0.724  1.00 29.03 ? 264 HOH A O   1 
HETATM 1525 O O   . HOH B 2 .   ? -7.589  20.283  12.892  1.00 24.61 ? 265 HOH A O   1 
HETATM 1526 O O   . HOH B 2 .   ? -12.029 -8.327  0.130   1.00 22.95 ? 266 HOH A O   1 
HETATM 1527 O O   . HOH B 2 .   ? -1.304  -19.343 3.119   1.00 20.66 ? 267 HOH A O   1 
HETATM 1528 O O   . HOH B 2 .   ? -15.518 12.985  6.942   1.00 21.51 ? 268 HOH A O   1 
HETATM 1529 O O   . HOH B 2 .   ? -6.325  22.292  -0.652  1.00 27.40 ? 269 HOH A O   1 
HETATM 1530 O O   . HOH B 2 .   ? 1.015   13.192  -15.281 1.00 30.54 ? 270 HOH A O   1 
HETATM 1531 O O   . HOH B 2 .   ? -2.575  -5.724  13.400  1.00 27.31 ? 271 HOH A O   1 
HETATM 1532 O O   . HOH B 2 .   ? -3.002  23.246  0.070   1.00 26.06 ? 272 HOH A O   1 
HETATM 1533 O O   . HOH B 2 .   ? -17.906 15.761  -2.220  1.00 25.88 ? 273 HOH A O   1 
HETATM 1534 O O   . HOH B 2 .   ? -14.736 20.182  -11.269 1.00 25.43 ? 274 HOH A O   1 
HETATM 1535 O O   . HOH B 2 .   ? 9.490   4.454   11.551  1.00 26.61 ? 275 HOH A O   1 
HETATM 1536 O O   . HOH B 2 .   ? 7.819   13.516  -9.072  1.00 26.33 ? 276 HOH A O   1 
HETATM 1537 O O   . HOH B 2 .   ? -6.029  -10.771 8.756   1.00 23.93 ? 277 HOH A O   1 
HETATM 1538 O O   . HOH B 2 .   ? -7.879  -10.670 6.000   1.00 28.13 ? 278 HOH A O   1 
HETATM 1539 O O   . HOH B 2 .   ? -3.051  2.691   -16.307 1.00 22.43 ? 279 HOH A O   1 
HETATM 1540 O O   . HOH B 2 .   ? 8.478   -16.626 16.177  1.00 27.32 ? 280 HOH A O   1 
HETATM 1541 O O   . HOH B 2 .   ? 0.924   18.802  -2.101  1.00 26.76 ? 281 HOH A O   1 
HETATM 1542 O O   . HOH B 2 .   ? 13.831  -5.081  -4.042  1.00 28.38 ? 282 HOH A O   1 
HETATM 1543 O O   . HOH B 2 .   ? 11.737  -16.575 -1.198  1.00 22.14 ? 283 HOH A O   1 
HETATM 1544 O O   . HOH B 2 .   ? -9.923  19.714  11.554  1.00 25.41 ? 284 HOH A O   1 
HETATM 1545 O O   . HOH B 2 .   ? 9.273   6.752   13.037  1.00 23.73 ? 285 HOH A O   1 
HETATM 1546 O O   . HOH B 2 .   ? 12.471  -19.387 2.934   1.00 33.10 ? 286 HOH A O   1 
HETATM 1547 O O   . HOH B 2 .   ? -7.642  -11.716 -11.844 1.00 25.45 ? 287 HOH A O   1 
HETATM 1548 O O   . HOH B 2 .   ? -11.793 1.116   8.954   1.00 21.90 ? 288 HOH A O   1 
HETATM 1549 O O   . HOH B 2 .   ? 1.337   8.394   -14.389 1.00 23.45 ? 289 HOH A O   1 
HETATM 1550 O O   . HOH B 2 .   ? -10.926 20.769  -8.710  1.00 28.32 ? 290 HOH A O   1 
HETATM 1551 O O   . HOH B 2 .   ? -6.676  21.684  -3.241  1.00 33.50 ? 291 HOH A O   1 
HETATM 1552 O O   . HOH B 2 .   ? -19.269 14.513  -7.482  1.00 31.72 ? 292 HOH A O   1 
HETATM 1553 O O   . HOH B 2 .   ? 1.274   7.243   14.408  0.50 24.70 ? 293 HOH A O   1 
HETATM 1554 O O   . HOH B 2 .   ? -13.075 17.255  -18.898 1.00 27.54 ? 294 HOH A O   1 
HETATM 1555 O O   . HOH B 2 .   ? -17.130 10.854  7.852   1.00 34.09 ? 295 HOH A O   1 
HETATM 1556 O O   . HOH B 2 .   ? -7.403  4.571   12.775  1.00 24.38 ? 296 HOH A O   1 
HETATM 1557 O O   . HOH B 2 .   ? -15.099 14.763  9.145   1.00 41.46 ? 297 HOH A O   1 
HETATM 1558 O O   . HOH B 2 .   ? 6.165   -2.213  22.424  1.00 28.11 ? 298 HOH A O   1 
HETATM 1559 O O   . HOH B 2 .   ? 5.842   -6.532  21.426  1.00 29.93 ? 299 HOH A O   1 
HETATM 1560 O O   . HOH B 2 .   ? 0.512   15.344  7.016   1.00 26.86 ? 300 HOH A O   1 
HETATM 1561 O O   . HOH B 2 .   ? -1.743  -14.611 12.017  1.00 32.62 ? 301 HOH A O   1 
HETATM 1562 O O   . HOH B 2 .   ? 9.928   6.766   -8.966  1.00 28.25 ? 302 HOH A O   1 
HETATM 1563 O O   . HOH B 2 .   ? -11.928 4.004   -7.536  1.00 36.70 ? 303 HOH A O   1 
HETATM 1564 O O   . HOH B 2 .   ? -8.573  -7.293  -11.078 1.00 26.01 ? 304 HOH A O   1 
HETATM 1565 O O   . HOH B 2 .   ? -13.143 19.243  5.095   1.00 29.09 ? 305 HOH A O   1 
HETATM 1566 O O   . HOH B 2 .   ? 16.374  -1.119  11.056  1.00 33.36 ? 306 HOH A O   1 
HETATM 1567 O O   . HOH B 2 .   ? -20.097 3.758   1.641   1.00 39.55 ? 307 HOH A O   1 
HETATM 1568 O O   . HOH B 2 .   ? -12.333 20.549  1.142   1.00 36.90 ? 308 HOH A O   1 
HETATM 1569 O O   . HOH B 2 .   ? -21.264 10.853  0.506   1.00 28.52 ? 309 HOH A O   1 
HETATM 1570 O O   . HOH B 2 .   ? 2.193   -10.405 15.793  1.00 31.59 ? 310 HOH A O   1 
HETATM 1571 O O   . HOH B 2 .   ? -14.772 6.978   10.291  1.00 29.18 ? 311 HOH A O   1 
HETATM 1572 O O   . HOH B 2 .   ? 0.724   17.797  -13.271 1.00 27.57 ? 312 HOH A O   1 
HETATM 1573 O O   . HOH B 2 .   ? 3.626   2.082   -11.368 1.00 36.38 ? 313 HOH A O   1 
HETATM 1574 O O   . HOH B 2 .   ? -0.778  11.561  -17.669 1.00 25.39 ? 314 HOH A O   1 
HETATM 1575 O O   . HOH B 2 .   ? 13.660  -18.029 4.655   1.00 32.41 ? 315 HOH A O   1 
HETATM 1576 O O   . HOH B 2 .   ? 7.750   -4.274  21.794  1.00 29.60 ? 316 HOH A O   1 
HETATM 1577 O O   . HOH B 2 .   ? 2.313   6.021   -15.476 1.00 32.69 ? 317 HOH A O   1 
HETATM 1578 O O   . HOH B 2 .   ? 1.530   -8.441  21.406  1.00 31.15 ? 318 HOH A O   1 
HETATM 1579 O O   . HOH B 2 .   ? 18.190  -10.670 -1.811  1.00 37.51 ? 319 HOH A O   1 
HETATM 1580 O O   . HOH B 2 .   ? 7.386   -13.142 -9.048  1.00 27.04 ? 320 HOH A O   1 
HETATM 1581 O O   . HOH B 2 .   ? 11.087  -15.273 -3.946  1.00 27.36 ? 321 HOH A O   1 
HETATM 1582 O O   . HOH B 2 .   ? 6.034   8.016   4.027   1.00 34.15 ? 322 HOH A O   1 
HETATM 1583 O O   . HOH B 2 .   ? 13.746  -6.639  16.261  1.00 37.15 ? 323 HOH A O   1 
HETATM 1584 O O   . HOH B 2 .   ? -16.034 3.606   4.124   1.00 32.27 ? 324 HOH A O   1 
HETATM 1585 O O   . HOH B 2 .   ? 6.315   11.118  10.377  0.50 29.53 ? 325 HOH A O   1 
HETATM 1586 O O   . HOH B 2 .   ? -12.379 -7.621  -7.723  1.00 38.00 ? 326 HOH A O   1 
HETATM 1587 O O   . HOH B 2 .   ? 7.373   8.737   -0.543  1.00 36.98 ? 327 HOH A O   1 
HETATM 1588 O O   . HOH B 2 .   ? -14.466 12.439  -16.294 1.00 34.96 ? 328 HOH A O   1 
HETATM 1589 O O   . HOH B 2 .   ? 5.135   -22.161 1.904   1.00 32.54 ? 329 HOH A O   1 
HETATM 1590 O O   . HOH B 2 .   ? 1.949   2.184   19.549  1.00 39.25 ? 330 HOH A O   1 
HETATM 1591 O O   . HOH B 2 .   ? -0.955  -5.668  22.071  1.00 29.13 ? 331 HOH A O   1 
HETATM 1592 O O   . HOH B 2 .   ? -7.004  -10.084 -9.713  1.00 26.25 ? 332 HOH A O   1 
HETATM 1593 O O   . HOH B 2 .   ? -10.253 -11.221 3.387   1.00 30.66 ? 333 HOH A O   1 
HETATM 1594 O O   . HOH B 2 .   ? -11.525 -11.605 -0.339  1.00 43.82 ? 334 HOH A O   1 
HETATM 1595 O O   . HOH B 2 .   ? 20.497  -13.044 8.601   1.00 36.99 ? 335 HOH A O   1 
HETATM 1596 O O   . HOH B 2 .   ? 11.356  3.274   10.319  1.00 41.49 ? 336 HOH A O   1 
HETATM 1597 O O   . HOH B 2 .   ? 20.498  -6.611  11.775  1.00 33.39 ? 337 HOH A O   1 
HETATM 1598 O O   . HOH B 2 .   ? -6.203  -1.892  -6.448  1.00 45.21 ? 338 HOH A O   1 
HETATM 1599 O O   . HOH B 2 .   ? 0.057   2.600   -18.385 1.00 29.02 ? 339 HOH A O   1 
HETATM 1600 O O   . HOH B 2 .   ? -2.302  5.476   -17.034 1.00 25.84 ? 340 HOH A O   1 
HETATM 1601 O O   . HOH B 2 .   ? 18.160  -11.567 4.948   1.00 33.20 ? 341 HOH A O   1 
HETATM 1602 O O   . HOH B 2 .   ? 18.899  -19.888 8.944   1.00 42.48 ? 342 HOH A O   1 
HETATM 1603 O O   . HOH B 2 .   ? -3.226  0.132   -7.864  1.00 39.35 ? 343 HOH A O   1 
HETATM 1604 O O   . HOH B 2 .   ? -1.390  18.421  -13.490 1.00 79.17 ? 344 HOH A O   1 
HETATM 1605 O O   . HOH B 2 .   ? 9.840   -3.156  1.218   1.00 35.92 ? 345 HOH A O   1 
HETATM 1606 O O   . HOH B 2 .   ? 2.106   -18.887 1.188   1.00 30.73 ? 346 HOH A O   1 
HETATM 1607 O O   . HOH B 2 .   ? 10.335  -11.803 18.802  1.00 34.20 ? 347 HOH A O   1 
HETATM 1608 O O   . HOH B 2 .   ? 10.054  2.886   -3.836  1.00 32.66 ? 348 HOH A O   1 
HETATM 1609 O O   . HOH B 2 .   ? 13.099  -2.657  -5.841  1.00 40.13 ? 349 HOH A O   1 
# 
_database_PDB_caveat.id     1 
_database_PDB_caveat.text   'CHIRALITY ERRORS AT RESIDUES A 227 and A 228' 
# 
loop_
_pdbx_poly_seq_scheme.asym_id 
_pdbx_poly_seq_scheme.entity_id 
_pdbx_poly_seq_scheme.seq_id 
_pdbx_poly_seq_scheme.mon_id 
_pdbx_poly_seq_scheme.ndb_seq_num 
_pdbx_poly_seq_scheme.pdb_seq_num 
_pdbx_poly_seq_scheme.auth_seq_num 
_pdbx_poly_seq_scheme.pdb_mon_id 
_pdbx_poly_seq_scheme.auth_mon_id 
_pdbx_poly_seq_scheme.pdb_strand_id 
_pdbx_poly_seq_scheme.pdb_ins_code 
_pdbx_poly_seq_scheme.hetero 
A 1 1   THR 1   34  ?   ?   ?   A . n 
A 1 2   VAL 2   35  ?   ?   ?   A . n 
A 1 3   PRO 3   36  ?   ?   ?   A . n 
A 1 4   SER 4   37  ?   ?   ?   A . n 
A 1 5   SER 5   38  ?   ?   ?   A . n 
A 1 6   ASP 6   39  ?   ?   ?   A . n 
A 1 7   ILE 7   40  ?   ?   ?   A . n 
A 1 8   THR 8   41  41  THR THR A . n 
A 1 9   ASN 9   42  42  ASN ASN A . n 
A 1 10  PHE 10  43  43  PHE PHE A . n 
A 1 11  ASN 11  44  44  ASN ASN A . n 
A 1 12  GLU 12  45  45  GLU GLU A . n 
A 1 13  ILE 13  46  46  ILE ILE A . n 
A 1 14  PHE 14  47  47  PHE PHE A . n 
A 1 15  TYR 15  48  48  TYR TYR A . n 
A 1 16  VAL 16  49  49  VAL VAL A . n 
A 1 17  GLU 17  50  50  GLU GLU A . n 
A 1 18  PRO 18  51  51  PRO PRO A . n 
A 1 19  GLN 19  52  52  GLN GLN A . n 
A 1 20  TYR 20  53  53  TYR TYR A . n 
A 1 21  ILE 21  54  54  ILE ILE A . n 
A 1 22  ALA 22  55  55  ALA ALA A . n 
A 1 23  GLN 23  56  56  GLN GLN A . n 
A 1 24  ALA 24  57  57  ALA ALA A . n 
A 1 25  ILE 25  58  58  ILE ILE A . n 
A 1 26  ARG 26  59  59  ARG ARG A . n 
A 1 27  LEU 27  60  60  LEU LEU A . n 
A 1 28  THR 28  61  61  THR THR A . n 
A 1 29  ASN 29  62  62  ASN ASN A . n 
A 1 30  THR 30  63  63  THR THR A . n 
A 1 31  PHE 31  64  64  PHE PHE A . n 
A 1 32  GLN 32  65  65  GLN GLN A . n 
A 1 33  GLY 33  66  66  GLY GLY A . n 
A 1 34  ALA 34  67  67  ALA ALA A . n 
A 1 35  ILE 35  68  68  ILE ILE A . n 
A 1 36  ASP 36  69  69  ASP ASP A . n 
A 1 37  PRO 37  70  70  PRO PRO A . n 
A 1 38  LEU 38  71  71  LEU LEU A . n 
A 1 39  THR 39  72  72  THR THR A . n 
A 1 40  LEU 40  73  73  LEU LEU A . n 
A 1 41  ASN 41  74  74  ASN ASN A . n 
A 1 42  PHE 42  75  75  PHE PHE A . n 
A 1 43  ASN 43  76  76  ASN ASN A . n 
A 1 44  PHE 44  77  77  PHE PHE A . n 
A 1 45  GLU 45  78  78  GLU GLU A . n 
A 1 46  LYS 46  79  79  LYS LYS A . n 
A 1 47  ALA 47  80  80  ALA ALA A . n 
A 1 48  LEU 48  81  81  LEU LEU A . n 
A 1 49  GLN 49  82  82  GLN GLN A . n 
A 1 50  ILE 50  83  83  ILE ILE A . n 
A 1 51  ALA 51  84  84  ALA ALA A . n 
A 1 52  ASN 52  85  85  ASN ASN A . n 
A 1 53  GLY 53  86  86  GLY GLY A . n 
A 1 54  LEU 54  87  87  LEU LEU A . n 
A 1 55  PRO 55  88  88  PRO PRO A . n 
A 1 56  ASN 56  89  89  ASN ASN A . n 
A 1 57  ALA 57  90  90  ALA ALA A . n 
A 1 58  GLY 58  91  91  GLY GLY A . n 
A 1 59  VAL 59  92  92  VAL VAL A . n 
A 1 60  THR 60  93  93  THR THR A . n 
A 1 61  GLY 61  94  94  GLY GLY A . n 
A 1 62  THR 62  95  95  THR THR A . n 
A 1 63  ILE 63  96  96  ILE ILE A . n 
A 1 64  ASN 64  97  97  ASN ASN A . n 
A 1 65  GLN 65  98  98  GLN GLN A . n 
A 1 66  SER 66  99  99  SER SER A . n 
A 1 67  VAL 67  100 100 VAL VAL A . n 
A 1 68  ILE 68  101 101 ILE ILE A . n 
A 1 69  HIS 69  102 102 HIS HIS A . n 
A 1 70  GLN 70  103 103 GLN GLN A . n 
A 1 71  THR 71  104 104 THR THR A . n 
A 1 72  ILE 72  105 105 ILE ILE A . n 
A 1 73  GLU 73  106 106 GLU GLU A . n 
A 1 74  VAL 74  107 107 VAL VAL A . n 
A 1 75  SER 75  108 108 SER SER A . n 
A 1 76  VAL 76  109 109 VAL VAL A . n 
A 1 77  MET 77  110 110 MET MET A . n 
A 1 78  ILE 78  111 111 ILE ILE A . n 
A 1 79  SER 79  112 112 SER SER A . n 
A 1 80  GLN 80  113 113 GLN GLN A . n 
A 1 81  ILE 81  114 114 ILE ILE A . n 
A 1 82  LYS 82  115 115 LYS LYS A . n 
A 1 83  GLU 83  116 116 GLU GLU A . n 
A 1 84  ILE 84  117 117 ILE ILE A . n 
A 1 85  ILE 85  118 118 ILE ILE A . n 
A 1 86  ARG 86  119 119 ARG ARG A . n 
A 1 87  SER 87  120 120 SER SER A . n 
A 1 88  VAL 88  121 121 VAL VAL A . n 
A 1 89  LEU 89  122 122 LEU LEU A . n 
A 1 90  GLY 90  123 123 GLY GLY A . n 
A 1 91  LEU 91  124 124 LEU LEU A . n 
A 1 92  VAL 92  125 125 VAL VAL A . n 
A 1 93  ILE 93  126 126 ILE ILE A . n 
A 1 94  ASN 94  127 127 ASN ASN A . n 
A 1 95  SER 95  128 128 SER SER A . n 
A 1 96  ALA 96  129 129 ALA ALA A . n 
A 1 97  ASN 97  130 130 ASN ASN A . n 
A 1 98  PHE 98  131 131 PHE PHE A . n 
A 1 99  TRP 99  132 132 TRP TRP A . n 
A 1 100 ASN 100 133 133 ASN ASN A . n 
A 1 101 SER 101 134 134 SER SER A . n 
A 1 102 VAL 102 135 135 VAL VAL A . n 
A 1 103 VAL 103 136 136 VAL VAL A . n 
A 1 104 SER 104 137 137 SER SER A . n 
A 1 105 ALA 105 138 138 ALA ALA A . n 
A 1 106 ILE 106 139 139 ILE ILE A . n 
A 1 107 THR 107 140 140 THR THR A . n 
A 1 108 ASN 108 141 141 ASN ASN A . n 
A 1 109 THR 109 142 142 THR THR A . n 
A 1 110 PHE 110 143 143 PHE PHE A . n 
A 1 111 THR 111 144 144 THR THR A . n 
A 1 112 ASN 112 145 145 ASN ASN A . n 
A 1 113 LEU 113 146 146 LEU LEU A . n 
A 1 114 GLU 114 147 147 GLU GLU A . n 
A 1 115 PRO 115 148 148 PRO PRO A . n 
A 1 116 GLN 116 149 149 GLN GLN A . n 
A 1 117 VAL 117 150 150 VAL VAL A . n 
A 1 118 ASP 118 151 151 ASP ASP A . n 
A 1 119 GLU 119 152 152 GLU GLU A . n 
A 1 120 ASN 120 153 153 ASN ASN A . n 
A 1 121 TRP 121 154 154 TRP TRP A . n 
A 1 122 ILE 122 155 155 ILE ILE A . n 
A 1 123 VAL 123 156 156 VAL VAL A . n 
A 1 124 TRP 124 157 157 TRP TRP A . n 
A 1 125 ARG 125 158 158 ARG ARG A . n 
A 1 126 ASN 126 159 159 ASN ASN A . n 
A 1 127 LEU 127 160 160 LEU LEU A . n 
A 1 128 SER 128 161 161 SER SER A . n 
A 1 129 ALA 129 162 162 ALA ALA A . n 
A 1 130 THR 130 163 163 THR THR A . n 
A 1 131 GLN 131 164 164 GLN GLN A . n 
A 1 132 THR 132 165 165 THR THR A . n 
A 1 133 SER 133 166 166 SER SER A . n 
A 1 134 TYR 134 167 167 TYR TYR A . n 
A 1 135 PHE 135 168 168 PHE PHE A . n 
A 1 136 TYR 136 169 169 TYR TYR A . n 
A 1 137 LYS 137 170 170 LYS LYS A . n 
A 1 138 ILE 138 171 171 ILE ILE A . n 
A 1 139 LEU 139 172 172 LEU LEU A . n 
A 1 140 PHE 140 173 173 PHE PHE A . n 
A 1 141 SER 141 174 174 SER SER A . n 
A 1 142 ILE 142 175 175 ILE ILE A . n 
A 1 143 GLN 143 176 176 GLN GLN A . n 
A 1 144 ASN 144 177 177 ASN ASN A . n 
A 1 145 GLU 145 178 178 GLU GLU A . n 
A 1 146 ASP 146 179 179 ASP ASP A . n 
A 1 147 THR 147 180 180 THR THR A . n 
A 1 148 GLY 148 181 181 GLY GLY A . n 
A 1 149 ARG 149 182 182 ARG ARG A . n 
A 1 150 PHE 150 183 183 PHE PHE A . n 
A 1 151 MET 151 184 184 MET MET A . n 
A 1 152 ALA 152 185 185 ALA ALA A . n 
A 1 153 ILE 153 186 186 ILE ILE A . n 
A 1 154 LEU 154 187 187 LEU LEU A . n 
A 1 155 PRO 155 188 188 PRO PRO A . n 
A 1 156 ILE 156 189 189 ILE ILE A . n 
A 1 157 ALA 157 190 190 ALA ALA A . n 
A 1 158 PHE 158 191 191 PHE PHE A . n 
A 1 159 GLU 159 192 192 GLU GLU A . n 
A 1 160 ILE 160 193 193 ILE ILE A . n 
A 1 161 THR 161 194 194 THR THR A . n 
A 1 162 VAL 162 195 195 VAL VAL A . n 
A 1 163 ASP 163 196 196 ASP ASP A . n 
A 1 164 VAL 164 197 197 VAL VAL A . n 
A 1 165 GLN 165 198 198 GLN GLN A . n 
A 1 166 LYS 166 199 199 LYS LYS A . n 
A 1 167 GLN 167 200 200 GLN GLN A . n 
A 1 168 GLN 168 201 201 GLN GLN A . n 
A 1 169 LEU 169 202 202 LEU LEU A . n 
A 1 170 LEU 170 203 203 LEU LEU A . n 
A 1 171 PHE 171 204 204 PHE PHE A . n 
A 1 172 ILE 172 205 205 ILE ILE A . n 
A 1 173 THR 173 206 206 THR THR A . n 
A 1 174 ILE 174 207 207 ILE ILE A . n 
A 1 175 LYS 175 208 208 LYS LYS A . n 
A 1 176 ASP 176 209 209 ASP ASP A . n 
A 1 177 SER 177 210 210 SER SER A . n 
A 1 178 ALA 178 211 211 ALA ALA A . n 
A 1 179 ARG 179 212 212 ARG ARG A . n 
A 1 180 TYR 180 213 213 TYR TYR A . n 
A 1 181 GLU 181 214 214 GLU GLU A . n 
A 1 182 VAL 182 215 215 VAL VAL A . n 
A 1 183 LYS 183 216 216 LYS LYS A . n 
A 1 184 MET 184 217 217 MET MET A . n 
A 1 185 LYS 185 218 218 LYS LYS A . n 
A 1 186 ALA 186 219 219 ALA ALA A . n 
A 1 187 LEU 187 220 220 LEU LEU A . n 
A 1 188 THR 188 221 221 THR THR A . n 
A 1 189 VAL 189 222 222 VAL VAL A . n 
A 1 190 VAL 190 223 223 VAL VAL A . n 
A 1 191 GLN 191 224 224 GLN GLN A . n 
A 1 192 ALA 192 225 225 ALA ALA A . n 
A 1 193 LEU 193 226 226 LEU LEU A . n 
A 1 194 ASP 194 227 227 ASP ASP A . n 
A 1 195 SER 195 228 228 SER SER A . n 
A 1 196 TYR 196 229 ?   ?   ?   A . n 
A 1 197 ASN 197 230 ?   ?   ?   A . n 
A 1 198 ALA 198 231 ?   ?   ?   A . n 
A 1 199 PRO 199 232 ?   ?   ?   A . n 
A 1 200 ILE 200 233 ?   ?   ?   A . n 
A 1 201 ILE 201 234 ?   ?   ?   A . n 
A 1 202 ASP 202 235 ?   ?   ?   A . n 
A 1 203 VAL 203 236 ?   ?   ?   A . n 
A 1 204 PHE 204 237 ?   ?   ?   A . n 
# 
_pdbx_SG_project.id                    1 
_pdbx_SG_project.project_name          ? 
_pdbx_SG_project.full_name_of_center   'Israel Structural Proteomics Center' 
_pdbx_SG_project.initial_of_center     ISPC 
# 
loop_
_pdbx_nonpoly_scheme.asym_id 
_pdbx_nonpoly_scheme.entity_id 
_pdbx_nonpoly_scheme.mon_id 
_pdbx_nonpoly_scheme.ndb_seq_num 
_pdbx_nonpoly_scheme.pdb_seq_num 
_pdbx_nonpoly_scheme.auth_seq_num 
_pdbx_nonpoly_scheme.pdb_mon_id 
_pdbx_nonpoly_scheme.auth_mon_id 
_pdbx_nonpoly_scheme.pdb_strand_id 
_pdbx_nonpoly_scheme.pdb_ins_code 
B 2 HOH 1   238 238 HOH HOH A . 
B 2 HOH 2   239 239 HOH HOH A . 
B 2 HOH 3   240 240 HOH HOH A . 
B 2 HOH 4   241 241 HOH HOH A . 
B 2 HOH 5   242 242 HOH HOH A . 
B 2 HOH 6   243 243 HOH HOH A . 
B 2 HOH 7   244 244 HOH HOH A . 
B 2 HOH 8   245 245 HOH HOH A . 
B 2 HOH 9   246 246 HOH HOH A . 
B 2 HOH 10  247 247 HOH HOH A . 
B 2 HOH 11  248 248 HOH HOH A . 
B 2 HOH 12  249 249 HOH HOH A . 
B 2 HOH 13  250 250 HOH HOH A . 
B 2 HOH 14  251 251 HOH HOH A . 
B 2 HOH 15  252 252 HOH HOH A . 
B 2 HOH 16  253 253 HOH HOH A . 
B 2 HOH 17  254 254 HOH HOH A . 
B 2 HOH 18  255 255 HOH HOH A . 
B 2 HOH 19  256 256 HOH HOH A . 
B 2 HOH 20  257 257 HOH HOH A . 
B 2 HOH 21  258 258 HOH HOH A . 
B 2 HOH 22  259 259 HOH HOH A . 
B 2 HOH 23  260 260 HOH HOH A . 
B 2 HOH 24  261 261 HOH HOH A . 
B 2 HOH 25  262 262 HOH HOH A . 
B 2 HOH 26  263 263 HOH HOH A . 
B 2 HOH 27  264 264 HOH HOH A . 
B 2 HOH 28  265 265 HOH HOH A . 
B 2 HOH 29  266 266 HOH HOH A . 
B 2 HOH 30  267 267 HOH HOH A . 
B 2 HOH 31  268 268 HOH HOH A . 
B 2 HOH 32  269 269 HOH HOH A . 
B 2 HOH 33  270 270 HOH HOH A . 
B 2 HOH 34  271 271 HOH HOH A . 
B 2 HOH 35  272 272 HOH HOH A . 
B 2 HOH 36  273 273 HOH HOH A . 
B 2 HOH 37  274 274 HOH HOH A . 
B 2 HOH 38  275 275 HOH HOH A . 
B 2 HOH 39  276 276 HOH HOH A . 
B 2 HOH 40  277 277 HOH HOH A . 
B 2 HOH 41  278 278 HOH HOH A . 
B 2 HOH 42  279 279 HOH HOH A . 
B 2 HOH 43  280 280 HOH HOH A . 
B 2 HOH 44  281 281 HOH HOH A . 
B 2 HOH 45  282 282 HOH HOH A . 
B 2 HOH 46  283 283 HOH HOH A . 
B 2 HOH 47  284 284 HOH HOH A . 
B 2 HOH 48  285 285 HOH HOH A . 
B 2 HOH 49  286 286 HOH HOH A . 
B 2 HOH 50  287 287 HOH HOH A . 
B 2 HOH 51  288 288 HOH HOH A . 
B 2 HOH 52  289 289 HOH HOH A . 
B 2 HOH 53  290 290 HOH HOH A . 
B 2 HOH 54  291 291 HOH HOH A . 
B 2 HOH 55  292 292 HOH HOH A . 
B 2 HOH 56  293 293 HOH HOH A . 
B 2 HOH 57  294 294 HOH HOH A . 
B 2 HOH 58  295 295 HOH HOH A . 
B 2 HOH 59  296 296 HOH HOH A . 
B 2 HOH 60  297 297 HOH HOH A . 
B 2 HOH 61  298 298 HOH HOH A . 
B 2 HOH 62  299 299 HOH HOH A . 
B 2 HOH 63  300 300 HOH HOH A . 
B 2 HOH 64  301 301 HOH HOH A . 
B 2 HOH 65  302 302 HOH HOH A . 
B 2 HOH 66  303 303 HOH HOH A . 
B 2 HOH 67  304 304 HOH HOH A . 
B 2 HOH 68  305 305 HOH HOH A . 
B 2 HOH 69  306 306 HOH HOH A . 
B 2 HOH 70  307 307 HOH HOH A . 
B 2 HOH 71  308 308 HOH HOH A . 
B 2 HOH 72  309 309 HOH HOH A . 
B 2 HOH 73  310 310 HOH HOH A . 
B 2 HOH 74  311 311 HOH HOH A . 
B 2 HOH 75  312 312 HOH HOH A . 
B 2 HOH 76  313 313 HOH HOH A . 
B 2 HOH 77  314 314 HOH HOH A . 
B 2 HOH 78  315 315 HOH HOH A . 
B 2 HOH 79  316 316 HOH HOH A . 
B 2 HOH 80  317 317 HOH HOH A . 
B 2 HOH 81  318 318 HOH HOH A . 
B 2 HOH 82  319 319 HOH HOH A . 
B 2 HOH 83  320 320 HOH HOH A . 
B 2 HOH 84  321 321 HOH HOH A . 
B 2 HOH 85  322 322 HOH HOH A . 
B 2 HOH 86  323 323 HOH HOH A . 
B 2 HOH 87  324 324 HOH HOH A . 
B 2 HOH 88  325 325 HOH HOH A . 
B 2 HOH 89  326 326 HOH HOH A . 
B 2 HOH 90  327 327 HOH HOH A . 
B 2 HOH 91  328 328 HOH HOH A . 
B 2 HOH 92  329 329 HOH HOH A . 
B 2 HOH 93  330 330 HOH HOH A . 
B 2 HOH 94  331 331 HOH HOH A . 
B 2 HOH 95  332 332 HOH HOH A . 
B 2 HOH 96  333 333 HOH HOH A . 
B 2 HOH 97  334 334 HOH HOH A . 
B 2 HOH 98  335 335 HOH HOH A . 
B 2 HOH 99  336 336 HOH HOH A . 
B 2 HOH 100 337 337 HOH HOH A . 
B 2 HOH 101 338 338 HOH HOH A . 
B 2 HOH 102 339 339 HOH HOH A . 
B 2 HOH 103 340 340 HOH HOH A . 
B 2 HOH 104 341 341 HOH HOH A . 
B 2 HOH 105 342 342 HOH HOH A . 
B 2 HOH 106 343 343 HOH HOH A . 
B 2 HOH 107 344 344 HOH HOH A . 
B 2 HOH 108 345 345 HOH HOH A . 
B 2 HOH 109 346 346 HOH HOH A . 
B 2 HOH 110 347 347 HOH HOH A . 
B 2 HOH 111 348 348 HOH HOH A . 
B 2 HOH 112 349 349 HOH HOH A . 
# 
_pdbx_struct_assembly.id                   1 
_pdbx_struct_assembly.details              author_and_software_defined_assembly 
_pdbx_struct_assembly.method_details       PISA 
_pdbx_struct_assembly.oligomeric_details   monomeric 
_pdbx_struct_assembly.oligomeric_count     1 
# 
_pdbx_struct_assembly_gen.assembly_id       1 
_pdbx_struct_assembly_gen.oper_expression   1 
_pdbx_struct_assembly_gen.asym_id_list      A,B 
# 
_pdbx_struct_oper_list.id                   1 
_pdbx_struct_oper_list.type                 'identity operation' 
_pdbx_struct_oper_list.name                 1_555 
_pdbx_struct_oper_list.symmetry_operation   x,y,z 
_pdbx_struct_oper_list.matrix[1][1]         1.0000000000 
_pdbx_struct_oper_list.matrix[1][2]         0.0000000000 
_pdbx_struct_oper_list.matrix[1][3]         0.0000000000 
_pdbx_struct_oper_list.vector[1]            0.0000000000 
_pdbx_struct_oper_list.matrix[2][1]         0.0000000000 
_pdbx_struct_oper_list.matrix[2][2]         1.0000000000 
_pdbx_struct_oper_list.matrix[2][3]         0.0000000000 
_pdbx_struct_oper_list.vector[2]            0.0000000000 
_pdbx_struct_oper_list.matrix[3][1]         0.0000000000 
_pdbx_struct_oper_list.matrix[3][2]         0.0000000000 
_pdbx_struct_oper_list.matrix[3][3]         1.0000000000 
_pdbx_struct_oper_list.vector[3]            0.0000000000 
# 
_pdbx_struct_special_symmetry.id              1 
_pdbx_struct_special_symmetry.PDB_model_num   1 
_pdbx_struct_special_symmetry.auth_asym_id    A 
_pdbx_struct_special_symmetry.auth_comp_id    HOH 
_pdbx_struct_special_symmetry.auth_seq_id     239 
_pdbx_struct_special_symmetry.PDB_ins_code    ? 
_pdbx_struct_special_symmetry.label_asym_id   B 
_pdbx_struct_special_symmetry.label_comp_id   HOH 
_pdbx_struct_special_symmetry.label_seq_id    . 
# 
loop_
_pdbx_audit_revision_history.ordinal 
_pdbx_audit_revision_history.data_content_type 
_pdbx_audit_revision_history.major_revision 
_pdbx_audit_revision_history.minor_revision 
_pdbx_audit_revision_history.revision_date 
1 'Structure model' 1 0 2008-07-15 
2 'Structure model' 1 1 2011-07-13 
3 'Structure model' 1 2 2023-08-30 
# 
_pdbx_audit_revision_details.ordinal             1 
_pdbx_audit_revision_details.revision_ordinal    1 
_pdbx_audit_revision_details.data_content_type   'Structure model' 
_pdbx_audit_revision_details.provider            repository 
_pdbx_audit_revision_details.type                'Initial release' 
_pdbx_audit_revision_details.description         ? 
_pdbx_audit_revision_details.details             ? 
# 
loop_
_pdbx_audit_revision_group.ordinal 
_pdbx_audit_revision_group.revision_ordinal 
_pdbx_audit_revision_group.data_content_type 
_pdbx_audit_revision_group.group 
1 2 'Structure model' 'Version format compliance' 
2 3 'Structure model' 'Data collection'           
3 3 'Structure model' 'Database references'       
4 3 'Structure model' 'Refinement description'    
# 
loop_
_pdbx_audit_revision_category.ordinal 
_pdbx_audit_revision_category.revision_ordinal 
_pdbx_audit_revision_category.data_content_type 
_pdbx_audit_revision_category.category 
1 3 'Structure model' chem_comp_atom                
2 3 'Structure model' chem_comp_bond                
3 3 'Structure model' database_2                    
4 3 'Structure model' pdbx_initial_refinement_model 
# 
loop_
_pdbx_audit_revision_item.ordinal 
_pdbx_audit_revision_item.revision_ordinal 
_pdbx_audit_revision_item.data_content_type 
_pdbx_audit_revision_item.item 
1 3 'Structure model' '_database_2.pdbx_DOI'                
2 3 'Structure model' '_database_2.pdbx_database_accession' 
# 
loop_
_software.name 
_software.classification 
_software.version 
_software.citation_id 
_software.pdbx_ordinal 
REFMAC   refinement        5.2.0019 ? 1 
HKL-2000 'data collection' .        ? 2 
HKL-2000 'data reduction'  .        ? 3 
HKL-2000 'data scaling'    .        ? 4 
BALBES   phasing           .        ? 5 
# 
loop_
_pdbx_validate_close_contact.id 
_pdbx_validate_close_contact.PDB_model_num 
_pdbx_validate_close_contact.auth_atom_id_1 
_pdbx_validate_close_contact.auth_asym_id_1 
_pdbx_validate_close_contact.auth_comp_id_1 
_pdbx_validate_close_contact.auth_seq_id_1 
_pdbx_validate_close_contact.PDB_ins_code_1 
_pdbx_validate_close_contact.label_alt_id_1 
_pdbx_validate_close_contact.auth_atom_id_2 
_pdbx_validate_close_contact.auth_asym_id_2 
_pdbx_validate_close_contact.auth_comp_id_2 
_pdbx_validate_close_contact.auth_seq_id_2 
_pdbx_validate_close_contact.PDB_ins_code_2 
_pdbx_validate_close_contact.label_alt_id_2 
_pdbx_validate_close_contact.dist 
1 1 O   A HOH 260 ? ? O A HOH 332 ? ? 1.97 
2 1 OE1 A GLN 200 ? ? O A HOH 344 ? ? 2.05 
# 
loop_
_pdbx_validate_torsion.id 
_pdbx_validate_torsion.PDB_model_num 
_pdbx_validate_torsion.auth_comp_id 
_pdbx_validate_torsion.auth_asym_id 
_pdbx_validate_torsion.auth_seq_id 
_pdbx_validate_torsion.PDB_ins_code 
_pdbx_validate_torsion.label_alt_id 
_pdbx_validate_torsion.phi 
_pdbx_validate_torsion.psi 
1 1 ASN A 97  ? ? -158.84 77.42   
2 1 HIS A 102 ? ? -155.85 75.44   
3 1 ARG A 158 ? ? -119.02 -104.34 
4 1 ASN A 177 ? ? -164.41 -166.07 
5 1 ASP A 196 ? ? -81.13  46.17   
6 1 ASP A 227 ? ? 10.39   99.03   
# 
_pdbx_validate_peptide_omega.id               1 
_pdbx_validate_peptide_omega.PDB_model_num    1 
_pdbx_validate_peptide_omega.auth_comp_id_1   LEU 
_pdbx_validate_peptide_omega.auth_asym_id_1   A 
_pdbx_validate_peptide_omega.auth_seq_id_1    226 
_pdbx_validate_peptide_omega.PDB_ins_code_1   ? 
_pdbx_validate_peptide_omega.label_alt_id_1   ? 
_pdbx_validate_peptide_omega.auth_comp_id_2   ASP 
_pdbx_validate_peptide_omega.auth_asym_id_2   A 
_pdbx_validate_peptide_omega.auth_seq_id_2    227 
_pdbx_validate_peptide_omega.PDB_ins_code_2   ? 
_pdbx_validate_peptide_omega.label_alt_id_2   ? 
_pdbx_validate_peptide_omega.omega            125.43 
# 
loop_
_pdbx_validate_chiral.id 
_pdbx_validate_chiral.PDB_model_num 
_pdbx_validate_chiral.auth_atom_id 
_pdbx_validate_chiral.label_alt_id 
_pdbx_validate_chiral.auth_asym_id 
_pdbx_validate_chiral.auth_comp_id 
_pdbx_validate_chiral.auth_seq_id 
_pdbx_validate_chiral.PDB_ins_code 
_pdbx_validate_chiral.details 
_pdbx_validate_chiral.omega 
1 1 CA ? A ASP 227 ? 'WRONG HAND' . 
2 1 CA ? A SER 228 ? 'WRONG HAND' . 
# 
loop_
_pdbx_unobs_or_zero_occ_atoms.id 
_pdbx_unobs_or_zero_occ_atoms.PDB_model_num 
_pdbx_unobs_or_zero_occ_atoms.polymer_flag 
_pdbx_unobs_or_zero_occ_atoms.occupancy_flag 
_pdbx_unobs_or_zero_occ_atoms.auth_asym_id 
_pdbx_unobs_or_zero_occ_atoms.auth_comp_id 
_pdbx_unobs_or_zero_occ_atoms.auth_seq_id 
_pdbx_unobs_or_zero_occ_atoms.PDB_ins_code 
_pdbx_unobs_or_zero_occ_atoms.auth_atom_id 
_pdbx_unobs_or_zero_occ_atoms.label_alt_id 
_pdbx_unobs_or_zero_occ_atoms.label_asym_id 
_pdbx_unobs_or_zero_occ_atoms.label_comp_id 
_pdbx_unobs_or_zero_occ_atoms.label_seq_id 
_pdbx_unobs_or_zero_occ_atoms.label_atom_id 
1 1 Y 1 A ARG 158 ? CZ  ? A ARG 125 CZ  
2 1 Y 1 A ARG 158 ? NH1 ? A ARG 125 NH1 
3 1 Y 1 A ARG 158 ? NH2 ? A ARG 125 NH2 
4 1 Y 1 A ARG 182 ? CD  ? A ARG 149 CD  
5 1 Y 1 A ARG 182 ? NE  ? A ARG 149 NE  
6 1 Y 1 A ARG 182 ? CZ  ? A ARG 149 CZ  
7 1 Y 1 A ARG 182 ? NH1 ? A ARG 149 NH1 
8 1 Y 1 A ARG 182 ? NH2 ? A ARG 149 NH2 
# 
loop_
_pdbx_unobs_or_zero_occ_residues.id 
_pdbx_unobs_or_zero_occ_residues.PDB_model_num 
_pdbx_unobs_or_zero_occ_residues.polymer_flag 
_pdbx_unobs_or_zero_occ_residues.occupancy_flag 
_pdbx_unobs_or_zero_occ_residues.auth_asym_id 
_pdbx_unobs_or_zero_occ_residues.auth_comp_id 
_pdbx_unobs_or_zero_occ_residues.auth_seq_id 
_pdbx_unobs_or_zero_occ_residues.PDB_ins_code 
_pdbx_unobs_or_zero_occ_residues.label_asym_id 
_pdbx_unobs_or_zero_occ_residues.label_comp_id 
_pdbx_unobs_or_zero_occ_residues.label_seq_id 
1  1 Y 1 A THR 34  ? A THR 1   
2  1 Y 1 A VAL 35  ? A VAL 2   
3  1 Y 1 A PRO 36  ? A PRO 3   
4  1 Y 1 A SER 37  ? A SER 4   
5  1 Y 1 A SER 38  ? A SER 5   
6  1 Y 1 A ASP 39  ? A ASP 6   
7  1 Y 1 A ILE 40  ? A ILE 7   
8  1 Y 1 A TYR 229 ? A TYR 196 
9  1 Y 1 A ASN 230 ? A ASN 197 
10 1 Y 1 A ALA 231 ? A ALA 198 
11 1 Y 1 A PRO 232 ? A PRO 199 
12 1 Y 1 A ILE 233 ? A ILE 200 
13 1 Y 1 A ILE 234 ? A ILE 201 
14 1 Y 1 A ASP 235 ? A ASP 202 
15 1 Y 1 A VAL 236 ? A VAL 203 
16 1 Y 1 A PHE 237 ? A PHE 204 
# 
loop_
_chem_comp_atom.comp_id 
_chem_comp_atom.atom_id 
_chem_comp_atom.type_symbol 
_chem_comp_atom.pdbx_aromatic_flag 
_chem_comp_atom.pdbx_stereo_config 
_chem_comp_atom.pdbx_ordinal 
ALA N    N N N 1   
ALA CA   C N S 2   
ALA C    C N N 3   
ALA O    O N N 4   
ALA CB   C N N 5   
ALA OXT  O N N 6   
ALA H    H N N 7   
ALA H2   H N N 8   
ALA HA   H N N 9   
ALA HB1  H N N 10  
ALA HB2  H N N 11  
ALA HB3  H N N 12  
ALA HXT  H N N 13  
ARG N    N N N 14  
ARG CA   C N S 15  
ARG C    C N N 16  
ARG O    O N N 17  
ARG CB   C N N 18  
ARG CG   C N N 19  
ARG CD   C N N 20  
ARG NE   N N N 21  
ARG CZ   C N N 22  
ARG NH1  N N N 23  
ARG NH2  N N N 24  
ARG OXT  O N N 25  
ARG H    H N N 26  
ARG H2   H N N 27  
ARG HA   H N N 28  
ARG HB2  H N N 29  
ARG HB3  H N N 30  
ARG HG2  H N N 31  
ARG HG3  H N N 32  
ARG HD2  H N N 33  
ARG HD3  H N N 34  
ARG HE   H N N 35  
ARG HH11 H N N 36  
ARG HH12 H N N 37  
ARG HH21 H N N 38  
ARG HH22 H N N 39  
ARG HXT  H N N 40  
ASN N    N N N 41  
ASN CA   C N S 42  
ASN C    C N N 43  
ASN O    O N N 44  
ASN CB   C N N 45  
ASN CG   C N N 46  
ASN OD1  O N N 47  
ASN ND2  N N N 48  
ASN OXT  O N N 49  
ASN H    H N N 50  
ASN H2   H N N 51  
ASN HA   H N N 52  
ASN HB2  H N N 53  
ASN HB3  H N N 54  
ASN HD21 H N N 55  
ASN HD22 H N N 56  
ASN HXT  H N N 57  
ASP N    N N N 58  
ASP CA   C N S 59  
ASP C    C N N 60  
ASP O    O N N 61  
ASP CB   C N N 62  
ASP CG   C N N 63  
ASP OD1  O N N 64  
ASP OD2  O N N 65  
ASP OXT  O N N 66  
ASP H    H N N 67  
ASP H2   H N N 68  
ASP HA   H N N 69  
ASP HB2  H N N 70  
ASP HB3  H N N 71  
ASP HD2  H N N 72  
ASP HXT  H N N 73  
GLN N    N N N 74  
GLN CA   C N S 75  
GLN C    C N N 76  
GLN O    O N N 77  
GLN CB   C N N 78  
GLN CG   C N N 79  
GLN CD   C N N 80  
GLN OE1  O N N 81  
GLN NE2  N N N 82  
GLN OXT  O N N 83  
GLN H    H N N 84  
GLN H2   H N N 85  
GLN HA   H N N 86  
GLN HB2  H N N 87  
GLN HB3  H N N 88  
GLN HG2  H N N 89  
GLN HG3  H N N 90  
GLN HE21 H N N 91  
GLN HE22 H N N 92  
GLN HXT  H N N 93  
GLU N    N N N 94  
GLU CA   C N S 95  
GLU C    C N N 96  
GLU O    O N N 97  
GLU CB   C N N 98  
GLU CG   C N N 99  
GLU CD   C N N 100 
GLU OE1  O N N 101 
GLU OE2  O N N 102 
GLU OXT  O N N 103 
GLU H    H N N 104 
GLU H2   H N N 105 
GLU HA   H N N 106 
GLU HB2  H N N 107 
GLU HB3  H N N 108 
GLU HG2  H N N 109 
GLU HG3  H N N 110 
GLU HE2  H N N 111 
GLU HXT  H N N 112 
GLY N    N N N 113 
GLY CA   C N N 114 
GLY C    C N N 115 
GLY O    O N N 116 
GLY OXT  O N N 117 
GLY H    H N N 118 
GLY H2   H N N 119 
GLY HA2  H N N 120 
GLY HA3  H N N 121 
GLY HXT  H N N 122 
HIS N    N N N 123 
HIS CA   C N S 124 
HIS C    C N N 125 
HIS O    O N N 126 
HIS CB   C N N 127 
HIS CG   C Y N 128 
HIS ND1  N Y N 129 
HIS CD2  C Y N 130 
HIS CE1  C Y N 131 
HIS NE2  N Y N 132 
HIS OXT  O N N 133 
HIS H    H N N 134 
HIS H2   H N N 135 
HIS HA   H N N 136 
HIS HB2  H N N 137 
HIS HB3  H N N 138 
HIS HD1  H N N 139 
HIS HD2  H N N 140 
HIS HE1  H N N 141 
HIS HE2  H N N 142 
HIS HXT  H N N 143 
HOH O    O N N 144 
HOH H1   H N N 145 
HOH H2   H N N 146 
ILE N    N N N 147 
ILE CA   C N S 148 
ILE C    C N N 149 
ILE O    O N N 150 
ILE CB   C N S 151 
ILE CG1  C N N 152 
ILE CG2  C N N 153 
ILE CD1  C N N 154 
ILE OXT  O N N 155 
ILE H    H N N 156 
ILE H2   H N N 157 
ILE HA   H N N 158 
ILE HB   H N N 159 
ILE HG12 H N N 160 
ILE HG13 H N N 161 
ILE HG21 H N N 162 
ILE HG22 H N N 163 
ILE HG23 H N N 164 
ILE HD11 H N N 165 
ILE HD12 H N N 166 
ILE HD13 H N N 167 
ILE HXT  H N N 168 
LEU N    N N N 169 
LEU CA   C N S 170 
LEU C    C N N 171 
LEU O    O N N 172 
LEU CB   C N N 173 
LEU CG   C N N 174 
LEU CD1  C N N 175 
LEU CD2  C N N 176 
LEU OXT  O N N 177 
LEU H    H N N 178 
LEU H2   H N N 179 
LEU HA   H N N 180 
LEU HB2  H N N 181 
LEU HB3  H N N 182 
LEU HG   H N N 183 
LEU HD11 H N N 184 
LEU HD12 H N N 185 
LEU HD13 H N N 186 
LEU HD21 H N N 187 
LEU HD22 H N N 188 
LEU HD23 H N N 189 
LEU HXT  H N N 190 
LYS N    N N N 191 
LYS CA   C N S 192 
LYS C    C N N 193 
LYS O    O N N 194 
LYS CB   C N N 195 
LYS CG   C N N 196 
LYS CD   C N N 197 
LYS CE   C N N 198 
LYS NZ   N N N 199 
LYS OXT  O N N 200 
LYS H    H N N 201 
LYS H2   H N N 202 
LYS HA   H N N 203 
LYS HB2  H N N 204 
LYS HB3  H N N 205 
LYS HG2  H N N 206 
LYS HG3  H N N 207 
LYS HD2  H N N 208 
LYS HD3  H N N 209 
LYS HE2  H N N 210 
LYS HE3  H N N 211 
LYS HZ1  H N N 212 
LYS HZ2  H N N 213 
LYS HZ3  H N N 214 
LYS HXT  H N N 215 
MET N    N N N 216 
MET CA   C N S 217 
MET C    C N N 218 
MET O    O N N 219 
MET CB   C N N 220 
MET CG   C N N 221 
MET SD   S N N 222 
MET CE   C N N 223 
MET OXT  O N N 224 
MET H    H N N 225 
MET H2   H N N 226 
MET HA   H N N 227 
MET HB2  H N N 228 
MET HB3  H N N 229 
MET HG2  H N N 230 
MET HG3  H N N 231 
MET HE1  H N N 232 
MET HE2  H N N 233 
MET HE3  H N N 234 
MET HXT  H N N 235 
PHE N    N N N 236 
PHE CA   C N S 237 
PHE C    C N N 238 
PHE O    O N N 239 
PHE CB   C N N 240 
PHE CG   C Y N 241 
PHE CD1  C Y N 242 
PHE CD2  C Y N 243 
PHE CE1  C Y N 244 
PHE CE2  C Y N 245 
PHE CZ   C Y N 246 
PHE OXT  O N N 247 
PHE H    H N N 248 
PHE H2   H N N 249 
PHE HA   H N N 250 
PHE HB2  H N N 251 
PHE HB3  H N N 252 
PHE HD1  H N N 253 
PHE HD2  H N N 254 
PHE HE1  H N N 255 
PHE HE2  H N N 256 
PHE HZ   H N N 257 
PHE HXT  H N N 258 
PRO N    N N N 259 
PRO CA   C N S 260 
PRO C    C N N 261 
PRO O    O N N 262 
PRO CB   C N N 263 
PRO CG   C N N 264 
PRO CD   C N N 265 
PRO OXT  O N N 266 
PRO H    H N N 267 
PRO HA   H N N 268 
PRO HB2  H N N 269 
PRO HB3  H N N 270 
PRO HG2  H N N 271 
PRO HG3  H N N 272 
PRO HD2  H N N 273 
PRO HD3  H N N 274 
PRO HXT  H N N 275 
SER N    N N N 276 
SER CA   C N S 277 
SER C    C N N 278 
SER O    O N N 279 
SER CB   C N N 280 
SER OG   O N N 281 
SER OXT  O N N 282 
SER H    H N N 283 
SER H2   H N N 284 
SER HA   H N N 285 
SER HB2  H N N 286 
SER HB3  H N N 287 
SER HG   H N N 288 
SER HXT  H N N 289 
THR N    N N N 290 
THR CA   C N S 291 
THR C    C N N 292 
THR O    O N N 293 
THR CB   C N R 294 
THR OG1  O N N 295 
THR CG2  C N N 296 
THR OXT  O N N 297 
THR H    H N N 298 
THR H2   H N N 299 
THR HA   H N N 300 
THR HB   H N N 301 
THR HG1  H N N 302 
THR HG21 H N N 303 
THR HG22 H N N 304 
THR HG23 H N N 305 
THR HXT  H N N 306 
TRP N    N N N 307 
TRP CA   C N S 308 
TRP C    C N N 309 
TRP O    O N N 310 
TRP CB   C N N 311 
TRP CG   C Y N 312 
TRP CD1  C Y N 313 
TRP CD2  C Y N 314 
TRP NE1  N Y N 315 
TRP CE2  C Y N 316 
TRP CE3  C Y N 317 
TRP CZ2  C Y N 318 
TRP CZ3  C Y N 319 
TRP CH2  C Y N 320 
TRP OXT  O N N 321 
TRP H    H N N 322 
TRP H2   H N N 323 
TRP HA   H N N 324 
TRP HB2  H N N 325 
TRP HB3  H N N 326 
TRP HD1  H N N 327 
TRP HE1  H N N 328 
TRP HE3  H N N 329 
TRP HZ2  H N N 330 
TRP HZ3  H N N 331 
TRP HH2  H N N 332 
TRP HXT  H N N 333 
TYR N    N N N 334 
TYR CA   C N S 335 
TYR C    C N N 336 
TYR O    O N N 337 
TYR CB   C N N 338 
TYR CG   C Y N 339 
TYR CD1  C Y N 340 
TYR CD2  C Y N 341 
TYR CE1  C Y N 342 
TYR CE2  C Y N 343 
TYR CZ   C Y N 344 
TYR OH   O N N 345 
TYR OXT  O N N 346 
TYR H    H N N 347 
TYR H2   H N N 348 
TYR HA   H N N 349 
TYR HB2  H N N 350 
TYR HB3  H N N 351 
TYR HD1  H N N 352 
TYR HD2  H N N 353 
TYR HE1  H N N 354 
TYR HE2  H N N 355 
TYR HH   H N N 356 
TYR HXT  H N N 357 
VAL N    N N N 358 
VAL CA   C N S 359 
VAL C    C N N 360 
VAL O    O N N 361 
VAL CB   C N N 362 
VAL CG1  C N N 363 
VAL CG2  C N N 364 
VAL OXT  O N N 365 
VAL H    H N N 366 
VAL H2   H N N 367 
VAL HA   H N N 368 
VAL HB   H N N 369 
VAL HG11 H N N 370 
VAL HG12 H N N 371 
VAL HG13 H N N 372 
VAL HG21 H N N 373 
VAL HG22 H N N 374 
VAL HG23 H N N 375 
VAL HXT  H N N 376 
# 
loop_
_chem_comp_bond.comp_id 
_chem_comp_bond.atom_id_1 
_chem_comp_bond.atom_id_2 
_chem_comp_bond.value_order 
_chem_comp_bond.pdbx_aromatic_flag 
_chem_comp_bond.pdbx_stereo_config 
_chem_comp_bond.pdbx_ordinal 
ALA N   CA   sing N N 1   
ALA N   H    sing N N 2   
ALA N   H2   sing N N 3   
ALA CA  C    sing N N 4   
ALA CA  CB   sing N N 5   
ALA CA  HA   sing N N 6   
ALA C   O    doub N N 7   
ALA C   OXT  sing N N 8   
ALA CB  HB1  sing N N 9   
ALA CB  HB2  sing N N 10  
ALA CB  HB3  sing N N 11  
ALA OXT HXT  sing N N 12  
ARG N   CA   sing N N 13  
ARG N   H    sing N N 14  
ARG N   H2   sing N N 15  
ARG CA  C    sing N N 16  
ARG CA  CB   sing N N 17  
ARG CA  HA   sing N N 18  
ARG C   O    doub N N 19  
ARG C   OXT  sing N N 20  
ARG CB  CG   sing N N 21  
ARG CB  HB2  sing N N 22  
ARG CB  HB3  sing N N 23  
ARG CG  CD   sing N N 24  
ARG CG  HG2  sing N N 25  
ARG CG  HG3  sing N N 26  
ARG CD  NE   sing N N 27  
ARG CD  HD2  sing N N 28  
ARG CD  HD3  sing N N 29  
ARG NE  CZ   sing N N 30  
ARG NE  HE   sing N N 31  
ARG CZ  NH1  sing N N 32  
ARG CZ  NH2  doub N N 33  
ARG NH1 HH11 sing N N 34  
ARG NH1 HH12 sing N N 35  
ARG NH2 HH21 sing N N 36  
ARG NH2 HH22 sing N N 37  
ARG OXT HXT  sing N N 38  
ASN N   CA   sing N N 39  
ASN N   H    sing N N 40  
ASN N   H2   sing N N 41  
ASN CA  C    sing N N 42  
ASN CA  CB   sing N N 43  
ASN CA  HA   sing N N 44  
ASN C   O    doub N N 45  
ASN C   OXT  sing N N 46  
ASN CB  CG   sing N N 47  
ASN CB  HB2  sing N N 48  
ASN CB  HB3  sing N N 49  
ASN CG  OD1  doub N N 50  
ASN CG  ND2  sing N N 51  
ASN ND2 HD21 sing N N 52  
ASN ND2 HD22 sing N N 53  
ASN OXT HXT  sing N N 54  
ASP N   CA   sing N N 55  
ASP N   H    sing N N 56  
ASP N   H2   sing N N 57  
ASP CA  C    sing N N 58  
ASP CA  CB   sing N N 59  
ASP CA  HA   sing N N 60  
ASP C   O    doub N N 61  
ASP C   OXT  sing N N 62  
ASP CB  CG   sing N N 63  
ASP CB  HB2  sing N N 64  
ASP CB  HB3  sing N N 65  
ASP CG  OD1  doub N N 66  
ASP CG  OD2  sing N N 67  
ASP OD2 HD2  sing N N 68  
ASP OXT HXT  sing N N 69  
GLN N   CA   sing N N 70  
GLN N   H    sing N N 71  
GLN N   H2   sing N N 72  
GLN CA  C    sing N N 73  
GLN CA  CB   sing N N 74  
GLN CA  HA   sing N N 75  
GLN C   O    doub N N 76  
GLN C   OXT  sing N N 77  
GLN CB  CG   sing N N 78  
GLN CB  HB2  sing N N 79  
GLN CB  HB3  sing N N 80  
GLN CG  CD   sing N N 81  
GLN CG  HG2  sing N N 82  
GLN CG  HG3  sing N N 83  
GLN CD  OE1  doub N N 84  
GLN CD  NE2  sing N N 85  
GLN NE2 HE21 sing N N 86  
GLN NE2 HE22 sing N N 87  
GLN OXT HXT  sing N N 88  
GLU N   CA   sing N N 89  
GLU N   H    sing N N 90  
GLU N   H2   sing N N 91  
GLU CA  C    sing N N 92  
GLU CA  CB   sing N N 93  
GLU CA  HA   sing N N 94  
GLU C   O    doub N N 95  
GLU C   OXT  sing N N 96  
GLU CB  CG   sing N N 97  
GLU CB  HB2  sing N N 98  
GLU CB  HB3  sing N N 99  
GLU CG  CD   sing N N 100 
GLU CG  HG2  sing N N 101 
GLU CG  HG3  sing N N 102 
GLU CD  OE1  doub N N 103 
GLU CD  OE2  sing N N 104 
GLU OE2 HE2  sing N N 105 
GLU OXT HXT  sing N N 106 
GLY N   CA   sing N N 107 
GLY N   H    sing N N 108 
GLY N   H2   sing N N 109 
GLY CA  C    sing N N 110 
GLY CA  HA2  sing N N 111 
GLY CA  HA3  sing N N 112 
GLY C   O    doub N N 113 
GLY C   OXT  sing N N 114 
GLY OXT HXT  sing N N 115 
HIS N   CA   sing N N 116 
HIS N   H    sing N N 117 
HIS N   H2   sing N N 118 
HIS CA  C    sing N N 119 
HIS CA  CB   sing N N 120 
HIS CA  HA   sing N N 121 
HIS C   O    doub N N 122 
HIS C   OXT  sing N N 123 
HIS CB  CG   sing N N 124 
HIS CB  HB2  sing N N 125 
HIS CB  HB3  sing N N 126 
HIS CG  ND1  sing Y N 127 
HIS CG  CD2  doub Y N 128 
HIS ND1 CE1  doub Y N 129 
HIS ND1 HD1  sing N N 130 
HIS CD2 NE2  sing Y N 131 
HIS CD2 HD2  sing N N 132 
HIS CE1 NE2  sing Y N 133 
HIS CE1 HE1  sing N N 134 
HIS NE2 HE2  sing N N 135 
HIS OXT HXT  sing N N 136 
HOH O   H1   sing N N 137 
HOH O   H2   sing N N 138 
ILE N   CA   sing N N 139 
ILE N   H    sing N N 140 
ILE N   H2   sing N N 141 
ILE CA  C    sing N N 142 
ILE CA  CB   sing N N 143 
ILE CA  HA   sing N N 144 
ILE C   O    doub N N 145 
ILE C   OXT  sing N N 146 
ILE CB  CG1  sing N N 147 
ILE CB  CG2  sing N N 148 
ILE CB  HB   sing N N 149 
ILE CG1 CD1  sing N N 150 
ILE CG1 HG12 sing N N 151 
ILE CG1 HG13 sing N N 152 
ILE CG2 HG21 sing N N 153 
ILE CG2 HG22 sing N N 154 
ILE CG2 HG23 sing N N 155 
ILE CD1 HD11 sing N N 156 
ILE CD1 HD12 sing N N 157 
ILE CD1 HD13 sing N N 158 
ILE OXT HXT  sing N N 159 
LEU N   CA   sing N N 160 
LEU N   H    sing N N 161 
LEU N   H2   sing N N 162 
LEU CA  C    sing N N 163 
LEU CA  CB   sing N N 164 
LEU CA  HA   sing N N 165 
LEU C   O    doub N N 166 
LEU C   OXT  sing N N 167 
LEU CB  CG   sing N N 168 
LEU CB  HB2  sing N N 169 
LEU CB  HB3  sing N N 170 
LEU CG  CD1  sing N N 171 
LEU CG  CD2  sing N N 172 
LEU CG  HG   sing N N 173 
LEU CD1 HD11 sing N N 174 
LEU CD1 HD12 sing N N 175 
LEU CD1 HD13 sing N N 176 
LEU CD2 HD21 sing N N 177 
LEU CD2 HD22 sing N N 178 
LEU CD2 HD23 sing N N 179 
LEU OXT HXT  sing N N 180 
LYS N   CA   sing N N 181 
LYS N   H    sing N N 182 
LYS N   H2   sing N N 183 
LYS CA  C    sing N N 184 
LYS CA  CB   sing N N 185 
LYS CA  HA   sing N N 186 
LYS C   O    doub N N 187 
LYS C   OXT  sing N N 188 
LYS CB  CG   sing N N 189 
LYS CB  HB2  sing N N 190 
LYS CB  HB3  sing N N 191 
LYS CG  CD   sing N N 192 
LYS CG  HG2  sing N N 193 
LYS CG  HG3  sing N N 194 
LYS CD  CE   sing N N 195 
LYS CD  HD2  sing N N 196 
LYS CD  HD3  sing N N 197 
LYS CE  NZ   sing N N 198 
LYS CE  HE2  sing N N 199 
LYS CE  HE3  sing N N 200 
LYS NZ  HZ1  sing N N 201 
LYS NZ  HZ2  sing N N 202 
LYS NZ  HZ3  sing N N 203 
LYS OXT HXT  sing N N 204 
MET N   CA   sing N N 205 
MET N   H    sing N N 206 
MET N   H2   sing N N 207 
MET CA  C    sing N N 208 
MET CA  CB   sing N N 209 
MET CA  HA   sing N N 210 
MET C   O    doub N N 211 
MET C   OXT  sing N N 212 
MET CB  CG   sing N N 213 
MET CB  HB2  sing N N 214 
MET CB  HB3  sing N N 215 
MET CG  SD   sing N N 216 
MET CG  HG2  sing N N 217 
MET CG  HG3  sing N N 218 
MET SD  CE   sing N N 219 
MET CE  HE1  sing N N 220 
MET CE  HE2  sing N N 221 
MET CE  HE3  sing N N 222 
MET OXT HXT  sing N N 223 
PHE N   CA   sing N N 224 
PHE N   H    sing N N 225 
PHE N   H2   sing N N 226 
PHE CA  C    sing N N 227 
PHE CA  CB   sing N N 228 
PHE CA  HA   sing N N 229 
PHE C   O    doub N N 230 
PHE C   OXT  sing N N 231 
PHE CB  CG   sing N N 232 
PHE CB  HB2  sing N N 233 
PHE CB  HB3  sing N N 234 
PHE CG  CD1  doub Y N 235 
PHE CG  CD2  sing Y N 236 
PHE CD1 CE1  sing Y N 237 
PHE CD1 HD1  sing N N 238 
PHE CD2 CE2  doub Y N 239 
PHE CD2 HD2  sing N N 240 
PHE CE1 CZ   doub Y N 241 
PHE CE1 HE1  sing N N 242 
PHE CE2 CZ   sing Y N 243 
PHE CE2 HE2  sing N N 244 
PHE CZ  HZ   sing N N 245 
PHE OXT HXT  sing N N 246 
PRO N   CA   sing N N 247 
PRO N   CD   sing N N 248 
PRO N   H    sing N N 249 
PRO CA  C    sing N N 250 
PRO CA  CB   sing N N 251 
PRO CA  HA   sing N N 252 
PRO C   O    doub N N 253 
PRO C   OXT  sing N N 254 
PRO CB  CG   sing N N 255 
PRO CB  HB2  sing N N 256 
PRO CB  HB3  sing N N 257 
PRO CG  CD   sing N N 258 
PRO CG  HG2  sing N N 259 
PRO CG  HG3  sing N N 260 
PRO CD  HD2  sing N N 261 
PRO CD  HD3  sing N N 262 
PRO OXT HXT  sing N N 263 
SER N   CA   sing N N 264 
SER N   H    sing N N 265 
SER N   H2   sing N N 266 
SER CA  C    sing N N 267 
SER CA  CB   sing N N 268 
SER CA  HA   sing N N 269 
SER C   O    doub N N 270 
SER C   OXT  sing N N 271 
SER CB  OG   sing N N 272 
SER CB  HB2  sing N N 273 
SER CB  HB3  sing N N 274 
SER OG  HG   sing N N 275 
SER OXT HXT  sing N N 276 
THR N   CA   sing N N 277 
THR N   H    sing N N 278 
THR N   H2   sing N N 279 
THR CA  C    sing N N 280 
THR CA  CB   sing N N 281 
THR CA  HA   sing N N 282 
THR C   O    doub N N 283 
THR C   OXT  sing N N 284 
THR CB  OG1  sing N N 285 
THR CB  CG2  sing N N 286 
THR CB  HB   sing N N 287 
THR OG1 HG1  sing N N 288 
THR CG2 HG21 sing N N 289 
THR CG2 HG22 sing N N 290 
THR CG2 HG23 sing N N 291 
THR OXT HXT  sing N N 292 
TRP N   CA   sing N N 293 
TRP N   H    sing N N 294 
TRP N   H2   sing N N 295 
TRP CA  C    sing N N 296 
TRP CA  CB   sing N N 297 
TRP CA  HA   sing N N 298 
TRP C   O    doub N N 299 
TRP C   OXT  sing N N 300 
TRP CB  CG   sing N N 301 
TRP CB  HB2  sing N N 302 
TRP CB  HB3  sing N N 303 
TRP CG  CD1  doub Y N 304 
TRP CG  CD2  sing Y N 305 
TRP CD1 NE1  sing Y N 306 
TRP CD1 HD1  sing N N 307 
TRP CD2 CE2  doub Y N 308 
TRP CD2 CE3  sing Y N 309 
TRP NE1 CE2  sing Y N 310 
TRP NE1 HE1  sing N N 311 
TRP CE2 CZ2  sing Y N 312 
TRP CE3 CZ3  doub Y N 313 
TRP CE3 HE3  sing N N 314 
TRP CZ2 CH2  doub Y N 315 
TRP CZ2 HZ2  sing N N 316 
TRP CZ3 CH2  sing Y N 317 
TRP CZ3 HZ3  sing N N 318 
TRP CH2 HH2  sing N N 319 
TRP OXT HXT  sing N N 320 
TYR N   CA   sing N N 321 
TYR N   H    sing N N 322 
TYR N   H2   sing N N 323 
TYR CA  C    sing N N 324 
TYR CA  CB   sing N N 325 
TYR CA  HA   sing N N 326 
TYR C   O    doub N N 327 
TYR C   OXT  sing N N 328 
TYR CB  CG   sing N N 329 
TYR CB  HB2  sing N N 330 
TYR CB  HB3  sing N N 331 
TYR CG  CD1  doub Y N 332 
TYR CG  CD2  sing Y N 333 
TYR CD1 CE1  sing Y N 334 
TYR CD1 HD1  sing N N 335 
TYR CD2 CE2  doub Y N 336 
TYR CD2 HD2  sing N N 337 
TYR CE1 CZ   doub Y N 338 
TYR CE1 HE1  sing N N 339 
TYR CE2 CZ   sing Y N 340 
TYR CE2 HE2  sing N N 341 
TYR CZ  OH   sing N N 342 
TYR OH  HH   sing N N 343 
TYR OXT HXT  sing N N 344 
VAL N   CA   sing N N 345 
VAL N   H    sing N N 346 
VAL N   H2   sing N N 347 
VAL CA  C    sing N N 348 
VAL CA  CB   sing N N 349 
VAL CA  HA   sing N N 350 
VAL C   O    doub N N 351 
VAL C   OXT  sing N N 352 
VAL CB  CG1  sing N N 353 
VAL CB  CG2  sing N N 354 
VAL CB  HB   sing N N 355 
VAL CG1 HG11 sing N N 356 
VAL CG1 HG12 sing N N 357 
VAL CG1 HG13 sing N N 358 
VAL CG2 HG21 sing N N 359 
VAL CG2 HG22 sing N N 360 
VAL CG2 HG23 sing N N 361 
VAL OXT HXT  sing N N 362 
# 
_pdbx_entity_nonpoly.entity_id   2 
_pdbx_entity_nonpoly.name        water 
_pdbx_entity_nonpoly.comp_id     HOH 
# 
_pdbx_initial_refinement_model.id               1 
_pdbx_initial_refinement_model.entity_id_list   ? 
_pdbx_initial_refinement_model.type             'experimental model' 
_pdbx_initial_refinement_model.source_name      PDB 
_pdbx_initial_refinement_model.accession_code   1CBY 
_pdbx_initial_refinement_model.details          'PDB entry 1CBY' 
# 
